data_1KXI
# 
_entry.id   1KXI 
# 
_audit_conform.dict_name       mmcif_pdbx.dic 
_audit_conform.dict_version    5.397 
_audit_conform.dict_location   http://mmcif.pdb.org/dictionaries/ascii/mmcif_pdbx.dic 
# 
loop_
_database_2.database_id 
_database_2.database_code 
_database_2.pdbx_database_accession 
_database_2.pdbx_DOI 
PDB   1KXI         pdb_00001kxi 10.2210/pdb1kxi/pdb 
WWPDB D_1000174521 ?            ?                   
# 
loop_
_pdbx_audit_revision_history.ordinal 
_pdbx_audit_revision_history.data_content_type 
_pdbx_audit_revision_history.major_revision 
_pdbx_audit_revision_history.minor_revision 
_pdbx_audit_revision_history.revision_date 
1 'Structure model' 1 0 1997-04-21 
2 'Structure model' 1 1 2008-03-24 
3 'Structure model' 1 2 2011-07-13 
4 'Structure model' 1 3 2024-10-30 
# 
_pdbx_audit_revision_details.ordinal             1 
_pdbx_audit_revision_details.revision_ordinal    1 
_pdbx_audit_revision_details.data_content_type   'Structure model' 
_pdbx_audit_revision_details.provider            repository 
_pdbx_audit_revision_details.type                'Initial release' 
_pdbx_audit_revision_details.description         ? 
_pdbx_audit_revision_details.details             ? 
# 
loop_
_pdbx_audit_revision_group.ordinal 
_pdbx_audit_revision_group.revision_ordinal 
_pdbx_audit_revision_group.data_content_type 
_pdbx_audit_revision_group.group 
1 2 'Structure model' 'Version format compliance' 
2 3 'Structure model' 'Version format compliance' 
3 4 'Structure model' 'Data collection'           
4 4 'Structure model' 'Database references'       
5 4 'Structure model' 'Structure summary'         
# 
loop_
_pdbx_audit_revision_category.ordinal 
_pdbx_audit_revision_category.revision_ordinal 
_pdbx_audit_revision_category.data_content_type 
_pdbx_audit_revision_category.category 
1 4 'Structure model' chem_comp_atom            
2 4 'Structure model' chem_comp_bond            
3 4 'Structure model' database_2                
4 4 'Structure model' pdbx_entry_details        
5 4 'Structure model' pdbx_modification_feature 
# 
loop_
_pdbx_audit_revision_item.ordinal 
_pdbx_audit_revision_item.revision_ordinal 
_pdbx_audit_revision_item.data_content_type 
_pdbx_audit_revision_item.item 
1 4 'Structure model' '_database_2.pdbx_DOI'                
2 4 'Structure model' '_database_2.pdbx_database_accession' 
# 
_pdbx_database_status.status_code                     REL 
_pdbx_database_status.entry_id                        1KXI 
_pdbx_database_status.recvd_initial_deposition_date   1996-08-29 
_pdbx_database_status.deposit_site                    ? 
_pdbx_database_status.process_site                    BNL 
_pdbx_database_status.status_code_sf                  REL 
_pdbx_database_status.status_code_mr                  ? 
_pdbx_database_status.SG_entry                        ? 
_pdbx_database_status.pdb_format_compatible           Y 
_pdbx_database_status.status_code_cs                  ? 
_pdbx_database_status.status_code_nmr_data            ? 
_pdbx_database_status.methods_development_category    ? 
# 
loop_
_audit_author.name 
_audit_author.pdbx_ordinal 
'Sun, Y.-J.'    1 
'Wu, W.-G.'     2 
'Chiang, C.-M.' 3 
'Hsin, A.-Y.'   4 
'Hsiao, C.-D.'  5 
# 
loop_
_citation.id 
_citation.title 
_citation.journal_abbrev 
_citation.journal_volume 
_citation.page_first 
_citation.page_last 
_citation.year 
_citation.journal_id_ASTM 
_citation.country 
_citation.journal_id_ISSN 
_citation.journal_id_CSD 
_citation.book_publisher 
_citation.pdbx_database_id_PubMed 
_citation.pdbx_database_id_DOI 
primary 
;Crystal structure of cardiotoxin V from Taiwan cobra venom: pH-dependent conformational change and a novel membrane-binding motif identified in the three-finger loops of P-type cardiotoxin.
;
Biochemistry 36  2403  2413 1997 BICHAW US 0006-2960 0033 ? 9054545 10.1021/bi962594h 
1       
;Two Distinct Types of Cardiotoxin as Revealed by the Structure and Activity Relationship of Their Interaction with Zwitterionic Phospholipid Dispersions
;
J.Biol.Chem. 269 14473 ?    1994 JBCHA3 US 0021-9258 0071 ? ?       ?                 
2       
;Fusion of Sphingomyelin Vesicles Induced by Proteins from Taiwan Cobra (Naja Naja Atra) Venom. Interactions of Zwitterionic Phospholipids with Cardiotoxin Analogues
;
J.Biol.Chem. 266 3252  ?    1991 JBCHA3 US 0021-9258 0071 ? ?       ?                 
# 
loop_
_citation_author.citation_id 
_citation_author.name 
_citation_author.ordinal 
_citation_author.identifier_ORCID 
primary 'Sun, Y.J.'    1  ? 
primary 'Wu, W.G.'     2  ? 
primary 'Chiang, C.M.' 3  ? 
primary 'Hsin, A.Y.'   4  ? 
primary 'Hsiao, C.D.'  5  ? 
1       'Chien, K.Y.'  6  ? 
1       'Chiang, C.M.' 7  ? 
1       'Hseu, Y.C.'   8  ? 
1       'Vyas, A.A.'   9  ? 
1       'Rule, G.S.'   10 ? 
1       'Wu, W.G.'     11 ? 
2       'Chien, K.Y.'  12 ? 
2       'Huang, W.N.'  13 ? 
2       'Jean, J.H.'   14 ? 
2       'Wu, W.G.'     15 ? 
# 
loop_
_entity.id 
_entity.type 
_entity.src_method 
_entity.pdbx_description 
_entity.formula_weight 
_entity.pdbx_number_of_molecules 
_entity.pdbx_ec 
_entity.pdbx_mutation 
_entity.pdbx_fragment 
_entity.details 
1 polymer man 'CARDIOTOXIN V' 7027.456 2  ? ? ? ? 
2 water   nat water           18.015   73 ? ? ? ? 
# 
_entity_name_com.entity_id   1 
_entity_name_com.name        'CTX A5' 
# 
_entity_poly.entity_id                      1 
_entity_poly.type                           'polypeptide(L)' 
_entity_poly.nstd_linkage                   no 
_entity_poly.nstd_monomer                   no 
_entity_poly.pdbx_seq_one_letter_code       LKCHNTQLPFIYKTCPEGKNLCFKATLKKFPLKFPVKRGCADNCPKNSALLKYVCCSTDKCN 
_entity_poly.pdbx_seq_one_letter_code_can   LKCHNTQLPFIYKTCPEGKNLCFKATLKKFPLKFPVKRGCADNCPKNSALLKYVCCSTDKCN 
_entity_poly.pdbx_strand_id                 A,B 
_entity_poly.pdbx_target_identifier         ? 
# 
_pdbx_entity_nonpoly.entity_id   2 
_pdbx_entity_nonpoly.name        water 
_pdbx_entity_nonpoly.comp_id     HOH 
# 
loop_
_entity_poly_seq.entity_id 
_entity_poly_seq.num 
_entity_poly_seq.mon_id 
_entity_poly_seq.hetero 
1 1  LEU n 
1 2  LYS n 
1 3  CYS n 
1 4  HIS n 
1 5  ASN n 
1 6  THR n 
1 7  GLN n 
1 8  LEU n 
1 9  PRO n 
1 10 PHE n 
1 11 ILE n 
1 12 TYR n 
1 13 LYS n 
1 14 THR n 
1 15 CYS n 
1 16 PRO n 
1 17 GLU n 
1 18 GLY n 
1 19 LYS n 
1 20 ASN n 
1 21 LEU n 
1 22 CYS n 
1 23 PHE n 
1 24 LYS n 
1 25 ALA n 
1 26 THR n 
1 27 LEU n 
1 28 LYS n 
1 29 LYS n 
1 30 PHE n 
1 31 PRO n 
1 32 LEU n 
1 33 LYS n 
1 34 PHE n 
1 35 PRO n 
1 36 VAL n 
1 37 LYS n 
1 38 ARG n 
1 39 GLY n 
1 40 CYS n 
1 41 ALA n 
1 42 ASP n 
1 43 ASN n 
1 44 CYS n 
1 45 PRO n 
1 46 LYS n 
1 47 ASN n 
1 48 SER n 
1 49 ALA n 
1 50 LEU n 
1 51 LEU n 
1 52 LYS n 
1 53 TYR n 
1 54 VAL n 
1 55 CYS n 
1 56 CYS n 
1 57 SER n 
1 58 THR n 
1 59 ASP n 
1 60 LYS n 
1 61 CYS n 
1 62 ASN n 
# 
_entity_src_gen.entity_id                          1 
_entity_src_gen.pdbx_src_id                        1 
_entity_src_gen.pdbx_alt_source_flag               sample 
_entity_src_gen.pdbx_seq_type                      ? 
_entity_src_gen.pdbx_beg_seq_num                   ? 
_entity_src_gen.pdbx_end_seq_num                   ? 
_entity_src_gen.gene_src_common_name               'Chinese cobra' 
_entity_src_gen.gene_src_genus                     Naja 
_entity_src_gen.pdbx_gene_src_gene                 ? 
_entity_src_gen.gene_src_species                   ? 
_entity_src_gen.gene_src_strain                    ? 
_entity_src_gen.gene_src_tissue                    ? 
_entity_src_gen.gene_src_tissue_fraction           ? 
_entity_src_gen.gene_src_details                   ? 
_entity_src_gen.pdbx_gene_src_fragment             ? 
_entity_src_gen.pdbx_gene_src_scientific_name      'Naja atra' 
_entity_src_gen.pdbx_gene_src_ncbi_taxonomy_id     8656 
_entity_src_gen.pdbx_gene_src_variant              ? 
_entity_src_gen.pdbx_gene_src_cell_line            ? 
_entity_src_gen.pdbx_gene_src_atcc                 ? 
_entity_src_gen.pdbx_gene_src_organ                'VENOM GLAND' 
_entity_src_gen.pdbx_gene_src_organelle            ? 
_entity_src_gen.pdbx_gene_src_cell                 ? 
_entity_src_gen.pdbx_gene_src_cellular_location    ? 
_entity_src_gen.host_org_common_name               ? 
_entity_src_gen.pdbx_host_org_scientific_name      'Escherichia coli' 
_entity_src_gen.pdbx_host_org_ncbi_taxonomy_id     562 
_entity_src_gen.host_org_genus                     Escherichia 
_entity_src_gen.pdbx_host_org_gene                 ? 
_entity_src_gen.pdbx_host_org_organ                ? 
_entity_src_gen.host_org_species                   ? 
_entity_src_gen.pdbx_host_org_tissue               ? 
_entity_src_gen.pdbx_host_org_tissue_fraction      ? 
_entity_src_gen.pdbx_host_org_strain               ? 
_entity_src_gen.pdbx_host_org_variant              ? 
_entity_src_gen.pdbx_host_org_cell_line            ? 
_entity_src_gen.pdbx_host_org_atcc                 ? 
_entity_src_gen.pdbx_host_org_culture_collection   ? 
_entity_src_gen.pdbx_host_org_cell                 ? 
_entity_src_gen.pdbx_host_org_organelle            ? 
_entity_src_gen.pdbx_host_org_cellular_location    ? 
_entity_src_gen.pdbx_host_org_vector_type          ? 
_entity_src_gen.pdbx_host_org_vector               ? 
_entity_src_gen.host_org_details                   ? 
_entity_src_gen.expression_system_id               ? 
_entity_src_gen.plasmid_name                       ? 
_entity_src_gen.plasmid_details                    ? 
_entity_src_gen.pdbx_description                   ? 
# 
loop_
_chem_comp.id 
_chem_comp.type 
_chem_comp.mon_nstd_flag 
_chem_comp.name 
_chem_comp.pdbx_synonyms 
_chem_comp.formula 
_chem_comp.formula_weight 
ALA 'L-peptide linking' y ALANINE         ? 'C3 H7 N O2'     89.093  
ARG 'L-peptide linking' y ARGININE        ? 'C6 H15 N4 O2 1' 175.209 
ASN 'L-peptide linking' y ASPARAGINE      ? 'C4 H8 N2 O3'    132.118 
ASP 'L-peptide linking' y 'ASPARTIC ACID' ? 'C4 H7 N O4'     133.103 
CYS 'L-peptide linking' y CYSTEINE        ? 'C3 H7 N O2 S'   121.158 
GLN 'L-peptide linking' y GLUTAMINE       ? 'C5 H10 N2 O3'   146.144 
GLU 'L-peptide linking' y 'GLUTAMIC ACID' ? 'C5 H9 N O4'     147.129 
GLY 'peptide linking'   y GLYCINE         ? 'C2 H5 N O2'     75.067  
HIS 'L-peptide linking' y HISTIDINE       ? 'C6 H10 N3 O2 1' 156.162 
HOH non-polymer         . WATER           ? 'H2 O'           18.015  
ILE 'L-peptide linking' y ISOLEUCINE      ? 'C6 H13 N O2'    131.173 
LEU 'L-peptide linking' y LEUCINE         ? 'C6 H13 N O2'    131.173 
LYS 'L-peptide linking' y LYSINE          ? 'C6 H15 N2 O2 1' 147.195 
PHE 'L-peptide linking' y PHENYLALANINE   ? 'C9 H11 N O2'    165.189 
PRO 'L-peptide linking' y PROLINE         ? 'C5 H9 N O2'     115.130 
SER 'L-peptide linking' y SERINE          ? 'C3 H7 N O3'     105.093 
THR 'L-peptide linking' y THREONINE       ? 'C4 H9 N O3'     119.119 
TYR 'L-peptide linking' y TYROSINE        ? 'C9 H11 N O3'    181.189 
VAL 'L-peptide linking' y VALINE          ? 'C5 H11 N O2'    117.146 
# 
loop_
_pdbx_poly_seq_scheme.asym_id 
_pdbx_poly_seq_scheme.entity_id 
_pdbx_poly_seq_scheme.seq_id 
_pdbx_poly_seq_scheme.mon_id 
_pdbx_poly_seq_scheme.ndb_seq_num 
_pdbx_poly_seq_scheme.pdb_seq_num 
_pdbx_poly_seq_scheme.auth_seq_num 
_pdbx_poly_seq_scheme.pdb_mon_id 
_pdbx_poly_seq_scheme.auth_mon_id 
_pdbx_poly_seq_scheme.pdb_strand_id 
_pdbx_poly_seq_scheme.pdb_ins_code 
_pdbx_poly_seq_scheme.hetero 
A 1 1  LEU 1  1  1  LEU LEU A . n 
A 1 2  LYS 2  2  2  LYS LYS A . n 
A 1 3  CYS 3  3  3  CYS CYS A . n 
A 1 4  HIS 4  4  4  HIS HIS A . n 
A 1 5  ASN 5  5  5  ASN ASN A . n 
A 1 6  THR 6  6  6  THR THR A . n 
A 1 7  GLN 7  7  7  GLN GLN A . n 
A 1 8  LEU 8  8  8  LEU LEU A . n 
A 1 9  PRO 9  9  9  PRO PRO A . n 
A 1 10 PHE 10 10 10 PHE PHE A . n 
A 1 11 ILE 11 11 11 ILE ILE A . n 
A 1 12 TYR 12 12 12 TYR TYR A . n 
A 1 13 LYS 13 13 13 LYS LYS A . n 
A 1 14 THR 14 14 14 THR THR A . n 
A 1 15 CYS 15 15 15 CYS CYS A . n 
A 1 16 PRO 16 16 16 PRO PRO A . n 
A 1 17 GLU 17 17 17 GLU GLU A . n 
A 1 18 GLY 18 18 18 GLY GLY A . n 
A 1 19 LYS 19 19 19 LYS LYS A . n 
A 1 20 ASN 20 20 20 ASN ASN A . n 
A 1 21 LEU 21 21 21 LEU LEU A . n 
A 1 22 CYS 22 22 22 CYS CYS A . n 
A 1 23 PHE 23 23 23 PHE PHE A . n 
A 1 24 LYS 24 24 24 LYS LYS A . n 
A 1 25 ALA 25 25 25 ALA ALA A . n 
A 1 26 THR 26 26 26 THR THR A . n 
A 1 27 LEU 27 27 27 LEU LEU A . n 
A 1 28 LYS 28 28 28 LYS LYS A . n 
A 1 29 LYS 29 29 29 LYS LYS A . n 
A 1 30 PHE 30 30 30 PHE PHE A . n 
A 1 31 PRO 31 31 31 PRO PRO A . n 
A 1 32 LEU 32 32 32 LEU LEU A . n 
A 1 33 LYS 33 33 33 LYS LYS A . n 
A 1 34 PHE 34 34 34 PHE PHE A . n 
A 1 35 PRO 35 35 35 PRO PRO A . n 
A 1 36 VAL 36 36 36 VAL VAL A . n 
A 1 37 LYS 37 37 37 LYS LYS A . n 
A 1 38 ARG 38 38 38 ARG ARG A . n 
A 1 39 GLY 39 39 39 GLY GLY A . n 
A 1 40 CYS 40 40 40 CYS CYS A . n 
A 1 41 ALA 41 41 41 ALA ALA A . n 
A 1 42 ASP 42 42 42 ASP ASP A . n 
A 1 43 ASN 43 43 43 ASN ASN A . n 
A 1 44 CYS 44 44 44 CYS CYS A . n 
A 1 45 PRO 45 45 45 PRO PRO A . n 
A 1 46 LYS 46 46 46 LYS LYS A . n 
A 1 47 ASN 47 47 47 ASN ASN A . n 
A 1 48 SER 48 48 48 SER SER A . n 
A 1 49 ALA 49 49 49 ALA ALA A . n 
A 1 50 LEU 50 50 50 LEU LEU A . n 
A 1 51 LEU 51 51 51 LEU LEU A . n 
A 1 52 LYS 52 52 52 LYS LYS A . n 
A 1 53 TYR 53 53 53 TYR TYR A . n 
A 1 54 VAL 54 54 54 VAL VAL A . n 
A 1 55 CYS 55 55 55 CYS CYS A . n 
A 1 56 CYS 56 56 56 CYS CYS A . n 
A 1 57 SER 57 57 57 SER SER A . n 
A 1 58 THR 58 58 58 THR THR A . n 
A 1 59 ASP 59 59 59 ASP ASP A . n 
A 1 60 LYS 60 60 60 LYS LYS A . n 
A 1 61 CYS 61 61 61 CYS CYS A . n 
A 1 62 ASN 62 62 62 ASN ASN A . n 
B 1 1  LEU 1  1  1  LEU LEU B . n 
B 1 2  LYS 2  2  2  LYS LYS B . n 
B 1 3  CYS 3  3  3  CYS CYS B . n 
B 1 4  HIS 4  4  4  HIS HIS B . n 
B 1 5  ASN 5  5  5  ASN ASN B . n 
B 1 6  THR 6  6  6  THR THR B . n 
B 1 7  GLN 7  7  7  GLN GLN B . n 
B 1 8  LEU 8  8  8  LEU LEU B . n 
B 1 9  PRO 9  9  9  PRO PRO B . n 
B 1 10 PHE 10 10 10 PHE PHE B . n 
B 1 11 ILE 11 11 11 ILE ILE B . n 
B 1 12 TYR 12 12 12 TYR TYR B . n 
B 1 13 LYS 13 13 13 LYS LYS B . n 
B 1 14 THR 14 14 14 THR THR B . n 
B 1 15 CYS 15 15 15 CYS CYS B . n 
B 1 16 PRO 16 16 16 PRO PRO B . n 
B 1 17 GLU 17 17 17 GLU GLU B . n 
B 1 18 GLY 18 18 18 GLY GLY B . n 
B 1 19 LYS 19 19 19 LYS LYS B . n 
B 1 20 ASN 20 20 20 ASN ASN B . n 
B 1 21 LEU 21 21 21 LEU LEU B . n 
B 1 22 CYS 22 22 22 CYS CYS B . n 
B 1 23 PHE 23 23 23 PHE PHE B . n 
B 1 24 LYS 24 24 24 LYS LYS B . n 
B 1 25 ALA 25 25 25 ALA ALA B . n 
B 1 26 THR 26 26 26 THR THR B . n 
B 1 27 LEU 27 27 27 LEU LEU B . n 
B 1 28 LYS 28 28 28 LYS LYS B . n 
B 1 29 LYS 29 29 29 LYS LYS B . n 
B 1 30 PHE 30 30 30 PHE PHE B . n 
B 1 31 PRO 31 31 31 PRO PRO B . n 
B 1 32 LEU 32 32 32 LEU LEU B . n 
B 1 33 LYS 33 33 33 LYS LYS B . n 
B 1 34 PHE 34 34 34 PHE PHE B . n 
B 1 35 PRO 35 35 35 PRO PRO B . n 
B 1 36 VAL 36 36 36 VAL VAL B . n 
B 1 37 LYS 37 37 37 LYS LYS B . n 
B 1 38 ARG 38 38 38 ARG ARG B . n 
B 1 39 GLY 39 39 39 GLY GLY B . n 
B 1 40 CYS 40 40 40 CYS CYS B . n 
B 1 41 ALA 41 41 41 ALA ALA B . n 
B 1 42 ASP 42 42 42 ASP ASP B . n 
B 1 43 ASN 43 43 43 ASN ASN B . n 
B 1 44 CYS 44 44 44 CYS CYS B . n 
B 1 45 PRO 45 45 45 PRO PRO B . n 
B 1 46 LYS 46 46 46 LYS LYS B . n 
B 1 47 ASN 47 47 47 ASN ASN B . n 
B 1 48 SER 48 48 48 SER SER B . n 
B 1 49 ALA 49 49 49 ALA ALA B . n 
B 1 50 LEU 50 50 50 LEU LEU B . n 
B 1 51 LEU 51 51 51 LEU LEU B . n 
B 1 52 LYS 52 52 52 LYS LYS B . n 
B 1 53 TYR 53 53 53 TYR TYR B . n 
B 1 54 VAL 54 54 54 VAL VAL B . n 
B 1 55 CYS 55 55 55 CYS CYS B . n 
B 1 56 CYS 56 56 56 CYS CYS B . n 
B 1 57 SER 57 57 57 SER SER B . n 
B 1 58 THR 58 58 58 THR THR B . n 
B 1 59 ASP 59 59 59 ASP ASP B . n 
B 1 60 LYS 60 60 60 LYS LYS B . n 
B 1 61 CYS 61 61 61 CYS CYS B . n 
B 1 62 ASN 62 62 62 ASN ASN B . n 
# 
loop_
_pdbx_nonpoly_scheme.asym_id 
_pdbx_nonpoly_scheme.entity_id 
_pdbx_nonpoly_scheme.mon_id 
_pdbx_nonpoly_scheme.ndb_seq_num 
_pdbx_nonpoly_scheme.pdb_seq_num 
_pdbx_nonpoly_scheme.auth_seq_num 
_pdbx_nonpoly_scheme.pdb_mon_id 
_pdbx_nonpoly_scheme.auth_mon_id 
_pdbx_nonpoly_scheme.pdb_strand_id 
_pdbx_nonpoly_scheme.pdb_ins_code 
C 2 HOH 1  63  63  HOH HOH A . 
C 2 HOH 2  64  64  HOH HOH A . 
C 2 HOH 3  66  66  HOH HOH A . 
C 2 HOH 4  68  68  HOH HOH A . 
C 2 HOH 5  69  69  HOH HOH A . 
C 2 HOH 6  70  70  HOH HOH A . 
C 2 HOH 7  71  71  HOH HOH A . 
C 2 HOH 8  73  73  HOH HOH A . 
C 2 HOH 9  74  74  HOH HOH A . 
C 2 HOH 10 75  75  HOH HOH A . 
C 2 HOH 11 76  76  HOH HOH A . 
C 2 HOH 12 77  77  HOH HOH A . 
C 2 HOH 13 78  78  HOH HOH A . 
C 2 HOH 14 79  79  HOH HOH A . 
C 2 HOH 15 81  81  HOH HOH A . 
C 2 HOH 16 82  82  HOH HOH A . 
C 2 HOH 17 85  85  HOH HOH A . 
C 2 HOH 18 91  91  HOH HOH A . 
C 2 HOH 19 92  92  HOH HOH A . 
C 2 HOH 20 94  94  HOH HOH A . 
C 2 HOH 21 95  95  HOH HOH A . 
C 2 HOH 22 96  96  HOH HOH A . 
C 2 HOH 23 98  98  HOH HOH A . 
C 2 HOH 24 99  99  HOH HOH A . 
C 2 HOH 25 100 100 HOH HOH A . 
C 2 HOH 26 103 103 HOH HOH A . 
C 2 HOH 27 104 104 HOH HOH A . 
C 2 HOH 28 106 106 HOH HOH A . 
C 2 HOH 29 108 108 HOH HOH A . 
C 2 HOH 30 109 109 HOH HOH A . 
C 2 HOH 31 110 110 HOH HOH A . 
C 2 HOH 32 111 111 HOH HOH A . 
C 2 HOH 33 113 113 HOH HOH A . 
C 2 HOH 34 121 121 HOH HOH A . 
C 2 HOH 35 122 122 HOH HOH A . 
C 2 HOH 36 124 124 HOH HOH A . 
C 2 HOH 37 125 125 HOH HOH A . 
C 2 HOH 38 127 127 HOH HOH A . 
C 2 HOH 39 130 130 HOH HOH A . 
C 2 HOH 40 131 131 HOH HOH A . 
C 2 HOH 41 132 132 HOH HOH A . 
C 2 HOH 42 133 133 HOH HOH A . 
C 2 HOH 43 134 134 HOH HOH A . 
D 2 HOH 1  65  65  HOH HOH B . 
D 2 HOH 2  67  67  HOH HOH B . 
D 2 HOH 3  72  72  HOH HOH B . 
D 2 HOH 4  80  80  HOH HOH B . 
D 2 HOH 5  83  83  HOH HOH B . 
D 2 HOH 6  84  84  HOH HOH B . 
D 2 HOH 7  86  86  HOH HOH B . 
D 2 HOH 8  87  87  HOH HOH B . 
D 2 HOH 9  88  88  HOH HOH B . 
D 2 HOH 10 89  89  HOH HOH B . 
D 2 HOH 11 90  90  HOH HOH B . 
D 2 HOH 12 93  93  HOH HOH B . 
D 2 HOH 13 97  97  HOH HOH B . 
D 2 HOH 14 101 101 HOH HOH B . 
D 2 HOH 15 102 102 HOH HOH B . 
D 2 HOH 16 105 105 HOH HOH B . 
D 2 HOH 17 107 107 HOH HOH B . 
D 2 HOH 18 112 112 HOH HOH B . 
D 2 HOH 19 114 114 HOH HOH B . 
D 2 HOH 20 115 115 HOH HOH B . 
D 2 HOH 21 116 116 HOH HOH B . 
D 2 HOH 22 117 117 HOH HOH B . 
D 2 HOH 23 118 118 HOH HOH B . 
D 2 HOH 24 119 119 HOH HOH B . 
D 2 HOH 25 120 120 HOH HOH B . 
D 2 HOH 26 123 123 HOH HOH B . 
D 2 HOH 27 126 126 HOH HOH B . 
D 2 HOH 28 128 128 HOH HOH B . 
D 2 HOH 29 129 129 HOH HOH B . 
D 2 HOH 30 135 135 HOH HOH B . 
# 
loop_
_software.name 
_software.classification 
_software.version 
_software.citation_id 
_software.pdbx_ordinal 
DENZO  'data reduction' .   ? 1 
X-PLOR 'model building' 3.1 ? 2 
X-PLOR refinement       3.1 ? 3 
X-PLOR phasing          3.1 ? 4 
# 
_cell.entry_id           1KXI 
_cell.length_a           43.300 
_cell.length_b           43.300 
_cell.length_c           147.800 
_cell.angle_alpha        90.00 
_cell.angle_beta         90.00 
_cell.angle_gamma        90.00 
_cell.Z_PDB              16 
_cell.pdbx_unique_axis   ? 
# 
_symmetry.entry_id                         1KXI 
_symmetry.space_group_name_H-M             'P 41 21 2' 
_symmetry.pdbx_full_space_group_name_H-M   ? 
_symmetry.cell_setting                     ? 
_symmetry.Int_Tables_number                92 
# 
_exptl.entry_id          1KXI 
_exptl.method            'X-RAY DIFFRACTION' 
_exptl.crystals_number   ? 
# 
_exptl_crystal.id                    1 
_exptl_crystal.density_meas          ? 
_exptl_crystal.density_Matthews      2.46 
_exptl_crystal.density_percent_sol   50. 
_exptl_crystal.description           ? 
# 
_diffrn.id                     1 
_diffrn.ambient_temp           ? 
_diffrn.ambient_temp_details   ? 
_diffrn.crystal_id             1 
# 
_diffrn_detector.diffrn_id              1 
_diffrn_detector.detector               'IMAGE PLATE' 
_diffrn_detector.type                   'RIGAKU RAXIS II' 
_diffrn_detector.pdbx_collection_date   1995-09-25 
_diffrn_detector.details                ? 
# 
_diffrn_radiation.diffrn_id                        1 
_diffrn_radiation.wavelength_id                    1 
_diffrn_radiation.pdbx_monochromatic_or_laue_m_l   M 
_diffrn_radiation.monochromator                    ? 
_diffrn_radiation.pdbx_diffrn_protocol             ? 
_diffrn_radiation.pdbx_scattering_type             x-ray 
# 
_diffrn_radiation_wavelength.id           1 
_diffrn_radiation_wavelength.wavelength   1.5418 
_diffrn_radiation_wavelength.wt           1.0 
# 
_diffrn_source.diffrn_id                   1 
_diffrn_source.source                      ? 
_diffrn_source.type                        ? 
_diffrn_source.pdbx_synchrotron_site       ? 
_diffrn_source.pdbx_synchrotron_beamline   ? 
_diffrn_source.pdbx_wavelength             1.5418 
_diffrn_source.pdbx_wavelength_list        ? 
# 
_reflns.entry_id                     1KXI 
_reflns.observed_criterion_sigma_I   0. 
_reflns.observed_criterion_sigma_F   ? 
_reflns.d_resolution_low             ? 
_reflns.d_resolution_high            ? 
_reflns.number_obs                   7280 
_reflns.number_all                   ? 
_reflns.percent_possible_obs         91.7 
_reflns.pdbx_Rmerge_I_obs            0.08 
_reflns.pdbx_Rsym_value              ? 
_reflns.pdbx_netI_over_sigmaI        ? 
_reflns.B_iso_Wilson_estimate        ? 
_reflns.pdbx_redundancy              4. 
_reflns.pdbx_diffrn_id               1 
_reflns.pdbx_ordinal                 1 
# 
_refine.entry_id                                 1KXI 
_refine.ls_number_reflns_obs                     7013 
_refine.ls_number_reflns_all                     ? 
_refine.pdbx_ls_sigma_I                          ? 
_refine.pdbx_ls_sigma_F                          2. 
_refine.pdbx_data_cutoff_high_absF               ? 
_refine.pdbx_data_cutoff_low_absF                ? 
_refine.pdbx_data_cutoff_high_rms_absF           ? 
_refine.ls_d_res_low                             8. 
_refine.ls_d_res_high                            2.19 
_refine.ls_percent_reflns_obs                    ? 
_refine.ls_R_factor_obs                          0.207 
_refine.ls_R_factor_all                          ? 
_refine.ls_R_factor_R_work                       0.207 
_refine.ls_R_factor_R_free                       0.305 
_refine.ls_R_factor_R_free_error                 ? 
_refine.ls_R_factor_R_free_error_details         ? 
_refine.ls_percent_reflns_R_free                 ? 
_refine.ls_number_reflns_R_free                  ? 
_refine.ls_number_parameters                     ? 
_refine.ls_number_restraints                     ? 
_refine.occupancy_min                            ? 
_refine.occupancy_max                            ? 
_refine.B_iso_mean                               24.7 
_refine.aniso_B[1][1]                            ? 
_refine.aniso_B[2][2]                            ? 
_refine.aniso_B[3][3]                            ? 
_refine.aniso_B[1][2]                            ? 
_refine.aniso_B[1][3]                            ? 
_refine.aniso_B[2][3]                            ? 
_refine.solvent_model_details                    ? 
_refine.solvent_model_param_ksol                 ? 
_refine.solvent_model_param_bsol                 ? 
_refine.pdbx_ls_cross_valid_method               ? 
_refine.details                                  ? 
_refine.pdbx_starting_model                      ? 
_refine.pdbx_method_to_determine_struct          ? 
_refine.pdbx_isotropic_thermal_model             ? 
_refine.pdbx_stereochemistry_target_values       ? 
_refine.pdbx_stereochem_target_val_spec_case     ? 
_refine.pdbx_R_Free_selection_details            ? 
_refine.pdbx_overall_ESU_R                       ? 
_refine.pdbx_overall_ESU_R_Free                  ? 
_refine.overall_SU_ML                            ? 
_refine.overall_SU_B                             ? 
_refine.pdbx_refine_id                           'X-RAY DIFFRACTION' 
_refine.pdbx_diffrn_id                           1 
_refine.pdbx_TLS_residual_ADP_flag               ? 
_refine.correlation_coeff_Fo_to_Fc               ? 
_refine.correlation_coeff_Fo_to_Fc_free          ? 
_refine.pdbx_solvent_vdw_probe_radii             ? 
_refine.pdbx_solvent_ion_probe_radii             ? 
_refine.pdbx_solvent_shrinkage_radii             ? 
_refine.pdbx_overall_phase_error                 ? 
_refine.overall_SU_R_Cruickshank_DPI             ? 
_refine.pdbx_overall_SU_R_free_Cruickshank_DPI   ? 
_refine.pdbx_overall_SU_R_Blow_DPI               ? 
_refine.pdbx_overall_SU_R_free_Blow_DPI          ? 
# 
_refine_analyze.entry_id                        1KXI 
_refine_analyze.Luzzati_coordinate_error_obs    0.30 
_refine_analyze.Luzzati_sigma_a_obs             ? 
_refine_analyze.Luzzati_d_res_low_obs           ? 
_refine_analyze.Luzzati_coordinate_error_free   ? 
_refine_analyze.Luzzati_sigma_a_free            ? 
_refine_analyze.Luzzati_d_res_low_free          ? 
_refine_analyze.number_disordered_residues      ? 
_refine_analyze.occupancy_sum_hydrogen          ? 
_refine_analyze.occupancy_sum_non_hydrogen      ? 
_refine_analyze.pdbx_refine_id                  'X-RAY DIFFRACTION' 
# 
_refine_hist.pdbx_refine_id                   'X-RAY DIFFRACTION' 
_refine_hist.cycle_id                         LAST 
_refine_hist.pdbx_number_atoms_protein        974 
_refine_hist.pdbx_number_atoms_nucleic_acid   0 
_refine_hist.pdbx_number_atoms_ligand         0 
_refine_hist.number_atoms_solvent             73 
_refine_hist.number_atoms_total               1047 
_refine_hist.d_res_high                       2.19 
_refine_hist.d_res_low                        8. 
# 
loop_
_refine_ls_restr.type 
_refine_ls_restr.dev_ideal 
_refine_ls_restr.dev_ideal_target 
_refine_ls_restr.weight 
_refine_ls_restr.number 
_refine_ls_restr.pdbx_refine_id 
_refine_ls_restr.pdbx_restraint_function 
x_bond_d                0.010 ? ? ? 'X-RAY DIFFRACTION' ? 
x_bond_d_na             ?     ? ? ? 'X-RAY DIFFRACTION' ? 
x_bond_d_prot           ?     ? ? ? 'X-RAY DIFFRACTION' ? 
x_angle_d               ?     ? ? ? 'X-RAY DIFFRACTION' ? 
x_angle_d_na            ?     ? ? ? 'X-RAY DIFFRACTION' ? 
x_angle_d_prot          ?     ? ? ? 'X-RAY DIFFRACTION' ? 
x_angle_deg             1.6   ? ? ? 'X-RAY DIFFRACTION' ? 
x_angle_deg_na          ?     ? ? ? 'X-RAY DIFFRACTION' ? 
x_angle_deg_prot        ?     ? ? ? 'X-RAY DIFFRACTION' ? 
x_dihedral_angle_d      ?     ? ? ? 'X-RAY DIFFRACTION' ? 
x_dihedral_angle_d_na   ?     ? ? ? 'X-RAY DIFFRACTION' ? 
x_dihedral_angle_d_prot ?     ? ? ? 'X-RAY DIFFRACTION' ? 
x_improper_angle_d      ?     ? ? ? 'X-RAY DIFFRACTION' ? 
x_improper_angle_d_na   ?     ? ? ? 'X-RAY DIFFRACTION' ? 
x_improper_angle_d_prot ?     ? ? ? 'X-RAY DIFFRACTION' ? 
x_mcbond_it             ?     ? ? ? 'X-RAY DIFFRACTION' ? 
x_mcangle_it            ?     ? ? ? 'X-RAY DIFFRACTION' ? 
x_scbond_it             ?     ? ? ? 'X-RAY DIFFRACTION' ? 
x_scangle_it            ?     ? ? ? 'X-RAY DIFFRACTION' ? 
# 
_struct.entry_id                  1KXI 
_struct.title                     'STRUCTURE OF CYTOTOXIN HOMOLOG PRECURSOR' 
_struct.pdbx_model_details        ? 
_struct.pdbx_CASP_flag            ? 
_struct.pdbx_model_type_details   ? 
# 
_struct_keywords.entry_id        1KXI 
_struct_keywords.pdbx_keywords   CYTOTOXIN 
_struct_keywords.text            'VENOM, CYTOTOXIN, CARDIOTOXIN, MULTIGENE FAMILY' 
# 
loop_
_struct_asym.id 
_struct_asym.pdbx_blank_PDB_chainid_flag 
_struct_asym.pdbx_modified 
_struct_asym.entity_id 
_struct_asym.details 
A N N 1 ? 
B N N 1 ? 
C N N 2 ? 
D N N 2 ? 
# 
_struct_ref.id                         1 
_struct_ref.db_name                    UNP 
_struct_ref.db_code                    CXH_NAJAT 
_struct_ref.entity_id                  1 
_struct_ref.pdbx_db_accession          P62375 
_struct_ref.pdbx_align_begin           1 
_struct_ref.pdbx_seq_one_letter_code   
;MKTLLLTMVVVTIVCLDLGYTLKCHNTQLPFIYKTCPEGKNLCFKATLKKFPLKFPVKRGCADNCPKNSALLKYVCCSTD
KCN
;
_struct_ref.pdbx_db_isoform            ? 
# 
loop_
_struct_ref_seq.align_id 
_struct_ref_seq.ref_id 
_struct_ref_seq.pdbx_PDB_id_code 
_struct_ref_seq.pdbx_strand_id 
_struct_ref_seq.seq_align_beg 
_struct_ref_seq.pdbx_seq_align_beg_ins_code 
_struct_ref_seq.seq_align_end 
_struct_ref_seq.pdbx_seq_align_end_ins_code 
_struct_ref_seq.pdbx_db_accession 
_struct_ref_seq.db_align_beg 
_struct_ref_seq.pdbx_db_align_beg_ins_code 
_struct_ref_seq.db_align_end 
_struct_ref_seq.pdbx_db_align_end_ins_code 
_struct_ref_seq.pdbx_auth_seq_align_beg 
_struct_ref_seq.pdbx_auth_seq_align_end 
1 1 1KXI A 1 ? 62 ? P62375 22 ? 83 ? 1 62 
2 1 1KXI B 1 ? 62 ? P62375 22 ? 83 ? 1 62 
# 
_pdbx_struct_assembly.id                   1 
_pdbx_struct_assembly.details              author_defined_assembly 
_pdbx_struct_assembly.method_details       ? 
_pdbx_struct_assembly.oligomeric_details   dimeric 
_pdbx_struct_assembly.oligomeric_count     2 
# 
_pdbx_struct_assembly_gen.assembly_id       1 
_pdbx_struct_assembly_gen.oper_expression   1 
_pdbx_struct_assembly_gen.asym_id_list      A,B,C,D 
# 
_pdbx_struct_oper_list.id                   1 
_pdbx_struct_oper_list.type                 'identity operation' 
_pdbx_struct_oper_list.name                 1_555 
_pdbx_struct_oper_list.symmetry_operation   x,y,z 
_pdbx_struct_oper_list.matrix[1][1]         1.0000000000 
_pdbx_struct_oper_list.matrix[1][2]         0.0000000000 
_pdbx_struct_oper_list.matrix[1][3]         0.0000000000 
_pdbx_struct_oper_list.vector[1]            0.0000000000 
_pdbx_struct_oper_list.matrix[2][1]         0.0000000000 
_pdbx_struct_oper_list.matrix[2][2]         1.0000000000 
_pdbx_struct_oper_list.matrix[2][3]         0.0000000000 
_pdbx_struct_oper_list.vector[2]            0.0000000000 
_pdbx_struct_oper_list.matrix[3][1]         0.0000000000 
_pdbx_struct_oper_list.matrix[3][2]         0.0000000000 
_pdbx_struct_oper_list.matrix[3][3]         1.0000000000 
_pdbx_struct_oper_list.vector[3]            0.0000000000 
# 
_struct_biol.id   1 
# 
loop_
_struct_conn.id 
_struct_conn.conn_type_id 
_struct_conn.pdbx_leaving_atom_flag 
_struct_conn.pdbx_PDB_id 
_struct_conn.ptnr1_label_asym_id 
_struct_conn.ptnr1_label_comp_id 
_struct_conn.ptnr1_label_seq_id 
_struct_conn.ptnr1_label_atom_id 
_struct_conn.pdbx_ptnr1_label_alt_id 
_struct_conn.pdbx_ptnr1_PDB_ins_code 
_struct_conn.pdbx_ptnr1_standard_comp_id 
_struct_conn.ptnr1_symmetry 
_struct_conn.ptnr2_label_asym_id 
_struct_conn.ptnr2_label_comp_id 
_struct_conn.ptnr2_label_seq_id 
_struct_conn.ptnr2_label_atom_id 
_struct_conn.pdbx_ptnr2_label_alt_id 
_struct_conn.pdbx_ptnr2_PDB_ins_code 
_struct_conn.ptnr1_auth_asym_id 
_struct_conn.ptnr1_auth_comp_id 
_struct_conn.ptnr1_auth_seq_id 
_struct_conn.ptnr2_auth_asym_id 
_struct_conn.ptnr2_auth_comp_id 
_struct_conn.ptnr2_auth_seq_id 
_struct_conn.ptnr2_symmetry 
_struct_conn.pdbx_ptnr3_label_atom_id 
_struct_conn.pdbx_ptnr3_label_seq_id 
_struct_conn.pdbx_ptnr3_label_comp_id 
_struct_conn.pdbx_ptnr3_label_asym_id 
_struct_conn.pdbx_ptnr3_label_alt_id 
_struct_conn.pdbx_ptnr3_PDB_ins_code 
_struct_conn.details 
_struct_conn.pdbx_dist_value 
_struct_conn.pdbx_value_order 
_struct_conn.pdbx_role 
disulf1 disulf ? ? A CYS 3  SG ? ? ? 1_555 A CYS 22 SG ? ? A CYS 3  A CYS 22 1_555 ? ? ? ? ? ? ? 2.017 ? ? 
disulf2 disulf ? ? A CYS 15 SG ? ? ? 1_555 A CYS 40 SG ? ? A CYS 15 A CYS 40 1_555 ? ? ? ? ? ? ? 2.024 ? ? 
disulf3 disulf ? ? A CYS 44 SG ? ? ? 1_555 A CYS 55 SG ? ? A CYS 44 A CYS 55 1_555 ? ? ? ? ? ? ? 2.020 ? ? 
disulf4 disulf ? ? A CYS 56 SG ? ? ? 1_555 A CYS 61 SG ? ? A CYS 56 A CYS 61 1_555 ? ? ? ? ? ? ? 2.025 ? ? 
disulf5 disulf ? ? B CYS 3  SG ? ? ? 1_555 B CYS 22 SG ? ? B CYS 3  B CYS 22 1_555 ? ? ? ? ? ? ? 2.023 ? ? 
disulf6 disulf ? ? B CYS 15 SG ? ? ? 1_555 B CYS 40 SG ? ? B CYS 15 B CYS 40 1_555 ? ? ? ? ? ? ? 2.017 ? ? 
disulf7 disulf ? ? B CYS 44 SG ? ? ? 1_555 B CYS 55 SG ? ? B CYS 44 B CYS 55 1_555 ? ? ? ? ? ? ? 2.021 ? ? 
disulf8 disulf ? ? B CYS 56 SG ? ? ? 1_555 B CYS 61 SG ? ? B CYS 56 B CYS 61 1_555 ? ? ? ? ? ? ? 2.038 ? ? 
# 
_struct_conn_type.id          disulf 
_struct_conn_type.criteria    ? 
_struct_conn_type.reference   ? 
# 
loop_
_pdbx_modification_feature.ordinal 
_pdbx_modification_feature.label_comp_id 
_pdbx_modification_feature.label_asym_id 
_pdbx_modification_feature.label_seq_id 
_pdbx_modification_feature.label_alt_id 
_pdbx_modification_feature.modified_residue_label_comp_id 
_pdbx_modification_feature.modified_residue_label_asym_id 
_pdbx_modification_feature.modified_residue_label_seq_id 
_pdbx_modification_feature.modified_residue_label_alt_id 
_pdbx_modification_feature.auth_comp_id 
_pdbx_modification_feature.auth_asym_id 
_pdbx_modification_feature.auth_seq_id 
_pdbx_modification_feature.PDB_ins_code 
_pdbx_modification_feature.symmetry 
_pdbx_modification_feature.modified_residue_auth_comp_id 
_pdbx_modification_feature.modified_residue_auth_asym_id 
_pdbx_modification_feature.modified_residue_auth_seq_id 
_pdbx_modification_feature.modified_residue_PDB_ins_code 
_pdbx_modification_feature.modified_residue_symmetry 
_pdbx_modification_feature.comp_id_linking_atom 
_pdbx_modification_feature.modified_residue_id_linking_atom 
_pdbx_modification_feature.modified_residue_id 
_pdbx_modification_feature.ref_pcm_id 
_pdbx_modification_feature.ref_comp_id 
_pdbx_modification_feature.type 
_pdbx_modification_feature.category 
1 CYS A 3  ? CYS A 22 ? CYS A 3  ? 1_555 CYS A 22 ? 1_555 SG SG . . . None 'Disulfide bridge' 
2 CYS A 15 ? CYS A 40 ? CYS A 15 ? 1_555 CYS A 40 ? 1_555 SG SG . . . None 'Disulfide bridge' 
3 CYS A 44 ? CYS A 55 ? CYS A 44 ? 1_555 CYS A 55 ? 1_555 SG SG . . . None 'Disulfide bridge' 
4 CYS A 56 ? CYS A 61 ? CYS A 56 ? 1_555 CYS A 61 ? 1_555 SG SG . . . None 'Disulfide bridge' 
5 CYS B 3  ? CYS B 22 ? CYS B 3  ? 1_555 CYS B 22 ? 1_555 SG SG . . . None 'Disulfide bridge' 
6 CYS B 15 ? CYS B 40 ? CYS B 15 ? 1_555 CYS B 40 ? 1_555 SG SG . . . None 'Disulfide bridge' 
7 CYS B 44 ? CYS B 55 ? CYS B 44 ? 1_555 CYS B 55 ? 1_555 SG SG . . . None 'Disulfide bridge' 
8 CYS B 56 ? CYS B 61 ? CYS B 56 ? 1_555 CYS B 61 ? 1_555 SG SG . . . None 'Disulfide bridge' 
# 
loop_
_struct_sheet.id 
_struct_sheet.type 
_struct_sheet.number_strands 
_struct_sheet.details 
A ? 2 ? 
B ? 2 ? 
C ? 2 ? 
D ? 3 ? 
# 
loop_
_struct_sheet_order.sheet_id 
_struct_sheet_order.range_id_1 
_struct_sheet_order.range_id_2 
_struct_sheet_order.offset 
_struct_sheet_order.sense 
A 1 2 ? anti-parallel 
B 1 2 ? anti-parallel 
C 1 2 ? anti-parallel 
D 1 2 ? anti-parallel 
D 2 3 ? anti-parallel 
# 
loop_
_struct_sheet_range.sheet_id 
_struct_sheet_range.id 
_struct_sheet_range.beg_label_comp_id 
_struct_sheet_range.beg_label_asym_id 
_struct_sheet_range.beg_label_seq_id 
_struct_sheet_range.pdbx_beg_PDB_ins_code 
_struct_sheet_range.end_label_comp_id 
_struct_sheet_range.end_label_asym_id 
_struct_sheet_range.end_label_seq_id 
_struct_sheet_range.pdbx_end_PDB_ins_code 
_struct_sheet_range.beg_auth_comp_id 
_struct_sheet_range.beg_auth_asym_id 
_struct_sheet_range.beg_auth_seq_id 
_struct_sheet_range.end_auth_comp_id 
_struct_sheet_range.end_auth_asym_id 
_struct_sheet_range.end_auth_seq_id 
A 1 LYS A 2  ? HIS A 4  ? LYS A 2  HIS A 4  
A 2 TYR A 12 ? THR A 14 ? TYR A 12 THR A 14 
B 1 LEU A 21 ? ALA A 25 ? LEU A 21 ALA A 25 
B 2 LYS A 37 ? ALA A 41 ? LYS A 37 ALA A 41 
C 1 LYS B 2  ? HIS B 4  ? LYS B 2  HIS B 4  
C 2 TYR B 12 ? THR B 14 ? TYR B 12 THR B 14 
D 1 LYS B 37 ? ALA B 41 ? LYS B 37 ALA B 41 
D 2 LEU B 21 ? LEU B 27 ? LEU B 21 LEU B 27 
D 3 LEU B 51 ? CYS B 56 ? LEU B 51 CYS B 56 
# 
loop_
_pdbx_struct_sheet_hbond.sheet_id 
_pdbx_struct_sheet_hbond.range_id_1 
_pdbx_struct_sheet_hbond.range_id_2 
_pdbx_struct_sheet_hbond.range_1_label_atom_id 
_pdbx_struct_sheet_hbond.range_1_label_comp_id 
_pdbx_struct_sheet_hbond.range_1_label_asym_id 
_pdbx_struct_sheet_hbond.range_1_label_seq_id 
_pdbx_struct_sheet_hbond.range_1_PDB_ins_code 
_pdbx_struct_sheet_hbond.range_1_auth_atom_id 
_pdbx_struct_sheet_hbond.range_1_auth_comp_id 
_pdbx_struct_sheet_hbond.range_1_auth_asym_id 
_pdbx_struct_sheet_hbond.range_1_auth_seq_id 
_pdbx_struct_sheet_hbond.range_2_label_atom_id 
_pdbx_struct_sheet_hbond.range_2_label_comp_id 
_pdbx_struct_sheet_hbond.range_2_label_asym_id 
_pdbx_struct_sheet_hbond.range_2_label_seq_id 
_pdbx_struct_sheet_hbond.range_2_PDB_ins_code 
_pdbx_struct_sheet_hbond.range_2_auth_atom_id 
_pdbx_struct_sheet_hbond.range_2_auth_comp_id 
_pdbx_struct_sheet_hbond.range_2_auth_asym_id 
_pdbx_struct_sheet_hbond.range_2_auth_seq_id 
A 1 2 O CYS A 3  ? O CYS A 3  N LYS A 13 ? N LYS A 13 
B 1 2 O LEU A 21 ? O LEU A 21 N ALA A 41 ? N ALA A 41 
C 1 2 O CYS B 3  ? O CYS B 3  N LYS B 13 ? N LYS B 13 
D 1 2 O LYS B 37 ? O LYS B 37 N ALA B 25 ? N ALA B 25 
D 2 3 O CYS B 22 ? O CYS B 22 N CYS B 56 ? N CYS B 56 
# 
_pdbx_entry_details.entry_id                   1KXI 
_pdbx_entry_details.compound_details           ? 
_pdbx_entry_details.source_details             ? 
_pdbx_entry_details.nonpolymer_details         ? 
_pdbx_entry_details.sequence_details           ? 
_pdbx_entry_details.has_ligand_of_interest     ? 
_pdbx_entry_details.has_protein_modification   Y 
# 
loop_
_pdbx_validate_rmsd_angle.id 
_pdbx_validate_rmsd_angle.PDB_model_num 
_pdbx_validate_rmsd_angle.auth_atom_id_1 
_pdbx_validate_rmsd_angle.auth_asym_id_1 
_pdbx_validate_rmsd_angle.auth_comp_id_1 
_pdbx_validate_rmsd_angle.auth_seq_id_1 
_pdbx_validate_rmsd_angle.PDB_ins_code_1 
_pdbx_validate_rmsd_angle.label_alt_id_1 
_pdbx_validate_rmsd_angle.auth_atom_id_2 
_pdbx_validate_rmsd_angle.auth_asym_id_2 
_pdbx_validate_rmsd_angle.auth_comp_id_2 
_pdbx_validate_rmsd_angle.auth_seq_id_2 
_pdbx_validate_rmsd_angle.PDB_ins_code_2 
_pdbx_validate_rmsd_angle.label_alt_id_2 
_pdbx_validate_rmsd_angle.auth_atom_id_3 
_pdbx_validate_rmsd_angle.auth_asym_id_3 
_pdbx_validate_rmsd_angle.auth_comp_id_3 
_pdbx_validate_rmsd_angle.auth_seq_id_3 
_pdbx_validate_rmsd_angle.PDB_ins_code_3 
_pdbx_validate_rmsd_angle.label_alt_id_3 
_pdbx_validate_rmsd_angle.angle_value 
_pdbx_validate_rmsd_angle.angle_target_value 
_pdbx_validate_rmsd_angle.angle_deviation 
_pdbx_validate_rmsd_angle.angle_standard_deviation 
_pdbx_validate_rmsd_angle.linker_flag 
1 1 CG A LYS 24 ? ? CD A LYS 24 ? ? CE A LYS 24 ? ? 137.17 111.90 25.27 3.00 N 
2 1 CD B LYS 46 ? ? CE B LYS 46 ? ? NZ B LYS 46 ? ? 132.11 111.70 20.41 2.30 N 
# 
loop_
_pdbx_validate_torsion.id 
_pdbx_validate_torsion.PDB_model_num 
_pdbx_validate_torsion.auth_comp_id 
_pdbx_validate_torsion.auth_asym_id 
_pdbx_validate_torsion.auth_seq_id 
_pdbx_validate_torsion.PDB_ins_code 
_pdbx_validate_torsion.label_alt_id 
_pdbx_validate_torsion.phi 
_pdbx_validate_torsion.psi 
1 1 LYS A 29 ? ? -79.68  -71.58  
2 1 PHE A 34 ? ? -170.11 146.07  
3 1 THR B 6  ? ? -125.06 -166.26 
4 1 PRO B 16 ? ? -48.44  163.25  
5 1 LYS B 28 ? ? -47.46  -77.92  
6 1 PHE B 30 ? ? -163.08 116.08  
7 1 SER B 48 ? ? -117.48 -161.62 
# 
loop_
_chem_comp_atom.comp_id 
_chem_comp_atom.atom_id 
_chem_comp_atom.type_symbol 
_chem_comp_atom.pdbx_aromatic_flag 
_chem_comp_atom.pdbx_stereo_config 
_chem_comp_atom.pdbx_ordinal 
ALA N    N N N 1   
ALA CA   C N S 2   
ALA C    C N N 3   
ALA O    O N N 4   
ALA CB   C N N 5   
ALA OXT  O N N 6   
ALA H    H N N 7   
ALA H2   H N N 8   
ALA HA   H N N 9   
ALA HB1  H N N 10  
ALA HB2  H N N 11  
ALA HB3  H N N 12  
ALA HXT  H N N 13  
ARG N    N N N 14  
ARG CA   C N S 15  
ARG C    C N N 16  
ARG O    O N N 17  
ARG CB   C N N 18  
ARG CG   C N N 19  
ARG CD   C N N 20  
ARG NE   N N N 21  
ARG CZ   C N N 22  
ARG NH1  N N N 23  
ARG NH2  N N N 24  
ARG OXT  O N N 25  
ARG H    H N N 26  
ARG H2   H N N 27  
ARG HA   H N N 28  
ARG HB2  H N N 29  
ARG HB3  H N N 30  
ARG HG2  H N N 31  
ARG HG3  H N N 32  
ARG HD2  H N N 33  
ARG HD3  H N N 34  
ARG HE   H N N 35  
ARG HH11 H N N 36  
ARG HH12 H N N 37  
ARG HH21 H N N 38  
ARG HH22 H N N 39  
ARG HXT  H N N 40  
ASN N    N N N 41  
ASN CA   C N S 42  
ASN C    C N N 43  
ASN O    O N N 44  
ASN CB   C N N 45  
ASN CG   C N N 46  
ASN OD1  O N N 47  
ASN ND2  N N N 48  
ASN OXT  O N N 49  
ASN H    H N N 50  
ASN H2   H N N 51  
ASN HA   H N N 52  
ASN HB2  H N N 53  
ASN HB3  H N N 54  
ASN HD21 H N N 55  
ASN HD22 H N N 56  
ASN HXT  H N N 57  
ASP N    N N N 58  
ASP CA   C N S 59  
ASP C    C N N 60  
ASP O    O N N 61  
ASP CB   C N N 62  
ASP CG   C N N 63  
ASP OD1  O N N 64  
ASP OD2  O N N 65  
ASP OXT  O N N 66  
ASP H    H N N 67  
ASP H2   H N N 68  
ASP HA   H N N 69  
ASP HB2  H N N 70  
ASP HB3  H N N 71  
ASP HD2  H N N 72  
ASP HXT  H N N 73  
CYS N    N N N 74  
CYS CA   C N R 75  
CYS C    C N N 76  
CYS O    O N N 77  
CYS CB   C N N 78  
CYS SG   S N N 79  
CYS OXT  O N N 80  
CYS H    H N N 81  
CYS H2   H N N 82  
CYS HA   H N N 83  
CYS HB2  H N N 84  
CYS HB3  H N N 85  
CYS HG   H N N 86  
CYS HXT  H N N 87  
GLN N    N N N 88  
GLN CA   C N S 89  
GLN C    C N N 90  
GLN O    O N N 91  
GLN CB   C N N 92  
GLN CG   C N N 93  
GLN CD   C N N 94  
GLN OE1  O N N 95  
GLN NE2  N N N 96  
GLN OXT  O N N 97  
GLN H    H N N 98  
GLN H2   H N N 99  
GLN HA   H N N 100 
GLN HB2  H N N 101 
GLN HB3  H N N 102 
GLN HG2  H N N 103 
GLN HG3  H N N 104 
GLN HE21 H N N 105 
GLN HE22 H N N 106 
GLN HXT  H N N 107 
GLU N    N N N 108 
GLU CA   C N S 109 
GLU C    C N N 110 
GLU O    O N N 111 
GLU CB   C N N 112 
GLU CG   C N N 113 
GLU CD   C N N 114 
GLU OE1  O N N 115 
GLU OE2  O N N 116 
GLU OXT  O N N 117 
GLU H    H N N 118 
GLU H2   H N N 119 
GLU HA   H N N 120 
GLU HB2  H N N 121 
GLU HB3  H N N 122 
GLU HG2  H N N 123 
GLU HG3  H N N 124 
GLU HE2  H N N 125 
GLU HXT  H N N 126 
GLY N    N N N 127 
GLY CA   C N N 128 
GLY C    C N N 129 
GLY O    O N N 130 
GLY OXT  O N N 131 
GLY H    H N N 132 
GLY H2   H N N 133 
GLY HA2  H N N 134 
GLY HA3  H N N 135 
GLY HXT  H N N 136 
HIS N    N N N 137 
HIS CA   C N S 138 
HIS C    C N N 139 
HIS O    O N N 140 
HIS CB   C N N 141 
HIS CG   C Y N 142 
HIS ND1  N Y N 143 
HIS CD2  C Y N 144 
HIS CE1  C Y N 145 
HIS NE2  N Y N 146 
HIS OXT  O N N 147 
HIS H    H N N 148 
HIS H2   H N N 149 
HIS HA   H N N 150 
HIS HB2  H N N 151 
HIS HB3  H N N 152 
HIS HD1  H N N 153 
HIS HD2  H N N 154 
HIS HE1  H N N 155 
HIS HE2  H N N 156 
HIS HXT  H N N 157 
HOH O    O N N 158 
HOH H1   H N N 159 
HOH H2   H N N 160 
ILE N    N N N 161 
ILE CA   C N S 162 
ILE C    C N N 163 
ILE O    O N N 164 
ILE CB   C N S 165 
ILE CG1  C N N 166 
ILE CG2  C N N 167 
ILE CD1  C N N 168 
ILE OXT  O N N 169 
ILE H    H N N 170 
ILE H2   H N N 171 
ILE HA   H N N 172 
ILE HB   H N N 173 
ILE HG12 H N N 174 
ILE HG13 H N N 175 
ILE HG21 H N N 176 
ILE HG22 H N N 177 
ILE HG23 H N N 178 
ILE HD11 H N N 179 
ILE HD12 H N N 180 
ILE HD13 H N N 181 
ILE HXT  H N N 182 
LEU N    N N N 183 
LEU CA   C N S 184 
LEU C    C N N 185 
LEU O    O N N 186 
LEU CB   C N N 187 
LEU CG   C N N 188 
LEU CD1  C N N 189 
LEU CD2  C N N 190 
LEU OXT  O N N 191 
LEU H    H N N 192 
LEU H2   H N N 193 
LEU HA   H N N 194 
LEU HB2  H N N 195 
LEU HB3  H N N 196 
LEU HG   H N N 197 
LEU HD11 H N N 198 
LEU HD12 H N N 199 
LEU HD13 H N N 200 
LEU HD21 H N N 201 
LEU HD22 H N N 202 
LEU HD23 H N N 203 
LEU HXT  H N N 204 
LYS N    N N N 205 
LYS CA   C N S 206 
LYS C    C N N 207 
LYS O    O N N 208 
LYS CB   C N N 209 
LYS CG   C N N 210 
LYS CD   C N N 211 
LYS CE   C N N 212 
LYS NZ   N N N 213 
LYS OXT  O N N 214 
LYS H    H N N 215 
LYS H2   H N N 216 
LYS HA   H N N 217 
LYS HB2  H N N 218 
LYS HB3  H N N 219 
LYS HG2  H N N 220 
LYS HG3  H N N 221 
LYS HD2  H N N 222 
LYS HD3  H N N 223 
LYS HE2  H N N 224 
LYS HE3  H N N 225 
LYS HZ1  H N N 226 
LYS HZ2  H N N 227 
LYS HZ3  H N N 228 
LYS HXT  H N N 229 
PHE N    N N N 230 
PHE CA   C N S 231 
PHE C    C N N 232 
PHE O    O N N 233 
PHE CB   C N N 234 
PHE CG   C Y N 235 
PHE CD1  C Y N 236 
PHE CD2  C Y N 237 
PHE CE1  C Y N 238 
PHE CE2  C Y N 239 
PHE CZ   C Y N 240 
PHE OXT  O N N 241 
PHE H    H N N 242 
PHE H2   H N N 243 
PHE HA   H N N 244 
PHE HB2  H N N 245 
PHE HB3  H N N 246 
PHE HD1  H N N 247 
PHE HD2  H N N 248 
PHE HE1  H N N 249 
PHE HE2  H N N 250 
PHE HZ   H N N 251 
PHE HXT  H N N 252 
PRO N    N N N 253 
PRO CA   C N S 254 
PRO C    C N N 255 
PRO O    O N N 256 
PRO CB   C N N 257 
PRO CG   C N N 258 
PRO CD   C N N 259 
PRO OXT  O N N 260 
PRO H    H N N 261 
PRO HA   H N N 262 
PRO HB2  H N N 263 
PRO HB3  H N N 264 
PRO HG2  H N N 265 
PRO HG3  H N N 266 
PRO HD2  H N N 267 
PRO HD3  H N N 268 
PRO HXT  H N N 269 
SER N    N N N 270 
SER CA   C N S 271 
SER C    C N N 272 
SER O    O N N 273 
SER CB   C N N 274 
SER OG   O N N 275 
SER OXT  O N N 276 
SER H    H N N 277 
SER H2   H N N 278 
SER HA   H N N 279 
SER HB2  H N N 280 
SER HB3  H N N 281 
SER HG   H N N 282 
SER HXT  H N N 283 
THR N    N N N 284 
THR CA   C N S 285 
THR C    C N N 286 
THR O    O N N 287 
THR CB   C N R 288 
THR OG1  O N N 289 
THR CG2  C N N 290 
THR OXT  O N N 291 
THR H    H N N 292 
THR H2   H N N 293 
THR HA   H N N 294 
THR HB   H N N 295 
THR HG1  H N N 296 
THR HG21 H N N 297 
THR HG22 H N N 298 
THR HG23 H N N 299 
THR HXT  H N N 300 
TYR N    N N N 301 
TYR CA   C N S 302 
TYR C    C N N 303 
TYR O    O N N 304 
TYR CB   C N N 305 
TYR CG   C Y N 306 
TYR CD1  C Y N 307 
TYR CD2  C Y N 308 
TYR CE1  C Y N 309 
TYR CE2  C Y N 310 
TYR CZ   C Y N 311 
TYR OH   O N N 312 
TYR OXT  O N N 313 
TYR H    H N N 314 
TYR H2   H N N 315 
TYR HA   H N N 316 
TYR HB2  H N N 317 
TYR HB3  H N N 318 
TYR HD1  H N N 319 
TYR HD2  H N N 320 
TYR HE1  H N N 321 
TYR HE2  H N N 322 
TYR HH   H N N 323 
TYR HXT  H N N 324 
VAL N    N N N 325 
VAL CA   C N S 326 
VAL C    C N N 327 
VAL O    O N N 328 
VAL CB   C N N 329 
VAL CG1  C N N 330 
VAL CG2  C N N 331 
VAL OXT  O N N 332 
VAL H    H N N 333 
VAL H2   H N N 334 
VAL HA   H N N 335 
VAL HB   H N N 336 
VAL HG11 H N N 337 
VAL HG12 H N N 338 
VAL HG13 H N N 339 
VAL HG21 H N N 340 
VAL HG22 H N N 341 
VAL HG23 H N N 342 
VAL HXT  H N N 343 
# 
loop_
_chem_comp_bond.comp_id 
_chem_comp_bond.atom_id_1 
_chem_comp_bond.atom_id_2 
_chem_comp_bond.value_order 
_chem_comp_bond.pdbx_aromatic_flag 
_chem_comp_bond.pdbx_stereo_config 
_chem_comp_bond.pdbx_ordinal 
ALA N   CA   sing N N 1   
ALA N   H    sing N N 2   
ALA N   H2   sing N N 3   
ALA CA  C    sing N N 4   
ALA CA  CB   sing N N 5   
ALA CA  HA   sing N N 6   
ALA C   O    doub N N 7   
ALA C   OXT  sing N N 8   
ALA CB  HB1  sing N N 9   
ALA CB  HB2  sing N N 10  
ALA CB  HB3  sing N N 11  
ALA OXT HXT  sing N N 12  
ARG N   CA   sing N N 13  
ARG N   H    sing N N 14  
ARG N   H2   sing N N 15  
ARG CA  C    sing N N 16  
ARG CA  CB   sing N N 17  
ARG CA  HA   sing N N 18  
ARG C   O    doub N N 19  
ARG C   OXT  sing N N 20  
ARG CB  CG   sing N N 21  
ARG CB  HB2  sing N N 22  
ARG CB  HB3  sing N N 23  
ARG CG  CD   sing N N 24  
ARG CG  HG2  sing N N 25  
ARG CG  HG3  sing N N 26  
ARG CD  NE   sing N N 27  
ARG CD  HD2  sing N N 28  
ARG CD  HD3  sing N N 29  
ARG NE  CZ   sing N N 30  
ARG NE  HE   sing N N 31  
ARG CZ  NH1  sing N N 32  
ARG CZ  NH2  doub N N 33  
ARG NH1 HH11 sing N N 34  
ARG NH1 HH12 sing N N 35  
ARG NH2 HH21 sing N N 36  
ARG NH2 HH22 sing N N 37  
ARG OXT HXT  sing N N 38  
ASN N   CA   sing N N 39  
ASN N   H    sing N N 40  
ASN N   H2   sing N N 41  
ASN CA  C    sing N N 42  
ASN CA  CB   sing N N 43  
ASN CA  HA   sing N N 44  
ASN C   O    doub N N 45  
ASN C   OXT  sing N N 46  
ASN CB  CG   sing N N 47  
ASN CB  HB2  sing N N 48  
ASN CB  HB3  sing N N 49  
ASN CG  OD1  doub N N 50  
ASN CG  ND2  sing N N 51  
ASN ND2 HD21 sing N N 52  
ASN ND2 HD22 sing N N 53  
ASN OXT HXT  sing N N 54  
ASP N   CA   sing N N 55  
ASP N   H    sing N N 56  
ASP N   H2   sing N N 57  
ASP CA  C    sing N N 58  
ASP CA  CB   sing N N 59  
ASP CA  HA   sing N N 60  
ASP C   O    doub N N 61  
ASP C   OXT  sing N N 62  
ASP CB  CG   sing N N 63  
ASP CB  HB2  sing N N 64  
ASP CB  HB3  sing N N 65  
ASP CG  OD1  doub N N 66  
ASP CG  OD2  sing N N 67  
ASP OD2 HD2  sing N N 68  
ASP OXT HXT  sing N N 69  
CYS N   CA   sing N N 70  
CYS N   H    sing N N 71  
CYS N   H2   sing N N 72  
CYS CA  C    sing N N 73  
CYS CA  CB   sing N N 74  
CYS CA  HA   sing N N 75  
CYS C   O    doub N N 76  
CYS C   OXT  sing N N 77  
CYS CB  SG   sing N N 78  
CYS CB  HB2  sing N N 79  
CYS CB  HB3  sing N N 80  
CYS SG  HG   sing N N 81  
CYS OXT HXT  sing N N 82  
GLN N   CA   sing N N 83  
GLN N   H    sing N N 84  
GLN N   H2   sing N N 85  
GLN CA  C    sing N N 86  
GLN CA  CB   sing N N 87  
GLN CA  HA   sing N N 88  
GLN C   O    doub N N 89  
GLN C   OXT  sing N N 90  
GLN CB  CG   sing N N 91  
GLN CB  HB2  sing N N 92  
GLN CB  HB3  sing N N 93  
GLN CG  CD   sing N N 94  
GLN CG  HG2  sing N N 95  
GLN CG  HG3  sing N N 96  
GLN CD  OE1  doub N N 97  
GLN CD  NE2  sing N N 98  
GLN NE2 HE21 sing N N 99  
GLN NE2 HE22 sing N N 100 
GLN OXT HXT  sing N N 101 
GLU N   CA   sing N N 102 
GLU N   H    sing N N 103 
GLU N   H2   sing N N 104 
GLU CA  C    sing N N 105 
GLU CA  CB   sing N N 106 
GLU CA  HA   sing N N 107 
GLU C   O    doub N N 108 
GLU C   OXT  sing N N 109 
GLU CB  CG   sing N N 110 
GLU CB  HB2  sing N N 111 
GLU CB  HB3  sing N N 112 
GLU CG  CD   sing N N 113 
GLU CG  HG2  sing N N 114 
GLU CG  HG3  sing N N 115 
GLU CD  OE1  doub N N 116 
GLU CD  OE2  sing N N 117 
GLU OE2 HE2  sing N N 118 
GLU OXT HXT  sing N N 119 
GLY N   CA   sing N N 120 
GLY N   H    sing N N 121 
GLY N   H2   sing N N 122 
GLY CA  C    sing N N 123 
GLY CA  HA2  sing N N 124 
GLY CA  HA3  sing N N 125 
GLY C   O    doub N N 126 
GLY C   OXT  sing N N 127 
GLY OXT HXT  sing N N 128 
HIS N   CA   sing N N 129 
HIS N   H    sing N N 130 
HIS N   H2   sing N N 131 
HIS CA  C    sing N N 132 
HIS CA  CB   sing N N 133 
HIS CA  HA   sing N N 134 
HIS C   O    doub N N 135 
HIS C   OXT  sing N N 136 
HIS CB  CG   sing N N 137 
HIS CB  HB2  sing N N 138 
HIS CB  HB3  sing N N 139 
HIS CG  ND1  sing Y N 140 
HIS CG  CD2  doub Y N 141 
HIS ND1 CE1  doub Y N 142 
HIS ND1 HD1  sing N N 143 
HIS CD2 NE2  sing Y N 144 
HIS CD2 HD2  sing N N 145 
HIS CE1 NE2  sing Y N 146 
HIS CE1 HE1  sing N N 147 
HIS NE2 HE2  sing N N 148 
HIS OXT HXT  sing N N 149 
HOH O   H1   sing N N 150 
HOH O   H2   sing N N 151 
ILE N   CA   sing N N 152 
ILE N   H    sing N N 153 
ILE N   H2   sing N N 154 
ILE CA  C    sing N N 155 
ILE CA  CB   sing N N 156 
ILE CA  HA   sing N N 157 
ILE C   O    doub N N 158 
ILE C   OXT  sing N N 159 
ILE CB  CG1  sing N N 160 
ILE CB  CG2  sing N N 161 
ILE CB  HB   sing N N 162 
ILE CG1 CD1  sing N N 163 
ILE CG1 HG12 sing N N 164 
ILE CG1 HG13 sing N N 165 
ILE CG2 HG21 sing N N 166 
ILE CG2 HG22 sing N N 167 
ILE CG2 HG23 sing N N 168 
ILE CD1 HD11 sing N N 169 
ILE CD1 HD12 sing N N 170 
ILE CD1 HD13 sing N N 171 
ILE OXT HXT  sing N N 172 
LEU N   CA   sing N N 173 
LEU N   H    sing N N 174 
LEU N   H2   sing N N 175 
LEU CA  C    sing N N 176 
LEU CA  CB   sing N N 177 
LEU CA  HA   sing N N 178 
LEU C   O    doub N N 179 
LEU C   OXT  sing N N 180 
LEU CB  CG   sing N N 181 
LEU CB  HB2  sing N N 182 
LEU CB  HB3  sing N N 183 
LEU CG  CD1  sing N N 184 
LEU CG  CD2  sing N N 185 
LEU CG  HG   sing N N 186 
LEU CD1 HD11 sing N N 187 
LEU CD1 HD12 sing N N 188 
LEU CD1 HD13 sing N N 189 
LEU CD2 HD21 sing N N 190 
LEU CD2 HD22 sing N N 191 
LEU CD2 HD23 sing N N 192 
LEU OXT HXT  sing N N 193 
LYS N   CA   sing N N 194 
LYS N   H    sing N N 195 
LYS N   H2   sing N N 196 
LYS CA  C    sing N N 197 
LYS CA  CB   sing N N 198 
LYS CA  HA   sing N N 199 
LYS C   O    doub N N 200 
LYS C   OXT  sing N N 201 
LYS CB  CG   sing N N 202 
LYS CB  HB2  sing N N 203 
LYS CB  HB3  sing N N 204 
LYS CG  CD   sing N N 205 
LYS CG  HG2  sing N N 206 
LYS CG  HG3  sing N N 207 
LYS CD  CE   sing N N 208 
LYS CD  HD2  sing N N 209 
LYS CD  HD3  sing N N 210 
LYS CE  NZ   sing N N 211 
LYS CE  HE2  sing N N 212 
LYS CE  HE3  sing N N 213 
LYS NZ  HZ1  sing N N 214 
LYS NZ  HZ2  sing N N 215 
LYS NZ  HZ3  sing N N 216 
LYS OXT HXT  sing N N 217 
PHE N   CA   sing N N 218 
PHE N   H    sing N N 219 
PHE N   H2   sing N N 220 
PHE CA  C    sing N N 221 
PHE CA  CB   sing N N 222 
PHE CA  HA   sing N N 223 
PHE C   O    doub N N 224 
PHE C   OXT  sing N N 225 
PHE CB  CG   sing N N 226 
PHE CB  HB2  sing N N 227 
PHE CB  HB3  sing N N 228 
PHE CG  CD1  doub Y N 229 
PHE CG  CD2  sing Y N 230 
PHE CD1 CE1  sing Y N 231 
PHE CD1 HD1  sing N N 232 
PHE CD2 CE2  doub Y N 233 
PHE CD2 HD2  sing N N 234 
PHE CE1 CZ   doub Y N 235 
PHE CE1 HE1  sing N N 236 
PHE CE2 CZ   sing Y N 237 
PHE CE2 HE2  sing N N 238 
PHE CZ  HZ   sing N N 239 
PHE OXT HXT  sing N N 240 
PRO N   CA   sing N N 241 
PRO N   CD   sing N N 242 
PRO N   H    sing N N 243 
PRO CA  C    sing N N 244 
PRO CA  CB   sing N N 245 
PRO CA  HA   sing N N 246 
PRO C   O    doub N N 247 
PRO C   OXT  sing N N 248 
PRO CB  CG   sing N N 249 
PRO CB  HB2  sing N N 250 
PRO CB  HB3  sing N N 251 
PRO CG  CD   sing N N 252 
PRO CG  HG2  sing N N 253 
PRO CG  HG3  sing N N 254 
PRO CD  HD2  sing N N 255 
PRO CD  HD3  sing N N 256 
PRO OXT HXT  sing N N 257 
SER N   CA   sing N N 258 
SER N   H    sing N N 259 
SER N   H2   sing N N 260 
SER CA  C    sing N N 261 
SER CA  CB   sing N N 262 
SER CA  HA   sing N N 263 
SER C   O    doub N N 264 
SER C   OXT  sing N N 265 
SER CB  OG   sing N N 266 
SER CB  HB2  sing N N 267 
SER CB  HB3  sing N N 268 
SER OG  HG   sing N N 269 
SER OXT HXT  sing N N 270 
THR N   CA   sing N N 271 
THR N   H    sing N N 272 
THR N   H2   sing N N 273 
THR CA  C    sing N N 274 
THR CA  CB   sing N N 275 
THR CA  HA   sing N N 276 
THR C   O    doub N N 277 
THR C   OXT  sing N N 278 
THR CB  OG1  sing N N 279 
THR CB  CG2  sing N N 280 
THR CB  HB   sing N N 281 
THR OG1 HG1  sing N N 282 
THR CG2 HG21 sing N N 283 
THR CG2 HG22 sing N N 284 
THR CG2 HG23 sing N N 285 
THR OXT HXT  sing N N 286 
TYR N   CA   sing N N 287 
TYR N   H    sing N N 288 
TYR N   H2   sing N N 289 
TYR CA  C    sing N N 290 
TYR CA  CB   sing N N 291 
TYR CA  HA   sing N N 292 
TYR C   O    doub N N 293 
TYR C   OXT  sing N N 294 
TYR CB  CG   sing N N 295 
TYR CB  HB2  sing N N 296 
TYR CB  HB3  sing N N 297 
TYR CG  CD1  doub Y N 298 
TYR CG  CD2  sing Y N 299 
TYR CD1 CE1  sing Y N 300 
TYR CD1 HD1  sing N N 301 
TYR CD2 CE2  doub Y N 302 
TYR CD2 HD2  sing N N 303 
TYR CE1 CZ   doub Y N 304 
TYR CE1 HE1  sing N N 305 
TYR CE2 CZ   sing Y N 306 
TYR CE2 HE2  sing N N 307 
TYR CZ  OH   sing N N 308 
TYR OH  HH   sing N N 309 
TYR OXT HXT  sing N N 310 
VAL N   CA   sing N N 311 
VAL N   H    sing N N 312 
VAL N   H2   sing N N 313 
VAL CA  C    sing N N 314 
VAL CA  CB   sing N N 315 
VAL CA  HA   sing N N 316 
VAL C   O    doub N N 317 
VAL C   OXT  sing N N 318 
VAL CB  CG1  sing N N 319 
VAL CB  CG2  sing N N 320 
VAL CB  HB   sing N N 321 
VAL CG1 HG11 sing N N 322 
VAL CG1 HG12 sing N N 323 
VAL CG1 HG13 sing N N 324 
VAL CG2 HG21 sing N N 325 
VAL CG2 HG22 sing N N 326 
VAL CG2 HG23 sing N N 327 
VAL OXT HXT  sing N N 328 
# 
_atom_sites.entry_id                    1KXI 
_atom_sites.fract_transf_matrix[1][1]   -0.00533790 
_atom_sites.fract_transf_matrix[1][2]   0.00753241 
_atom_sites.fract_transf_matrix[1][3]   0.02116952 
_atom_sites.fract_transf_matrix[2][1]   0.02065647 
_atom_sites.fract_transf_matrix[2][2]   0.01020805 
_atom_sites.fract_transf_matrix[2][3]   0.00157637 
_atom_sites.fract_transf_matrix[3][1]   -0.00259064 
_atom_sites.fract_transf_matrix[3][2]   0.00565381 
_atom_sites.fract_transf_matrix[3][3]   -0.00266493 
_atom_sites.fract_transf_vector[1]      0.030163 
_atom_sites.fract_transf_vector[2]      0.490335 
_atom_sites.fract_transf_vector[3]      0.427800 
# 
loop_
_atom_type.symbol 
C 
N 
O 
S 
# 
loop_
_atom_site.group_PDB 
_atom_site.id 
_atom_site.type_symbol 
_atom_site.label_atom_id 
_atom_site.label_alt_id 
_atom_site.label_comp_id 
_atom_site.label_asym_id 
_atom_site.label_entity_id 
_atom_site.label_seq_id 
_atom_site.pdbx_PDB_ins_code 
_atom_site.Cartn_x 
_atom_site.Cartn_y 
_atom_site.Cartn_z 
_atom_site.occupancy 
_atom_site.B_iso_or_equiv 
_atom_site.pdbx_formal_charge 
_atom_site.auth_seq_id 
_atom_site.auth_comp_id 
_atom_site.auth_asym_id 
_atom_site.auth_atom_id 
_atom_site.pdbx_PDB_model_num 
ATOM   1    N N   . LEU A 1 1  ? 15.385  -3.495  -4.207  1.00 28.15 ? 1   LEU A N   1 
ATOM   2    C CA  . LEU A 1 1  ? 14.265  -2.568  -4.081  1.00 26.73 ? 1   LEU A CA  1 
ATOM   3    C C   . LEU A 1 1  ? 14.799  -1.206  -3.645  1.00 30.89 ? 1   LEU A C   1 
ATOM   4    O O   . LEU A 1 1  ? 15.568  -1.121  -2.681  1.00 29.45 ? 1   LEU A O   1 
ATOM   5    C CB  . LEU A 1 1  ? 13.264  -3.107  -3.051  1.00 24.96 ? 1   LEU A CB  1 
ATOM   6    C CG  . LEU A 1 1  ? 11.954  -2.400  -2.691  1.00 17.15 ? 1   LEU A CG  1 
ATOM   7    C CD1 . LEU A 1 1  ? 10.946  -2.476  -3.808  1.00 18.46 ? 1   LEU A CD1 1 
ATOM   8    C CD2 . LEU A 1 1  ? 11.394  -3.073  -1.469  1.00 18.08 ? 1   LEU A CD2 1 
ATOM   9    N N   . LYS A 1 2  ? 14.597  -0.216  -4.513  1.00 27.82 ? 2   LYS A N   1 
ATOM   10   C CA  . LYS A 1 2  ? 14.810  1.191   -4.201  1.00 26.75 ? 2   LYS A CA  1 
ATOM   11   C C   . LYS A 1 2  ? 13.485  1.810   -3.775  1.00 26.76 ? 2   LYS A C   1 
ATOM   12   O O   . LYS A 1 2  ? 12.535  1.838   -4.558  1.00 23.82 ? 2   LYS A O   1 
ATOM   13   C CB  . LYS A 1 2  ? 15.311  1.927   -5.445  1.00 26.15 ? 2   LYS A CB  1 
ATOM   14   C CG  . LYS A 1 2  ? 16.607  1.364   -6.020  1.00 31.23 ? 2   LYS A CG  1 
ATOM   15   C CD  . LYS A 1 2  ? 16.898  1.970   -7.379  1.00 33.48 ? 2   LYS A CD  1 
ATOM   16   C CE  . LYS A 1 2  ? 17.947  1.181   -8.143  1.00 33.61 ? 2   LYS A CE  1 
ATOM   17   N NZ  . LYS A 1 2  ? 17.438  -0.151  -8.620  1.00 36.52 ? 2   LYS A NZ  1 
ATOM   18   N N   . CYS A 1 3  ? 13.438  2.357   -2.569  1.00 26.22 ? 3   CYS A N   1 
ATOM   19   C CA  . CYS A 1 3  ? 12.285  3.137   -2.132  1.00 23.86 ? 3   CYS A CA  1 
ATOM   20   C C   . CYS A 1 3  ? 12.667  4.579   -1.907  1.00 24.78 ? 3   CYS A C   1 
ATOM   21   O O   . CYS A 1 3  ? 13.734  4.847   -1.383  1.00 25.91 ? 3   CYS A O   1 
ATOM   22   C CB  . CYS A 1 3  ? 11.734  2.599   -0.818  1.00 22.04 ? 3   CYS A CB  1 
ATOM   23   S SG  . CYS A 1 3  ? 11.415  0.823   -0.816  1.00 19.97 ? 3   CYS A SG  1 
ATOM   24   N N   . HIS A 1 4  ? 11.714  5.487   -2.085  1.00 27.38 ? 4   HIS A N   1 
ATOM   25   C CA  . HIS A 1 4  ? 11.892  6.853   -1.604  1.00 26.21 ? 4   HIS A CA  1 
ATOM   26   C C   . HIS A 1 4  ? 11.953  6.821   -0.098  1.00 25.74 ? 4   HIS A C   1 
ATOM   27   O O   . HIS A 1 4  ? 11.247  6.028   0.529   1.00 26.02 ? 4   HIS A O   1 
ATOM   28   C CB  . HIS A 1 4  ? 10.731  7.717   -2.039  1.00 26.92 ? 4   HIS A CB  1 
ATOM   29   C CG  . HIS A 1 4  ? 10.673  7.928   -3.512  1.00 26.23 ? 4   HIS A CG  1 
ATOM   30   N ND1 . HIS A 1 4  ? 9.784   7.259   -4.323  1.00 26.40 ? 4   HIS A ND1 1 
ATOM   31   C CD2 . HIS A 1 4  ? 11.483  8.633   -4.335  1.00 29.96 ? 4   HIS A CD2 1 
ATOM   32   C CE1 . HIS A 1 4  ? 10.061  7.531   -5.584  1.00 30.38 ? 4   HIS A CE1 1 
ATOM   33   N NE2 . HIS A 1 4  ? 11.087  8.361   -5.618  1.00 31.79 ? 4   HIS A NE2 1 
ATOM   34   N N   . ASN A 1 5  ? 12.834  7.633   0.478   1.00 25.49 ? 5   ASN A N   1 
ATOM   35   C CA  . ASN A 1 5  ? 13.059  7.617   1.929   1.00 25.83 ? 5   ASN A CA  1 
ATOM   36   C C   . ASN A 1 5  ? 13.031  8.998   2.541   1.00 24.39 ? 5   ASN A C   1 
ATOM   37   O O   . ASN A 1 5  ? 13.331  9.158   3.725   1.00 24.08 ? 5   ASN A O   1 
ATOM   38   C CB  . ASN A 1 5  ? 14.400  6.954   2.262   1.00 24.99 ? 5   ASN A CB  1 
ATOM   39   C CG  . ASN A 1 5  ? 15.574  7.648   1.606   1.00 26.54 ? 5   ASN A CG  1 
ATOM   40   O OD1 . ASN A 1 5  ? 15.556  7.947   0.410   1.00 27.22 ? 5   ASN A OD1 1 
ATOM   41   N ND2 . ASN A 1 5  ? 16.583  7.956   2.402   1.00 28.67 ? 5   ASN A ND2 1 
ATOM   42   N N   . THR A 1 6  ? 12.761  9.999   1.712   1.00 24.89 ? 6   THR A N   1 
ATOM   43   C CA  . THR A 1 6  ? 12.744  11.382  2.166   1.00 25.59 ? 6   THR A CA  1 
ATOM   44   C C   . THR A 1 6  ? 11.424  12.036  1.821   1.00 25.30 ? 6   THR A C   1 
ATOM   45   O O   . THR A 1 6  ? 10.544  11.414  1.242   1.00 30.91 ? 6   THR A O   1 
ATOM   46   C CB  . THR A 1 6  ? 13.889  12.225  1.536   1.00 22.58 ? 6   THR A CB  1 
ATOM   47   O OG1 . THR A 1 6  ? 13.698  12.325  0.120   1.00 21.41 ? 6   THR A OG1 1 
ATOM   48   C CG2 . THR A 1 6  ? 15.237  11.595  1.823   1.00 21.35 ? 6   THR A CG2 1 
ATOM   49   N N   . GLN A 1 7  ? 11.312  13.311  2.150   1.00 28.01 ? 7   GLN A N   1 
ATOM   50   C CA  . GLN A 1 7  ? 10.076  14.052  1.966   1.00 27.89 ? 7   GLN A CA  1 
ATOM   51   C C   . GLN A 1 7  ? 9.963   14.535  0.523   1.00 28.80 ? 7   GLN A C   1 
ATOM   52   O O   . GLN A 1 7  ? 8.871   14.840  0.047   1.00 28.86 ? 7   GLN A O   1 
ATOM   53   C CB  . GLN A 1 7  ? 10.078  15.231  2.930   1.00 28.68 ? 7   GLN A CB  1 
ATOM   54   C CG  . GLN A 1 7  ? 8.835   16.067  2.953   1.00 29.69 ? 7   GLN A CG  1 
ATOM   55   C CD  . GLN A 1 7  ? 9.006   17.246  3.883   1.00 28.84 ? 7   GLN A CD  1 
ATOM   56   O OE1 . GLN A 1 7  ? 9.805   17.184  4.827   1.00 27.05 ? 7   GLN A OE1 1 
ATOM   57   N NE2 . GLN A 1 7  ? 8.329   18.352  3.581   1.00 25.07 ? 7   GLN A NE2 1 
ATOM   58   N N   . LEU A 1 8  ? 11.074  14.461  -0.206  1.00 27.39 ? 8   LEU A N   1 
ATOM   59   C CA  . LEU A 1 8  ? 11.154  15.015  -1.552  1.00 27.67 ? 8   LEU A CA  1 
ATOM   60   C C   . LEU A 1 8  ? 11.115  13.903  -2.594  1.00 30.60 ? 8   LEU A C   1 
ATOM   61   O O   . LEU A 1 8  ? 11.321  12.729  -2.269  1.00 34.70 ? 8   LEU A O   1 
ATOM   62   C CB  . LEU A 1 8  ? 12.440  15.809  -1.709  1.00 25.36 ? 8   LEU A CB  1 
ATOM   63   C CG  . LEU A 1 8  ? 12.988  16.505  -0.478  1.00 26.34 ? 8   LEU A CG  1 
ATOM   64   C CD1 . LEU A 1 8  ? 14.439  16.677  -0.728  1.00 20.09 ? 8   LEU A CD1 1 
ATOM   65   C CD2 . LEU A 1 8  ? 12.304  17.843  -0.197  1.00 23.86 ? 8   LEU A CD2 1 
ATOM   66   N N   . PRO A 1 9  ? 10.913  14.263  -3.877  1.00 30.88 ? 9   PRO A N   1 
ATOM   67   C CA  . PRO A 1 9  ? 10.411  13.311  -4.879  1.00 31.95 ? 9   PRO A CA  1 
ATOM   68   C C   . PRO A 1 9  ? 11.457  12.360  -5.465  1.00 34.65 ? 9   PRO A C   1 
ATOM   69   O O   . PRO A 1 9  ? 11.115  11.353  -6.102  1.00 37.23 ? 9   PRO A O   1 
ATOM   70   C CB  . PRO A 1 9  ? 9.804   14.207  -5.962  1.00 32.57 ? 9   PRO A CB  1 
ATOM   71   C CG  . PRO A 1 9  ? 9.800   15.612  -5.369  1.00 31.40 ? 9   PRO A CG  1 
ATOM   72   C CD  . PRO A 1 9  ? 10.946  15.629  -4.420  1.00 26.81 ? 9   PRO A CD  1 
ATOM   73   N N   . PHE A 1 10 ? 12.730  12.678  -5.266  1.00 34.49 ? 10  PHE A N   1 
ATOM   74   C CA  . PHE A 1 10 ? 13.775  11.913  -5.910  1.00 36.10 ? 10  PHE A CA  1 
ATOM   75   C C   . PHE A 1 10 ? 14.543  10.963  -4.999  1.00 34.10 ? 10  PHE A C   1 
ATOM   76   O O   . PHE A 1 10 ? 14.534  9.754   -5.233  1.00 40.09 ? 10  PHE A O   1 
ATOM   77   C CB  . PHE A 1 10 ? 14.736  12.844  -6.662  1.00 42.76 ? 10  PHE A CB  1 
ATOM   78   C CG  . PHE A 1 10 ? 14.760  12.601  -8.147  1.00 44.29 ? 10  PHE A CG  1 
ATOM   79   C CD1 . PHE A 1 10 ? 13.715  13.066  -8.954  1.00 43.59 ? 10  PHE A CD1 1 
ATOM   80   C CD2 . PHE A 1 10 ? 15.716  11.750  -8.706  1.00 44.62 ? 10  PHE A CD2 1 
ATOM   81   C CE1 . PHE A 1 10 ? 13.603  12.681  -10.287 1.00 43.51 ? 10  PHE A CE1 1 
ATOM   82   C CE2 . PHE A 1 10 ? 15.617  11.357  -10.042 1.00 45.31 ? 10  PHE A CE2 1 
ATOM   83   C CZ  . PHE A 1 10 ? 14.552  11.825  -10.833 1.00 44.83 ? 10  PHE A CZ  1 
ATOM   84   N N   . ILE A 1 11 ? 15.156  11.492  -3.946  1.00 27.38 ? 11  ILE A N   1 
ATOM   85   C CA  . ILE A 1 11 ? 16.082  10.723  -3.115  1.00 26.04 ? 11  ILE A CA  1 
ATOM   86   C C   . ILE A 1 11 ? 15.548  9.324   -2.712  1.00 28.47 ? 11  ILE A C   1 
ATOM   87   O O   . ILE A 1 11 ? 14.443  9.191   -2.183  1.00 30.75 ? 11  ILE A O   1 
ATOM   88   C CB  . ILE A 1 11 ? 16.478  11.538  -1.840  1.00 26.67 ? 11  ILE A CB  1 
ATOM   89   C CG1 . ILE A 1 11 ? 17.332  12.748  -2.224  1.00 27.92 ? 11  ILE A CG1 1 
ATOM   90   C CG2 . ILE A 1 11 ? 17.305  10.686  -0.894  1.00 25.85 ? 11  ILE A CG2 1 
ATOM   91   C CD1 . ILE A 1 11 ? 16.620  13.797  -3.049  1.00 31.90 ? 11  ILE A CD1 1 
ATOM   92   N N   . TYR A 1 12 ? 16.332  8.289   -2.996  1.00 25.65 ? 12  TYR A N   1 
ATOM   93   C CA  . TYR A 1 12 ? 15.940  6.917   -2.707  1.00 26.53 ? 12  TYR A CA  1 
ATOM   94   C C   . TYR A 1 12 ? 17.085  6.134   -2.062  1.00 24.27 ? 12  TYR A C   1 
ATOM   95   O O   . TYR A 1 12 ? 18.229  6.576   -2.079  1.00 28.76 ? 12  TYR A O   1 
ATOM   96   C CB  . TYR A 1 12 ? 15.462  6.213   -3.983  1.00 30.93 ? 12  TYR A CB  1 
ATOM   97   C CG  . TYR A 1 12 ? 16.358  6.377   -5.184  1.00 33.13 ? 12  TYR A CG  1 
ATOM   98   C CD1 . TYR A 1 12 ? 17.502  5.588   -5.346  1.00 38.35 ? 12  TYR A CD1 1 
ATOM   99   C CD2 . TYR A 1 12 ? 16.030  7.273   -6.197  1.00 36.82 ? 12  TYR A CD2 1 
ATOM   100  C CE1 . TYR A 1 12 ? 18.292  5.692   -6.486  1.00 37.04 ? 12  TYR A CE1 1 
ATOM   101  C CE2 . TYR A 1 12 ? 16.811  7.390   -7.340  1.00 38.49 ? 12  TYR A CE2 1 
ATOM   102  C CZ  . TYR A 1 12 ? 17.944  6.602   -7.479  1.00 38.12 ? 12  TYR A CZ  1 
ATOM   103  O OH  . TYR A 1 12 ? 18.738  6.765   -8.598  1.00 42.09 ? 12  TYR A OH  1 
ATOM   104  N N   . LYS A 1 13 ? 16.767  5.048   -1.368  1.00 23.80 ? 13  LYS A N   1 
ATOM   105  C CA  . LYS A 1 13 ? 17.799  4.168   -0.843  1.00 23.29 ? 13  LYS A CA  1 
ATOM   106  C C   . LYS A 1 13 ? 17.604  2.792   -1.442  1.00 31.61 ? 13  LYS A C   1 
ATOM   107  O O   . LYS A 1 13 ? 16.535  2.468   -1.968  1.00 28.85 ? 13  LYS A O   1 
ATOM   108  C CB  . LYS A 1 13 ? 17.738  4.085   0.687   1.00 26.79 ? 13  LYS A CB  1 
ATOM   109  C CG  . LYS A 1 13 ? 16.426  3.545   1.243   1.00 25.72 ? 13  LYS A CG  1 
ATOM   110  C CD  . LYS A 1 13 ? 16.414  3.532   2.766   1.00 26.88 ? 13  LYS A CD  1 
ATOM   111  C CE  . LYS A 1 13 ? 17.015  2.245   3.324   1.00 35.59 ? 13  LYS A CE  1 
ATOM   112  N NZ  . LYS A 1 13 ? 16.459  1.847   4.674   1.00 35.87 ? 13  LYS A NZ  1 
ATOM   113  N N   . THR A 1 14 ? 18.696  2.050   -1.513  1.00 31.65 ? 14  THR A N   1 
ATOM   114  C CA  . THR A 1 14 ? 18.623  0.620   -1.738  1.00 36.83 ? 14  THR A CA  1 
ATOM   115  C C   . THR A 1 14 ? 18.189  -0.012  -0.419  1.00 32.02 ? 14  THR A C   1 
ATOM   116  O O   . THR A 1 14 ? 18.785  0.234   0.632   1.00 37.31 ? 14  THR A O   1 
ATOM   117  C CB  . THR A 1 14 ? 20.005  0.066   -2.216  1.00 33.31 ? 14  THR A CB  1 
ATOM   118  O OG1 . THR A 1 14 ? 20.294  0.584   -3.528  1.00 35.34 ? 14  THR A OG1 1 
ATOM   119  C CG2 . THR A 1 14 ? 20.003  -1.454  -2.280  1.00 33.13 ? 14  THR A CG2 1 
ATOM   120  N N   . CYS A 1 15 ? 17.034  -0.650  -0.441  1.00 30.34 ? 15  CYS A N   1 
ATOM   121  C CA  . CYS A 1 15 ? 16.518  -1.264  0.766   1.00 33.91 ? 15  CYS A CA  1 
ATOM   122  C C   . CYS A 1 15 ? 17.431  -2.391  1.245   1.00 34.19 ? 15  CYS A C   1 
ATOM   123  O O   . CYS A 1 15 ? 17.901  -3.212  0.445   1.00 30.35 ? 15  CYS A O   1 
ATOM   124  C CB  . CYS A 1 15 ? 15.103  -1.787  0.522   1.00 35.06 ? 15  CYS A CB  1 
ATOM   125  S SG  . CYS A 1 15 ? 13.892  -0.444  0.395   1.00 31.15 ? 15  CYS A SG  1 
ATOM   126  N N   . PRO A 1 16 ? 17.731  -2.413  2.554   1.00 33.18 ? 16  PRO A N   1 
ATOM   127  C CA  . PRO A 1 16 ? 18.584  -3.425  3.169   1.00 33.15 ? 16  PRO A CA  1 
ATOM   128  C C   . PRO A 1 16 ? 18.067  -4.839  2.912   1.00 35.90 ? 16  PRO A C   1 
ATOM   129  O O   . PRO A 1 16 ? 16.868  -5.049  2.695   1.00 33.02 ? 16  PRO A O   1 
ATOM   130  C CB  . PRO A 1 16 ? 18.547  -3.056  4.647   1.00 31.64 ? 16  PRO A CB  1 
ATOM   131  C CG  . PRO A 1 16 ? 18.262  -1.588  4.637   1.00 30.63 ? 16  PRO A CG  1 
ATOM   132  C CD  . PRO A 1 16 ? 17.254  -1.449  3.557   1.00 31.80 ? 16  PRO A CD  1 
ATOM   133  N N   . GLU A 1 17 ? 18.989  -5.794  2.863   1.00 39.08 ? 17  GLU A N   1 
ATOM   134  C CA  . GLU A 1 17 ? 18.652  -7.163  2.501   1.00 38.29 ? 17  GLU A CA  1 
ATOM   135  C C   . GLU A 1 17 ? 17.514  -7.683  3.386   1.00 34.44 ? 17  GLU A C   1 
ATOM   136  O O   . GLU A 1 17 ? 17.512  -7.448  4.598   1.00 33.37 ? 17  GLU A O   1 
ATOM   137  C CB  . GLU A 1 17 ? 19.901  -8.056  2.610   1.00 37.83 ? 17  GLU A CB  1 
ATOM   138  C CG  . GLU A 1 17 ? 20.110  -9.034  1.427   1.00 40.46 ? 17  GLU A CG  1 
ATOM   139  C CD  . GLU A 1 17 ? 20.245  -8.352  0.059   1.00 42.17 ? 17  GLU A CD  1 
ATOM   140  O OE1 . GLU A 1 17 ? 19.204  -8.073  -0.574  1.00 41.19 ? 17  GLU A OE1 1 
ATOM   141  O OE2 . GLU A 1 17 ? 21.389  -8.168  -0.425  1.00 42.65 ? 17  GLU A OE2 1 
ATOM   142  N N   . GLY A 1 18 ? 16.443  -8.137  2.733   1.00 31.39 ? 18  GLY A N   1 
ATOM   143  C CA  . GLY A 1 18 ? 15.298  -8.673  3.445   1.00 28.57 ? 18  GLY A CA  1 
ATOM   144  C C   . GLY A 1 18 ? 14.248  -7.637  3.843   1.00 36.55 ? 18  GLY A C   1 
ATOM   145  O O   . GLY A 1 18 ? 13.395  -7.919  4.692   1.00 39.14 ? 18  GLY A O   1 
ATOM   146  N N   . LYS A 1 19 ? 14.293  -6.444  3.252   1.00 32.39 ? 19  LYS A N   1 
ATOM   147  C CA  . LYS A 1 19 ? 13.203  -5.483  3.396   1.00 26.45 ? 19  LYS A CA  1 
ATOM   148  C C   . LYS A 1 19 ? 12.616  -5.292  2.020   1.00 25.82 ? 19  LYS A C   1 
ATOM   149  O O   . LYS A 1 19 ? 13.099  -4.464  1.244   1.00 28.03 ? 19  LYS A O   1 
ATOM   150  C CB  . LYS A 1 19 ? 13.716  -4.136  3.901   1.00 23.09 ? 19  LYS A CB  1 
ATOM   151  C CG  . LYS A 1 19 ? 13.998  -4.087  5.365   1.00 23.40 ? 19  LYS A CG  1 
ATOM   152  C CD  . LYS A 1 19 ? 14.222  -2.665  5.804   1.00 25.75 ? 19  LYS A CD  1 
ATOM   153  C CE  . LYS A 1 19 ? 14.526  -2.582  7.297   1.00 30.58 ? 19  LYS A CE  1 
ATOM   154  N NZ  . LYS A 1 19 ? 13.527  -3.302  8.136   1.00 35.20 ? 19  LYS A NZ  1 
ATOM   155  N N   . ASN A 1 20 ? 11.609  -6.082  1.685   1.00 27.60 ? 20  ASN A N   1 
ATOM   156  C CA  . ASN A 1 20 ? 11.138  -6.068  0.318   1.00 33.37 ? 20  ASN A CA  1 
ATOM   157  C C   . ASN A 1 20 ? 9.776   -5.416  0.134   1.00 31.45 ? 20  ASN A C   1 
ATOM   158  O O   . ASN A 1 20 ? 9.081   -5.683  -0.853  1.00 31.18 ? 20  ASN A O   1 
ATOM   159  C CB  . ASN A 1 20 ? 11.187  -7.483  -0.280  1.00 41.60 ? 20  ASN A CB  1 
ATOM   160  C CG  . ASN A 1 20 ? 12.517  -7.765  -1.017  1.00 46.07 ? 20  ASN A CG  1 
ATOM   161  O OD1 . ASN A 1 20 ? 13.129  -6.863  -1.609  1.00 44.20 ? 20  ASN A OD1 1 
ATOM   162  N ND2 . ASN A 1 20 ? 12.960  -9.019  -0.980  1.00 45.70 ? 20  ASN A ND2 1 
ATOM   163  N N   . LEU A 1 21 ? 9.527   -4.399  0.965   1.00 28.14 ? 21  LEU A N   1 
ATOM   164  C CA  . LEU A 1 21 ? 8.358   -3.509  0.858   1.00 21.25 ? 21  LEU A CA  1 
ATOM   165  C C   . LEU A 1 21 ? 8.810   -2.045  0.942   1.00 19.61 ? 21  LEU A C   1 
ATOM   166  O O   . LEU A 1 21 ? 9.626   -1.711  1.799   1.00 19.62 ? 21  LEU A O   1 
ATOM   167  C CB  . LEU A 1 21 ? 7.387   -3.783  2.011   1.00 19.21 ? 21  LEU A CB  1 
ATOM   168  C CG  . LEU A 1 21 ? 5.973   -4.312  1.782   1.00 18.88 ? 21  LEU A CG  1 
ATOM   169  C CD1 . LEU A 1 21 ? 5.796   -4.894  0.385   1.00 19.89 ? 21  LEU A CD1 1 
ATOM   170  C CD2 . LEU A 1 21 ? 5.699   -5.356  2.845   1.00 16.00 ? 21  LEU A CD2 1 
ATOM   171  N N   . CYS A 1 22 ? 8.287   -1.185  0.068   1.00 16.42 ? 22  CYS A N   1 
ATOM   172  C CA  . CYS A 1 22 ? 8.303   0.264   0.318   1.00 19.81 ? 22  CYS A CA  1 
ATOM   173  C C   . CYS A 1 22 ? 7.040   0.739   1.044   1.00 18.69 ? 22  CYS A C   1 
ATOM   174  O O   . CYS A 1 22 ? 5.939   0.309   0.716   1.00 23.81 ? 22  CYS A O   1 
ATOM   175  C CB  . CYS A 1 22 ? 8.415   1.042   -0.981  1.00 11.26 ? 22  CYS A CB  1 
ATOM   176  S SG  . CYS A 1 22 ? 9.807   0.561   -2.005  1.00 17.74 ? 22  CYS A SG  1 
ATOM   177  N N   . PHE A 1 23 ? 7.186   1.676   1.978   1.00 19.48 ? 23  PHE A N   1 
ATOM   178  C CA  . PHE A 1 23 ? 6.013   2.286   2.592   1.00 20.22 ? 23  PHE A CA  1 
ATOM   179  C C   . PHE A 1 23 ? 5.929   3.802   2.455   1.00 17.39 ? 23  PHE A C   1 
ATOM   180  O O   . PHE A 1 23 ? 6.896   4.456   2.107   1.00 15.12 ? 23  PHE A O   1 
ATOM   181  C CB  . PHE A 1 23 ? 5.862   1.864   4.060   1.00 18.75 ? 23  PHE A CB  1 
ATOM   182  C CG  . PHE A 1 23 ? 6.748   2.600   5.008   1.00 25.64 ? 23  PHE A CG  1 
ATOM   183  C CD1 . PHE A 1 23 ? 6.365   3.829   5.531   1.00 26.27 ? 23  PHE A CD1 1 
ATOM   184  C CD2 . PHE A 1 23 ? 7.957   2.047   5.417   1.00 30.29 ? 23  PHE A CD2 1 
ATOM   185  C CE1 . PHE A 1 23 ? 7.168   4.499   6.440   1.00 21.11 ? 23  PHE A CE1 1 
ATOM   186  C CE2 . PHE A 1 23 ? 8.775   2.714   6.334   1.00 26.17 ? 23  PHE A CE2 1 
ATOM   187  C CZ  . PHE A 1 23 ? 8.378   3.940   6.844   1.00 25.37 ? 23  PHE A CZ  1 
ATOM   188  N N   . LYS A 1 24 ? 4.713   4.310   2.600   1.00 19.82 ? 24  LYS A N   1 
ATOM   189  C CA  . LYS A 1 24 ? 4.414   5.732   2.525   1.00 24.33 ? 24  LYS A CA  1 
ATOM   190  C C   . LYS A 1 24 ? 3.402   5.997   3.628   1.00 24.09 ? 24  LYS A C   1 
ATOM   191  O O   . LYS A 1 24 ? 2.371   5.332   3.686   1.00 24.61 ? 24  LYS A O   1 
ATOM   192  C CB  . LYS A 1 24 ? 3.807   6.085   1.155   1.00 25.15 ? 24  LYS A CB  1 
ATOM   193  C CG  . LYS A 1 24 ? 3.218   7.499   1.054   1.00 30.89 ? 24  LYS A CG  1 
ATOM   194  C CD  . LYS A 1 24 ? 3.021   7.980   -0.386  1.00 30.34 ? 24  LYS A CD  1 
ATOM   195  C CE  . LYS A 1 24 ? 2.238   7.540   -1.607  1.00 30.18 ? 24  LYS A CE  1 
ATOM   196  N NZ  . LYS A 1 24 ? 0.778   7.781   -1.431  1.00 30.40 ? 24  LYS A NZ  1 
ATOM   197  N N   . ALA A 1 25 ? 3.809   6.795   4.610   1.00 24.42 ? 25  ALA A N   1 
ATOM   198  C CA  . ALA A 1 25 ? 2.929   7.234   5.686   1.00 22.39 ? 25  ALA A CA  1 
ATOM   199  C C   . ALA A 1 25 ? 2.336   8.607   5.363   1.00 24.83 ? 25  ALA A C   1 
ATOM   200  O O   . ALA A 1 25 ? 3.044   9.530   4.936   1.00 27.06 ? 25  ALA A O   1 
ATOM   201  C CB  . ALA A 1 25 ? 3.695   7.281   6.988   1.00 21.67 ? 25  ALA A CB  1 
ATOM   202  N N   . THR A 1 26 ? 1.021   8.706   5.462   1.00 25.31 ? 26  THR A N   1 
ATOM   203  C CA  . THR A 1 26 ? 0.344   9.978   5.250   1.00 25.25 ? 26  THR A CA  1 
ATOM   204  C C   . THR A 1 26 ? -0.379  10.392  6.549   1.00 24.62 ? 26  THR A C   1 
ATOM   205  O O   . THR A 1 26 ? -0.574  9.570   7.448   1.00 25.62 ? 26  THR A O   1 
ATOM   206  C CB  . THR A 1 26 ? -0.632  9.845   4.052   1.00 24.64 ? 26  THR A CB  1 
ATOM   207  O OG1 . THR A 1 26 ? 0.083   9.358   2.912   1.00 23.13 ? 26  THR A OG1 1 
ATOM   208  C CG2 . THR A 1 26 ? -1.222  11.187  3.673   1.00 33.76 ? 26  THR A CG2 1 
ATOM   209  N N   . LEU A 1 27 ? -0.666  11.677  6.703   1.00 25.48 ? 27  LEU A N   1 
ATOM   210  C CA  . LEU A 1 27 ? -1.539  12.142  7.786   1.00 24.37 ? 27  LEU A CA  1 
ATOM   211  C C   . LEU A 1 27 ? -2.973  11.631  7.605   1.00 26.18 ? 27  LEU A C   1 
ATOM   212  O O   . LEU A 1 27 ? -3.693  12.067  6.703   1.00 27.72 ? 27  LEU A O   1 
ATOM   213  C CB  . LEU A 1 27 ? -1.543  13.675  7.844   1.00 21.06 ? 27  LEU A CB  1 
ATOM   214  C CG  . LEU A 1 27 ? -1.096  14.340  9.143   1.00 20.19 ? 27  LEU A CG  1 
ATOM   215  C CD1 . LEU A 1 27 ? 0.258   13.841  9.526   1.00 22.28 ? 27  LEU A CD1 1 
ATOM   216  C CD2 . LEU A 1 27 ? -1.067  15.831  8.961   1.00 21.46 ? 27  LEU A CD2 1 
ATOM   217  N N   . LYS A 1 28 ? -3.404  10.772  8.526   1.00 30.04 ? 28  LYS A N   1 
ATOM   218  C CA  . LYS A 1 28 ? -4.687  10.075  8.438   1.00 30.16 ? 28  LYS A CA  1 
ATOM   219  C C   . LYS A 1 28 ? -5.866  11.007  8.218   1.00 37.77 ? 28  LYS A C   1 
ATOM   220  O O   . LYS A 1 28 ? -6.901  10.605  7.682   1.00 41.33 ? 28  LYS A O   1 
ATOM   221  C CB  . LYS A 1 28 ? -4.944  9.291   9.714   1.00 28.30 ? 28  LYS A CB  1 
ATOM   222  C CG  . LYS A 1 28 ? -5.921  8.164   9.529   1.00 26.02 ? 28  LYS A CG  1 
ATOM   223  C CD  . LYS A 1 28 ? -6.222  7.469   10.846  1.00 26.50 ? 28  LYS A CD  1 
ATOM   224  C CE  . LYS A 1 28 ? -5.189  6.414   11.204  1.00 24.28 ? 28  LYS A CE  1 
ATOM   225  N NZ  . LYS A 1 28 ? -5.484  5.861   12.558  1.00 24.64 ? 28  LYS A NZ  1 
ATOM   226  N N   . LYS A 1 29 ? -5.773  12.196  8.793   1.00 40.16 ? 29  LYS A N   1 
ATOM   227  C CA  . LYS A 1 29 ? -6.888  13.125  8.767   1.00 41.14 ? 29  LYS A CA  1 
ATOM   228  C C   . LYS A 1 29 ? -7.000  13.874  7.428   1.00 37.76 ? 29  LYS A C   1 
ATOM   229  O O   . LYS A 1 29 ? -7.813  13.508  6.583   1.00 41.02 ? 29  LYS A O   1 
ATOM   230  C CB  . LYS A 1 29 ? -6.773  14.114  9.936   1.00 38.88 ? 29  LYS A CB  1 
ATOM   231  C CG  . LYS A 1 29 ? -6.326  13.510  11.266  1.00 41.30 ? 29  LYS A CG  1 
ATOM   232  C CD  . LYS A 1 29 ? -4.837  13.760  11.521  1.00 43.08 ? 29  LYS A CD  1 
ATOM   233  C CE  . LYS A 1 29 ? -4.308  12.896  12.673  1.00 41.62 ? 29  LYS A CE  1 
ATOM   234  N NZ  . LYS A 1 29 ? -3.329  13.612  13.564  1.00 36.77 ? 29  LYS A NZ  1 
ATOM   235  N N   . PHE A 1 30 ? -6.078  14.798  7.171   1.00 40.98 ? 30  PHE A N   1 
ATOM   236  C CA  . PHE A 1 30 ? -6.340  15.903  6.247   1.00 41.36 ? 30  PHE A CA  1 
ATOM   237  C C   . PHE A 1 30 ? -5.735  15.694  4.846   1.00 38.97 ? 30  PHE A C   1 
ATOM   238  O O   . PHE A 1 30 ? -4.931  14.781  4.652   1.00 39.36 ? 30  PHE A O   1 
ATOM   239  C CB  . PHE A 1 30 ? -5.824  17.207  6.869   1.00 40.20 ? 30  PHE A CB  1 
ATOM   240  C CG  . PHE A 1 30 ? -5.905  17.231  8.365   1.00 35.08 ? 30  PHE A CG  1 
ATOM   241  C CD1 . PHE A 1 30 ? -7.134  17.394  9.003   1.00 37.15 ? 30  PHE A CD1 1 
ATOM   242  C CD2 . PHE A 1 30 ? -4.777  16.963  9.135   1.00 38.79 ? 30  PHE A CD2 1 
ATOM   243  C CE1 . PHE A 1 30 ? -7.239  17.275  10.391  1.00 40.04 ? 30  PHE A CE1 1 
ATOM   244  C CE2 . PHE A 1 30 ? -4.866  16.843  10.515  1.00 39.25 ? 30  PHE A CE2 1 
ATOM   245  C CZ  . PHE A 1 30 ? -6.101  16.996  11.148  1.00 40.50 ? 30  PHE A CZ  1 
ATOM   246  N N   . PRO A 1 31 ? -6.108  16.551  3.857   1.00 39.55 ? 31  PRO A N   1 
ATOM   247  C CA  . PRO A 1 31 ? -5.658  16.490  2.451   1.00 35.63 ? 31  PRO A CA  1 
ATOM   248  C C   . PRO A 1 31 ? -4.234  16.987  2.181   1.00 37.85 ? 31  PRO A C   1 
ATOM   249  O O   . PRO A 1 31 ? -4.005  17.814  1.294   1.00 41.29 ? 31  PRO A O   1 
ATOM   250  C CB  . PRO A 1 31 ? -6.678  17.356  1.719   1.00 39.69 ? 31  PRO A CB  1 
ATOM   251  C CG  . PRO A 1 31 ? -7.022  18.405  2.730   1.00 36.84 ? 31  PRO A CG  1 
ATOM   252  C CD  . PRO A 1 31 ? -7.115  17.622  4.031   1.00 36.70 ? 31  PRO A CD  1 
ATOM   253  N N   . LEU A 1 32 ? -3.271  16.437  2.903   1.00 35.18 ? 32  LEU A N   1 
ATOM   254  C CA  . LEU A 1 32 ? -1.875  16.643  2.572   1.00 31.49 ? 32  LEU A CA  1 
ATOM   255  C C   . LEU A 1 32 ? -1.455  15.492  1.668   1.00 32.92 ? 32  LEU A C   1 
ATOM   256  O O   . LEU A 1 32 ? -1.120  14.400  2.148   1.00 34.79 ? 32  LEU A O   1 
ATOM   257  C CB  . LEU A 1 32 ? -1.036  16.647  3.847   1.00 27.28 ? 32  LEU A CB  1 
ATOM   258  C CG  . LEU A 1 32 ? -1.224  17.886  4.711   1.00 35.26 ? 32  LEU A CG  1 
ATOM   259  C CD1 . LEU A 1 32 ? -1.486  17.476  6.157   1.00 30.08 ? 32  LEU A CD1 1 
ATOM   260  C CD2 . LEU A 1 32 ? 0.005   18.773  4.579   1.00 30.88 ? 32  LEU A CD2 1 
ATOM   261  N N   . LYS A 1 33 ? -1.615  15.676  0.364   1.00 31.48 ? 33  LYS A N   1 
ATOM   262  C CA  . LYS A 1 33 ? -1.210  14.633  -0.566  1.00 33.62 ? 33  LYS A CA  1 
ATOM   263  C C   . LYS A 1 33 ? 0.305   14.670  -0.719  1.00 30.52 ? 33  LYS A C   1 
ATOM   264  O O   . LYS A 1 33 ? 0.844   15.150  -1.730  1.00 31.68 ? 33  LYS A O   1 
ATOM   265  C CB  . LYS A 1 33 ? -1.911  14.807  -1.921  1.00 40.71 ? 33  LYS A CB  1 
ATOM   266  C CG  . LYS A 1 33 ? -1.704  13.641  -2.900  1.00 39.94 ? 33  LYS A CG  1 
ATOM   267  C CD  . LYS A 1 33 ? -1.661  12.281  -2.196  1.00 40.86 ? 33  LYS A CD  1 
ATOM   268  C CE  . LYS A 1 33 ? -1.814  11.142  -3.197  1.00 37.47 ? 33  LYS A CE  1 
ATOM   269  N NZ  . LYS A 1 33 ? -0.766  11.210  -4.246  1.00 38.00 ? 33  LYS A NZ  1 
ATOM   270  N N   . PHE A 1 34 ? 0.982   14.302  0.361   1.00 33.68 ? 34  PHE A N   1 
ATOM   271  C CA  . PHE A 1 34 ? 2.434   14.221  0.372   1.00 29.81 ? 34  PHE A CA  1 
ATOM   272  C C   . PHE A 1 34 ? 2.863   13.542  1.665   1.00 30.30 ? 34  PHE A C   1 
ATOM   273  O O   . PHE A 1 34 ? 2.107   13.523  2.646   1.00 31.16 ? 34  PHE A O   1 
ATOM   274  C CB  . PHE A 1 34 ? 3.055   15.628  0.196   1.00 32.81 ? 34  PHE A CB  1 
ATOM   275  C CG  . PHE A 1 34 ? 3.547   16.278  1.473   1.00 31.78 ? 34  PHE A CG  1 
ATOM   276  C CD1 . PHE A 1 34 ? 2.660   16.590  2.514   1.00 32.08 ? 34  PHE A CD1 1 
ATOM   277  C CD2 . PHE A 1 34 ? 4.877   16.692  1.581   1.00 29.65 ? 34  PHE A CD2 1 
ATOM   278  C CE1 . PHE A 1 34 ? 3.090   17.300  3.634   1.00 30.87 ? 34  PHE A CE1 1 
ATOM   279  C CE2 . PHE A 1 34 ? 5.315   17.406  2.695   1.00 30.95 ? 34  PHE A CE2 1 
ATOM   280  C CZ  . PHE A 1 34 ? 4.419   17.706  3.724   1.00 29.86 ? 34  PHE A CZ  1 
ATOM   281  N N   . PRO A 1 35 ? 3.949   12.771  1.598   1.00 30.86 ? 35  PRO A N   1 
ATOM   282  C CA  . PRO A 1 35 ? 4.210   11.779  2.635   1.00 28.62 ? 35  PRO A CA  1 
ATOM   283  C C   . PRO A 1 35 ? 4.968   12.367  3.809   1.00 29.91 ? 35  PRO A C   1 
ATOM   284  O O   . PRO A 1 35 ? 5.847   13.229  3.662   1.00 30.94 ? 35  PRO A O   1 
ATOM   285  C CB  . PRO A 1 35 ? 5.026   10.710  1.915   1.00 31.20 ? 35  PRO A CB  1 
ATOM   286  C CG  . PRO A 1 35 ? 5.020   11.113  0.455   1.00 30.33 ? 35  PRO A CG  1 
ATOM   287  C CD  . PRO A 1 35 ? 4.860   12.596  0.466   1.00 29.24 ? 35  PRO A CD  1 
ATOM   288  N N   . VAL A 1 36 ? 4.589   11.901  4.985   1.00 28.25 ? 36  VAL A N   1 
ATOM   289  C CA  . VAL A 1 36 ? 5.186   12.321  6.232   1.00 26.91 ? 36  VAL A CA  1 
ATOM   290  C C   . VAL A 1 36 ? 6.398   11.415  6.552   1.00 26.39 ? 36  VAL A C   1 
ATOM   291  O O   . VAL A 1 36 ? 7.319   11.819  7.272   1.00 27.77 ? 36  VAL A O   1 
ATOM   292  C CB  . VAL A 1 36 ? 4.109   12.244  7.355   1.00 25.61 ? 36  VAL A CB  1 
ATOM   293  C CG1 . VAL A 1 36 ? 4.740   12.325  8.695   1.00 30.92 ? 36  VAL A CG1 1 
ATOM   294  C CG2 . VAL A 1 36 ? 3.090   13.363  7.188   1.00 24.90 ? 36  VAL A CG2 1 
ATOM   295  N N   . LYS A 1 37 ? 6.359   10.175  6.058   1.00 28.33 ? 37  LYS A N   1 
ATOM   296  C CA  . LYS A 1 37 ? 7.450   9.212   6.219   1.00 26.02 ? 37  LYS A CA  1 
ATOM   297  C C   . LYS A 1 37 ? 7.452   8.267   5.024   1.00 23.59 ? 37  LYS A C   1 
ATOM   298  O O   . LYS A 1 37 ? 6.400   7.785   4.628   1.00 22.90 ? 37  LYS A O   1 
ATOM   299  C CB  . LYS A 1 37 ? 7.251   8.381   7.479   1.00 25.73 ? 37  LYS A CB  1 
ATOM   300  C CG  . LYS A 1 37 ? 7.318   9.148   8.755   1.00 30.15 ? 37  LYS A CG  1 
ATOM   301  C CD  . LYS A 1 37 ? 7.098   8.225   9.925   1.00 35.38 ? 37  LYS A CD  1 
ATOM   302  C CE  . LYS A 1 37 ? 7.512   8.902   11.217  1.00 40.10 ? 37  LYS A CE  1 
ATOM   303  N NZ  . LYS A 1 37 ? 7.235   8.053   12.399  1.00 39.87 ? 37  LYS A NZ  1 
ATOM   304  N N   . ARG A 1 38 ? 8.620   8.013   4.449   1.00 20.38 ? 38  ARG A N   1 
ATOM   305  C CA  . ARG A 1 38 ? 8.808   6.873   3.569   1.00 19.76 ? 38  ARG A CA  1 
ATOM   306  C C   . ARG A 1 38 ? 10.092  6.139   3.941   1.00 21.91 ? 38  ARG A C   1 
ATOM   307  O O   . ARG A 1 38 ? 11.002  6.711   4.545   1.00 23.36 ? 38  ARG A O   1 
ATOM   308  C CB  . ARG A 1 38 ? 8.930   7.306   2.114   1.00 23.60 ? 38  ARG A CB  1 
ATOM   309  C CG  . ARG A 1 38 ? 7.788   8.085   1.529   1.00 19.50 ? 38  ARG A CG  1 
ATOM   310  C CD  . ARG A 1 38 ? 8.386   9.192   0.675   1.00 18.90 ? 38  ARG A CD  1 
ATOM   311  N NE  . ARG A 1 38 ? 7.807   9.257   -0.657  1.00 24.02 ? 38  ARG A NE  1 
ATOM   312  C CZ  . ARG A 1 38 ? 8.099   10.192  -1.558  1.00 26.64 ? 38  ARG A CZ  1 
ATOM   313  N NH1 . ARG A 1 38 ? 9.090   11.055  -1.339  1.00 22.11 ? 38  ARG A NH1 1 
ATOM   314  N NH2 . ARG A 1 38 ? 7.438   10.221  -2.707  1.00 26.52 ? 38  ARG A NH2 1 
ATOM   315  N N   . GLY A 1 39 ? 10.211  4.908   3.465   1.00 21.75 ? 39  GLY A N   1 
ATOM   316  C CA  . GLY A 1 39 ? 11.411  4.123   3.689   1.00 22.80 ? 39  GLY A CA  1 
ATOM   317  C C   . GLY A 1 39 ? 11.171  2.699   3.250   1.00 22.87 ? 39  GLY A C   1 
ATOM   318  O O   . GLY A 1 39 ? 10.272  2.450   2.457   1.00 23.55 ? 39  GLY A O   1 
ATOM   319  N N   . CYS A 1 40 ? 11.923  1.763   3.815   1.00 26.07 ? 40  CYS A N   1 
ATOM   320  C CA  . CYS A 1 40 ? 11.729  0.341   3.552   1.00 25.04 ? 40  CYS A CA  1 
ATOM   321  C C   . CYS A 1 40 ? 11.067  -0.324  4.755   1.00 25.33 ? 40  CYS A C   1 
ATOM   322  O O   . CYS A 1 40 ? 11.276  0.082   5.907   1.00 28.62 ? 40  CYS A O   1 
ATOM   323  C CB  . CYS A 1 40 ? 13.077  -0.337  3.284   1.00 24.36 ? 40  CYS A CB  1 
ATOM   324  S SG  . CYS A 1 40 ? 14.157  0.561   2.131   1.00 25.28 ? 40  CYS A SG  1 
ATOM   325  N N   . ALA A 1 41 ? 10.335  -1.392  4.494   1.00 19.33 ? 41  ALA A N   1 
ATOM   326  C CA  . ALA A 1 41 ? 9.571   -2.040  5.535   1.00 23.78 ? 41  ALA A CA  1 
ATOM   327  C C   . ALA A 1 41 ? 9.794   -3.536  5.446   1.00 27.52 ? 41  ALA A C   1 
ATOM   328  O O   . ALA A 1 41 ? 9.935   -4.078  4.352   1.00 28.30 ? 41  ALA A O   1 
ATOM   329  C CB  . ALA A 1 41 ? 8.099   -1.714  5.361   1.00 21.66 ? 41  ALA A CB  1 
ATOM   330  N N   . ASP A 1 42 ? 9.865   -4.195  6.598   1.00 30.97 ? 42  ASP A N   1 
ATOM   331  C CA  . ASP A 1 42 ? 9.906   -5.661  6.649   1.00 34.79 ? 42  ASP A CA  1 
ATOM   332  C C   . ASP A 1 42 ? 8.500   -6.203  6.433   1.00 31.04 ? 42  ASP A C   1 
ATOM   333  O O   . ASP A 1 42 ? 8.214   -6.815  5.413   1.00 30.63 ? 42  ASP A O   1 
ATOM   334  C CB  . ASP A 1 42 ? 10.466  -6.152  8.003   1.00 32.91 ? 42  ASP A CB  1 
ATOM   335  C CG  . ASP A 1 42 ? 9.981   -5.305  9.195   1.00 39.63 ? 42  ASP A CG  1 
ATOM   336  O OD1 . ASP A 1 42 ? 10.364  -4.109  9.298   1.00 41.07 ? 42  ASP A OD1 1 
ATOM   337  O OD2 . ASP A 1 42 ? 9.224   -5.843  10.041  1.00 36.16 ? 42  ASP A OD2 1 
ATOM   338  N N   . ASN A 1 43 ? 7.619   -5.916  7.382   1.00 29.13 ? 43  ASN A N   1 
ATOM   339  C CA  . ASN A 1 43 ? 6.200   -6.183  7.260   1.00 25.79 ? 43  ASN A CA  1 
ATOM   340  C C   . ASN A 1 43 ? 5.533   -4.831  7.187   1.00 26.37 ? 43  ASN A C   1 
ATOM   341  O O   . ASN A 1 43 ? 6.089   -3.845  7.662   1.00 31.31 ? 43  ASN A O   1 
ATOM   342  C CB  . ASN A 1 43 ? 5.699   -6.935  8.484   1.00 29.93 ? 43  ASN A CB  1 
ATOM   343  C CG  . ASN A 1 43 ? 5.960   -8.420  8.388   1.00 33.96 ? 43  ASN A CG  1 
ATOM   344  O OD1 . ASN A 1 43 ? 5.028   -9.226  8.320   1.00 39.00 ? 43  ASN A OD1 1 
ATOM   345  N ND2 . ASN A 1 43 ? 7.229   -8.785  8.256   1.00 33.65 ? 43  ASN A ND2 1 
ATOM   346  N N   . CYS A 1 44 ? 4.379   -4.754  6.537   1.00 27.89 ? 44  CYS A N   1 
ATOM   347  C CA  . CYS A 1 44 ? 3.788   -3.450  6.314   1.00 28.10 ? 44  CYS A CA  1 
ATOM   348  C C   . CYS A 1 44 ? 3.168   -2.930  7.600   1.00 26.71 ? 44  CYS A C   1 
ATOM   349  O O   . CYS A 1 44 ? 2.472   -3.662  8.299   1.00 30.21 ? 44  CYS A O   1 
ATOM   350  C CB  . CYS A 1 44 ? 2.751   -3.488  5.198   1.00 25.36 ? 44  CYS A CB  1 
ATOM   351  S SG  . CYS A 1 44 ? 2.203   -1.818  4.751   1.00 23.78 ? 44  CYS A SG  1 
ATOM   352  N N   . PRO A 1 45 ? 3.603   -1.745  8.038   1.00 23.43 ? 45  PRO A N   1 
ATOM   353  C CA  . PRO A 1 45 ? 3.185   -1.165  9.319   1.00 22.92 ? 45  PRO A CA  1 
ATOM   354  C C   . PRO A 1 45 ? 1.675   -1.005  9.446   1.00 23.06 ? 45  PRO A C   1 
ATOM   355  O O   . PRO A 1 45 ? 0.993   -0.709  8.472   1.00 26.12 ? 45  PRO A O   1 
ATOM   356  C CB  . PRO A 1 45 ? 3.897   0.187   9.349   1.00 24.22 ? 45  PRO A CB  1 
ATOM   357  C CG  . PRO A 1 45 ? 5.103   0.002   8.461   1.00 23.76 ? 45  PRO A CG  1 
ATOM   358  C CD  . PRO A 1 45 ? 4.667   -0.959  7.386   1.00 22.99 ? 45  PRO A CD  1 
ATOM   359  N N   . LYS A 1 46 ? 1.168   -1.202  10.655  1.00 24.37 ? 46  LYS A N   1 
ATOM   360  C CA  . LYS A 1 46 ? -0.230  -0.937  10.976  1.00 26.92 ? 46  LYS A CA  1 
ATOM   361  C C   . LYS A 1 46 ? -0.496  0.556   10.977  1.00 27.39 ? 46  LYS A C   1 
ATOM   362  O O   . LYS A 1 46 ? 0.388   1.362   11.260  1.00 31.25 ? 46  LYS A O   1 
ATOM   363  C CB  . LYS A 1 46 ? -0.581  -1.482  12.363  1.00 31.14 ? 46  LYS A CB  1 
ATOM   364  C CG  . LYS A 1 46 ? -1.149  -2.883  12.374  1.00 32.15 ? 46  LYS A CG  1 
ATOM   365  C CD  . LYS A 1 46 ? -0.062  -3.925  12.151  1.00 37.06 ? 46  LYS A CD  1 
ATOM   366  C CE  . LYS A 1 46 ? -0.572  -5.331  12.467  1.00 38.99 ? 46  LYS A CE  1 
ATOM   367  N NZ  . LYS A 1 46 ? -1.707  -5.738  11.591  1.00 40.65 ? 46  LYS A NZ  1 
ATOM   368  N N   . ASN A 1 47 ? -1.754  0.915   10.775  1.00 29.35 ? 47  ASN A N   1 
ATOM   369  C CA  . ASN A 1 47 ? -2.172  2.298   10.880  1.00 28.11 ? 47  ASN A CA  1 
ATOM   370  C C   . ASN A 1 47 ? -1.932  2.759   12.304  1.00 26.03 ? 47  ASN A C   1 
ATOM   371  O O   . ASN A 1 47 ? -2.020  1.960   13.243  1.00 25.87 ? 47  ASN A O   1 
ATOM   372  C CB  . ASN A 1 47 ? -3.651  2.411   10.528  1.00 29.84 ? 47  ASN A CB  1 
ATOM   373  C CG  . ASN A 1 47 ? -3.888  2.876   9.094   1.00 31.82 ? 47  ASN A CG  1 
ATOM   374  O OD1 . ASN A 1 47 ? -4.811  3.642   8.847   1.00 35.29 ? 47  ASN A OD1 1 
ATOM   375  N ND2 . ASN A 1 47 ? -3.107  2.365   8.144   1.00 25.01 ? 47  ASN A ND2 1 
ATOM   376  N N   . SER A 1 48 ? -1.565  4.030   12.457  1.00 27.11 ? 48  SER A N   1 
ATOM   377  C CA  . SER A 1 48 ? -1.318  4.613   13.774  1.00 27.12 ? 48  SER A CA  1 
ATOM   378  C C   . SER A 1 48 ? -2.344  5.713   14.120  1.00 30.24 ? 48  SER A C   1 
ATOM   379  O O   . SER A 1 48 ? -3.214  6.050   13.316  1.00 28.52 ? 48  SER A O   1 
ATOM   380  C CB  . SER A 1 48 ? 0.123   5.151   13.853  1.00 29.64 ? 48  SER A CB  1 
ATOM   381  O OG  . SER A 1 48 ? 0.218   6.525   13.502  1.00 29.80 ? 48  SER A OG  1 
ATOM   382  N N   . ALA A 1 49 ? -2.279  6.201   15.353  1.00 31.85 ? 49  ALA A N   1 
ATOM   383  C CA  . ALA A 1 49 ? -3.157  7.251   15.840  1.00 30.53 ? 49  ALA A CA  1 
ATOM   384  C C   . ALA A 1 49 ? -3.354  8.354   14.814  1.00 31.17 ? 49  ALA A C   1 
ATOM   385  O O   . ALA A 1 49 ? -4.469  8.840   14.627  1.00 31.38 ? 49  ALA A O   1 
ATOM   386  C CB  . ALA A 1 49 ? -2.584  7.836   17.116  1.00 30.48 ? 49  ALA A CB  1 
ATOM   387  N N   . LEU A 1 50 ? -2.263  8.758   14.167  1.00 34.15 ? 50  LEU A N   1 
ATOM   388  C CA  . LEU A 1 50 ? -2.280  9.944   13.309  1.00 33.28 ? 50  LEU A CA  1 
ATOM   389  C C   . LEU A 1 50 ? -1.804  9.724   11.865  1.00 31.79 ? 50  LEU A C   1 
ATOM   390  O O   . LEU A 1 50 ? -2.038  10.574  11.002  1.00 30.96 ? 50  LEU A O   1 
ATOM   391  C CB  . LEU A 1 50 ? -1.465  11.071  13.964  1.00 35.90 ? 50  LEU A CB  1 
ATOM   392  C CG  . LEU A 1 50 ? 0.024   11.165  13.630  1.00 37.55 ? 50  LEU A CG  1 
ATOM   393  C CD1 . LEU A 1 50 ? 0.274   12.390  12.759  1.00 35.38 ? 50  LEU A CD1 1 
ATOM   394  C CD2 . LEU A 1 50 ? 0.845   11.240  14.910  1.00 38.62 ? 50  LEU A CD2 1 
ATOM   395  N N   . LEU A 1 51 ? -1.120  8.613   11.611  1.00 28.09 ? 51  LEU A N   1 
ATOM   396  C CA  . LEU A 1 51 ? -0.640  8.288   10.270  1.00 23.20 ? 51  LEU A CA  1 
ATOM   397  C C   . LEU A 1 51 ? -1.435  7.120   9.721   1.00 21.19 ? 51  LEU A C   1 
ATOM   398  O O   . LEU A 1 51 ? -1.754  6.197   10.454  1.00 24.45 ? 51  LEU A O   1 
ATOM   399  C CB  . LEU A 1 51 ? 0.845   7.888   10.305  1.00 26.37 ? 51  LEU A CB  1 
ATOM   400  C CG  . LEU A 1 51 ? 1.940   8.844   10.795  1.00 24.02 ? 51  LEU A CG  1 
ATOM   401  C CD1 . LEU A 1 51 ? 3.311   8.287   10.456  1.00 20.27 ? 51  LEU A CD1 1 
ATOM   402  C CD2 . LEU A 1 51 ? 1.778   10.188  10.143  1.00 27.03 ? 51  LEU A CD2 1 
ATOM   403  N N   . LYS A 1 52 ? -1.648  7.099   8.412   1.00 23.07 ? 52  LYS A N   1 
ATOM   404  C CA  . LYS A 1 52 ? -2.100  5.887   7.717   1.00 19.11 ? 52  LYS A CA  1 
ATOM   405  C C   . LYS A 1 52 ? -0.973  5.381   6.814   1.00 19.23 ? 52  LYS A C   1 
ATOM   406  O O   . LYS A 1 52 ? -0.339  6.172   6.124   1.00 18.99 ? 52  LYS A O   1 
ATOM   407  C CB  . LYS A 1 52 ? -3.371  6.195   6.911   1.00 21.75 ? 52  LYS A CB  1 
ATOM   408  C CG  . LYS A 1 52 ? -3.346  5.822   5.450   1.00 24.69 ? 52  LYS A CG  1 
ATOM   409  C CD  . LYS A 1 52 ? -3.845  6.977   4.582   1.00 33.33 ? 52  LYS A CD  1 
ATOM   410  C CE  . LYS A 1 52 ? -4.092  6.540   3.131   1.00 37.84 ? 52  LYS A CE  1 
ATOM   411  N NZ  . LYS A 1 52 ? -5.296  5.658   2.969   1.00 37.27 ? 52  LYS A NZ  1 
ATOM   412  N N   . TYR A 1 53 ? -0.592  4.116   6.967   1.00 20.87 ? 53  TYR A N   1 
ATOM   413  C CA  . TYR A 1 53 ? 0.506   3.556   6.166   1.00 24.21 ? 53  TYR A CA  1 
ATOM   414  C C   . TYR A 1 53 ? 0.021   2.743   4.953   1.00 25.36 ? 53  TYR A C   1 
ATOM   415  O O   . TYR A 1 53 ? -1.119  2.263   4.909   1.00 28.61 ? 53  TYR A O   1 
ATOM   416  C CB  . TYR A 1 53 ? 1.413   2.671   7.021   1.00 21.25 ? 53  TYR A CB  1 
ATOM   417  C CG  . TYR A 1 53 ? 2.255   3.406   8.014   1.00 23.75 ? 53  TYR A CG  1 
ATOM   418  C CD1 . TYR A 1 53 ? 1.763   3.701   9.271   1.00 24.93 ? 53  TYR A CD1 1 
ATOM   419  C CD2 . TYR A 1 53 ? 3.577   3.756   7.721   1.00 30.53 ? 53  TYR A CD2 1 
ATOM   420  C CE1 . TYR A 1 53 ? 2.556   4.324   10.228  1.00 28.18 ? 53  TYR A CE1 1 
ATOM   421  C CE2 . TYR A 1 53 ? 4.383   4.383   8.667   1.00 26.28 ? 53  TYR A CE2 1 
ATOM   422  C CZ  . TYR A 1 53 ? 3.861   4.662   9.921   1.00 27.08 ? 53  TYR A CZ  1 
ATOM   423  O OH  . TYR A 1 53 ? 4.627   5.280   10.878  1.00 30.32 ? 53  TYR A OH  1 
ATOM   424  N N   . VAL A 1 54 ? 0.920   2.545   3.998   1.00 22.65 ? 54  VAL A N   1 
ATOM   425  C CA  . VAL A 1 54 ? 0.560   2.011   2.698   1.00 22.82 ? 54  VAL A CA  1 
ATOM   426  C C   . VAL A 1 54 ? 1.850   1.531   2.056   1.00 20.62 ? 54  VAL A C   1 
ATOM   427  O O   . VAL A 1 54 ? 2.816   2.277   1.999   1.00 18.89 ? 54  VAL A O   1 
ATOM   428  C CB  . VAL A 1 54 ? -0.149  3.123   1.829   1.00 23.13 ? 54  VAL A CB  1 
ATOM   429  C CG1 . VAL A 1 54 ? 0.180   2.995   0.349   1.00 14.75 ? 54  VAL A CG1 1 
ATOM   430  C CG2 . VAL A 1 54 ? -1.640  3.035   2.025   1.00 19.23 ? 54  VAL A CG2 1 
ATOM   431  N N   . CYS A 1 55 ? 1.851   0.280   1.595   1.00 23.64 ? 55  CYS A N   1 
ATOM   432  C CA  . CYS A 1 55 ? 3.041   -0.388  1.067   1.00 20.86 ? 55  CYS A CA  1 
ATOM   433  C C   . CYS A 1 55 ? 2.884   -0.851  -0.378  1.00 18.70 ? 55  CYS A C   1 
ATOM   434  O O   . CYS A 1 55 ? 1.783   -1.071  -0.846  1.00 21.45 ? 55  CYS A O   1 
ATOM   435  C CB  . CYS A 1 55 ? 3.376   -1.578  1.955   1.00 23.87 ? 55  CYS A CB  1 
ATOM   436  S SG  . CYS A 1 55 ? 3.740   -1.089  3.662   1.00 24.74 ? 55  CYS A SG  1 
ATOM   437  N N   . CYS A 1 56 ? 3.990   -0.966  -1.097  1.00 20.37 ? 56  CYS A N   1 
ATOM   438  C CA  . CYS A 1 56 ? 3.977   -1.543  -2.430  1.00 20.95 ? 56  CYS A CA  1 
ATOM   439  C C   . CYS A 1 56 ? 5.325   -2.215  -2.651  1.00 23.08 ? 56  CYS A C   1 
ATOM   440  O O   . CYS A 1 56 ? 6.243   -2.009  -1.862  1.00 28.08 ? 56  CYS A O   1 
ATOM   441  C CB  . CYS A 1 56 ? 3.749   -0.447  -3.459  1.00 20.80 ? 56  CYS A CB  1 
ATOM   442  S SG  . CYS A 1 56 ? 4.832   0.985   -3.229  1.00 22.19 ? 56  CYS A SG  1 
ATOM   443  N N   . SER A 1 57 ? 5.476   -2.985  -3.718  1.00 23.79 ? 57  SER A N   1 
ATOM   444  C CA  . SER A 1 57 ? 6.623   -3.881  -3.808  1.00 27.23 ? 57  SER A CA  1 
ATOM   445  C C   . SER A 1 57 ? 7.437   -3.830  -5.104  1.00 28.27 ? 57  SER A C   1 
ATOM   446  O O   . SER A 1 57 ? 8.078   -4.815  -5.481  1.00 33.02 ? 57  SER A O   1 
ATOM   447  C CB  . SER A 1 57 ? 6.165   -5.311  -3.541  1.00 30.80 ? 57  SER A CB  1 
ATOM   448  O OG  . SER A 1 57 ? 4.961   -5.588  -4.236  1.00 30.02 ? 57  SER A OG  1 
ATOM   449  N N   . THR A 1 58 ? 7.434   -2.684  -5.772  1.00 31.94 ? 58  THR A N   1 
ATOM   450  C CA  . THR A 1 58 ? 8.340   -2.446  -6.893  1.00 34.92 ? 58  THR A CA  1 
ATOM   451  C C   . THR A 1 58 ? 9.241   -1.251  -6.590  1.00 32.88 ? 58  THR A C   1 
ATOM   452  O O   . THR A 1 58 ? 8.920   -0.420  -5.736  1.00 32.04 ? 58  THR A O   1 
ATOM   453  C CB  . THR A 1 58 ? 7.560   -2.141  -8.180  1.00 35.13 ? 58  THR A CB  1 
ATOM   454  O OG1 . THR A 1 58 ? 6.263   -1.635  -7.837  1.00 32.58 ? 58  THR A OG1 1 
ATOM   455  C CG2 . THR A 1 58 ? 7.423   -3.394  -9.045  1.00 31.79 ? 58  THR A CG2 1 
ATOM   456  N N   . ASP A 1 59 ? 10.340  -1.131  -7.324  1.00 32.07 ? 59  ASP A N   1 
ATOM   457  C CA  . ASP A 1 59 ? 11.235  -0.004  -7.147  1.00 36.93 ? 59  ASP A CA  1 
ATOM   458  C C   . ASP A 1 59 ? 10.514  1.332   -7.274  1.00 33.70 ? 59  ASP A C   1 
ATOM   459  O O   . ASP A 1 59 ? 9.726   1.539   -8.203  1.00 27.40 ? 59  ASP A O   1 
ATOM   460  C CB  . ASP A 1 59 ? 12.380  -0.060  -8.155  1.00 36.74 ? 59  ASP A CB  1 
ATOM   461  C CG  . ASP A 1 59 ? 13.272  -1.244  -7.941  1.00 36.45 ? 59  ASP A CG  1 
ATOM   462  O OD1 . ASP A 1 59 ? 13.453  -1.635  -6.772  1.00 33.91 ? 59  ASP A OD1 1 
ATOM   463  O OD2 . ASP A 1 59 ? 13.779  -1.792  -8.940  1.00 31.13 ? 59  ASP A OD2 1 
ATOM   464  N N   . LYS A 1 60 ? 10.644  2.124   -6.212  1.00 22.42 ? 60  LYS A N   1 
ATOM   465  C CA  . LYS A 1 60 ? 10.321  3.540   -6.197  1.00 20.14 ? 60  LYS A CA  1 
ATOM   466  C C   . LYS A 1 60 ? 8.833   3.765   -6.351  1.00 21.84 ? 60  LYS A C   1 
ATOM   467  O O   . LYS A 1 60 ? 8.406   4.838   -6.736  1.00 24.55 ? 60  LYS A O   1 
ATOM   468  C CB  . LYS A 1 60 ? 11.111  4.268   -7.283  1.00 20.82 ? 60  LYS A CB  1 
ATOM   469  C CG  . LYS A 1 60 ? 12.624  4.143   -7.103  1.00 27.33 ? 60  LYS A CG  1 
ATOM   470  C CD  . LYS A 1 60 ? 13.370  4.982   -8.117  1.00 31.85 ? 60  LYS A CD  1 
ATOM   471  C CE  . LYS A 1 60 ? 14.228  4.126   -9.030  1.00 35.24 ? 60  LYS A CE  1 
ATOM   472  N NZ  . LYS A 1 60 ? 14.838  4.938   -10.136 1.00 38.61 ? 60  LYS A NZ  1 
ATOM   473  N N   . CYS A 1 61 ? 8.047   2.821   -5.857  1.00 20.05 ? 61  CYS A N   1 
ATOM   474  C CA  . CYS A 1 61 ? 6.608   2.881   -6.006  1.00 21.54 ? 61  CYS A CA  1 
ATOM   475  C C   . CYS A 1 61 ? 5.934   3.745   -4.939  1.00 22.77 ? 61  CYS A C   1 
ATOM   476  O O   . CYS A 1 61 ? 4.708   3.835   -4.922  1.00 26.19 ? 61  CYS A O   1 
ATOM   477  C CB  . CYS A 1 61 ? 6.023   1.465   -5.963  1.00 17.04 ? 61  CYS A CB  1 
ATOM   478  S SG  . CYS A 1 61 ? 6.424   0.600   -4.419  1.00 18.97 ? 61  CYS A SG  1 
ATOM   479  N N   . ASN A 1 62 ? 6.709   4.347   -4.034  1.00 21.46 ? 62  ASN A N   1 
ATOM   480  C CA  . ASN A 1 62 ? 6.124   4.972   -2.834  1.00 24.90 ? 62  ASN A CA  1 
ATOM   481  C C   . ASN A 1 62 ? 6.218   6.498   -2.815  1.00 25.30 ? 62  ASN A C   1 
ATOM   482  O O   . ASN A 1 62 ? 6.337   7.115   -3.896  1.00 29.45 ? 62  ASN A O   1 
ATOM   483  C CB  . ASN A 1 62 ? 6.772   4.408   -1.568  1.00 19.13 ? 62  ASN A CB  1 
ATOM   484  C CG  . ASN A 1 62 ? 8.233   4.749   -1.476  1.00 20.40 ? 62  ASN A CG  1 
ATOM   485  O OD1 . ASN A 1 62 ? 8.938   4.779   -2.485  1.00 21.98 ? 62  ASN A OD1 1 
ATOM   486  N ND2 . ASN A 1 62 ? 8.696   5.047   -0.276  1.00 22.90 ? 62  ASN A ND2 1 
ATOM   487  O OXT . ASN A 1 62 ? 6.167   7.072   -1.708  1.00 28.35 ? 62  ASN A OXT 1 
ATOM   488  N N   . LEU B 1 1  ? -8.196  -10.329 10.000  1.00 33.97 ? 1   LEU B N   1 
ATOM   489  C CA  . LEU B 1 1  ? -8.197  -9.212  9.059   1.00 31.12 ? 1   LEU B CA  1 
ATOM   490  C C   . LEU B 1 1  ? -9.450  -9.314  8.189   1.00 32.65 ? 1   LEU B C   1 
ATOM   491  O O   . LEU B 1 1  ? -9.873  -10.414 7.826   1.00 31.75 ? 1   LEU B O   1 
ATOM   492  C CB  . LEU B 1 1  ? -6.927  -9.237  8.181   1.00 24.72 ? 1   LEU B CB  1 
ATOM   493  C CG  . LEU B 1 1  ? -6.489  -8.027  7.343   1.00 16.30 ? 1   LEU B CG  1 
ATOM   494  C CD1 . LEU B 1 1  ? -6.284  -6.813  8.190   1.00 19.22 ? 1   LEU B CD1 1 
ATOM   495  C CD2 . LEU B 1 1  ? -5.215  -8.354  6.652   1.00 14.32 ? 1   LEU B CD2 1 
ATOM   496  N N   . LYS B 1 2  ? -10.147 -8.192  8.047   1.00 30.93 ? 2   LYS B N   1 
ATOM   497  C CA  . LYS B 1 2  ? -11.218 -8.067  7.075   1.00 27.15 ? 2   LYS B CA  1 
ATOM   498  C C   . LYS B 1 2  ? -10.726 -7.099  6.022   1.00 27.87 ? 2   LYS B C   1 
ATOM   499  O O   . LYS B 1 2  ? -10.132 -6.062  6.341   1.00 28.15 ? 2   LYS B O   1 
ATOM   500  C CB  . LYS B 1 2  ? -12.471 -7.526  7.759   1.00 31.17 ? 2   LYS B CB  1 
ATOM   501  C CG  . LYS B 1 2  ? -13.030 -8.480  8.811   1.00 32.30 ? 2   LYS B CG  1 
ATOM   502  C CD  . LYS B 1 2  ? -14.073 -7.818  9.693   1.00 31.64 ? 2   LYS B CD  1 
ATOM   503  C CE  . LYS B 1 2  ? -13.428 -6.903  10.712  1.00 33.35 ? 2   LYS B CE  1 
ATOM   504  N NZ  . LYS B 1 2  ? -12.559 -7.671  11.638  1.00 34.01 ? 2   LYS B NZ  1 
ATOM   505  N N   . CYS B 1 3  ? -10.856 -7.476  4.763   1.00 26.38 ? 3   CYS B N   1 
ATOM   506  C CA  . CYS B 1 3  ? -10.461 -6.561  3.709   1.00 27.54 ? 3   CYS B CA  1 
ATOM   507  C C   . CYS B 1 3  ? -11.644 -6.205  2.834   1.00 26.23 ? 3   CYS B C   1 
ATOM   508  O O   . CYS B 1 3  ? -12.513 -7.041  2.626   1.00 27.18 ? 3   CYS B O   1 
ATOM   509  C CB  . CYS B 1 3  ? -9.364  -7.185  2.859   1.00 26.13 ? 3   CYS B CB  1 
ATOM   510  S SG  . CYS B 1 3  ? -7.810  -7.474  3.752   1.00 24.10 ? 3   CYS B SG  1 
ATOM   511  N N   . HIS B 1 4  ? -11.658 -4.992  2.283   1.00 24.20 ? 4   HIS B N   1 
ATOM   512  C CA  . HIS B 1 4  ? -12.580 -4.679  1.194   1.00 26.63 ? 4   HIS B CA  1 
ATOM   513  C C   . HIS B 1 4  ? -12.267 -5.544  -0.022  1.00 26.65 ? 4   HIS B C   1 
ATOM   514  O O   . HIS B 1 4  ? -11.106 -5.697  -0.409  1.00 28.95 ? 4   HIS B O   1 
ATOM   515  C CB  . HIS B 1 4  ? -12.486 -3.203  0.808   1.00 26.83 ? 4   HIS B CB  1 
ATOM   516  C CG  . HIS B 1 4  ? -12.966 -2.269  1.872   1.00 20.93 ? 4   HIS B CG  1 
ATOM   517  N ND1 . HIS B 1 4  ? -12.125 -1.410  2.539   1.00 26.89 ? 4   HIS B ND1 1 
ATOM   518  C CD2 . HIS B 1 4  ? -14.202 -2.051  2.372   1.00 24.26 ? 4   HIS B CD2 1 
ATOM   519  C CE1 . HIS B 1 4  ? -12.825 -0.701  3.412   1.00 24.81 ? 4   HIS B CE1 1 
ATOM   520  N NE2 . HIS B 1 4  ? -14.088 -1.070  3.326   1.00 20.22 ? 4   HIS B NE2 1 
ATOM   521  N N   . ASN B 1 5  ? -13.286 -6.163  -0.602  1.00 23.26 ? 5   ASN B N   1 
ATOM   522  C CA  . ASN B 1 5  ? -13.014 -7.137  -1.641  1.00 24.91 ? 5   ASN B CA  1 
ATOM   523  C C   . ASN B 1 5  ? -13.933 -7.010  -2.811  1.00 22.25 ? 5   ASN B C   1 
ATOM   524  O O   . ASN B 1 5  ? -14.071 -7.952  -3.575  1.00 25.83 ? 5   ASN B O   1 
ATOM   525  C CB  . ASN B 1 5  ? -13.097 -8.556  -1.086  1.00 24.55 ? 5   ASN B CB  1 
ATOM   526  C CG  . ASN B 1 5  ? -14.511 -8.966  -0.768  1.00 25.31 ? 5   ASN B CG  1 
ATOM   527  O OD1 . ASN B 1 5  ? -15.218 -8.272  -0.054  1.00 25.53 ? 5   ASN B OD1 1 
ATOM   528  N ND2 . ASN B 1 5  ? -14.937 -10.089 -1.316  1.00 31.79 ? 5   ASN B ND2 1 
ATOM   529  N N   . THR B 1 6  ? -14.659 -5.904  -2.879  1.00 23.03 ? 6   THR B N   1 
ATOM   530  C CA  . THR B 1 6  ? -15.375 -5.539  -4.098  1.00 21.77 ? 6   THR B CA  1 
ATOM   531  C C   . THR B 1 6  ? -14.907 -4.124  -4.457  1.00 27.53 ? 6   THR B C   1 
ATOM   532  O O   . THR B 1 6  ? -13.882 -3.674  -3.925  1.00 26.90 ? 6   THR B O   1 
ATOM   533  C CB  . THR B 1 6  ? -16.902 -5.601  -3.890  1.00 12.12 ? 6   THR B CB  1 
ATOM   534  O OG1 . THR B 1 6  ? -17.346 -4.497  -3.102  1.00 16.39 ? 6   THR B OG1 1 
ATOM   535  C CG2 . THR B 1 6  ? -17.283 -6.893  -3.171  1.00 17.65 ? 6   THR B CG2 1 
ATOM   536  N N   . GLN B 1 7  ? -15.596 -3.429  -5.366  1.00 26.98 ? 7   GLN B N   1 
ATOM   537  C CA  . GLN B 1 7  ? -15.274 -2.015  -5.630  1.00 27.77 ? 7   GLN B CA  1 
ATOM   538  C C   . GLN B 1 7  ? -16.052 -1.090  -4.696  1.00 24.51 ? 7   GLN B C   1 
ATOM   539  O O   . GLN B 1 7  ? -15.678 0.060   -4.505  1.00 22.84 ? 7   GLN B O   1 
ATOM   540  C CB  . GLN B 1 7  ? -15.590 -1.653  -7.077  1.00 26.18 ? 7   GLN B CB  1 
ATOM   541  C CG  . GLN B 1 7  ? -14.870 -2.504  -8.108  1.00 29.19 ? 7   GLN B CG  1 
ATOM   542  C CD  . GLN B 1 7  ? -15.389 -2.273  -9.518  1.00 29.65 ? 7   GLN B CD  1 
ATOM   543  O OE1 . GLN B 1 7  ? -14.614 -2.113  -10.451 1.00 32.40 ? 7   GLN B OE1 1 
ATOM   544  N NE2 . GLN B 1 7  ? -16.712 -2.258  -9.677  1.00 26.05 ? 7   GLN B NE2 1 
ATOM   545  N N   . LEU B 1 8  ? -17.040 -1.655  -4.006  1.00 29.22 ? 8   LEU B N   1 
ATOM   546  C CA  . LEU B 1 8  ? -18.011 -0.891  -3.233  1.00 33.25 ? 8   LEU B CA  1 
ATOM   547  C C   . LEU B 1 8  ? -17.658 -0.952  -1.754  1.00 37.94 ? 8   LEU B C   1 
ATOM   548  O O   . LEU B 1 8  ? -16.866 -1.807  -1.347  1.00 41.02 ? 8   LEU B O   1 
ATOM   549  C CB  . LEU B 1 8  ? -19.405 -1.472  -3.453  1.00 33.56 ? 8   LEU B CB  1 
ATOM   550  C CG  . LEU B 1 8  ? -20.101 -1.017  -4.735  1.00 32.58 ? 8   LEU B CG  1 
ATOM   551  C CD1 . LEU B 1 8  ? -19.752 -1.923  -5.906  1.00 34.80 ? 8   LEU B CD1 1 
ATOM   552  C CD2 . LEU B 1 8  ? -21.572 -1.056  -4.502  1.00 34.49 ? 8   LEU B CD2 1 
ATOM   553  N N   . PRO B 1 9  ? -18.238 -0.050  -0.928  1.00 34.71 ? 9   PRO B N   1 
ATOM   554  C CA  . PRO B 1 9  ? -17.602 0.300   0.345   1.00 30.07 ? 9   PRO B CA  1 
ATOM   555  C C   . PRO B 1 9  ? -17.920 -0.509  1.624   1.00 30.72 ? 9   PRO B C   1 
ATOM   556  O O   . PRO B 1 9  ? -17.165 -0.407  2.599   1.00 35.84 ? 9   PRO B O   1 
ATOM   557  C CB  . PRO B 1 9  ? -17.942 1.771   0.508   1.00 29.77 ? 9   PRO B CB  1 
ATOM   558  C CG  . PRO B 1 9  ? -19.233 1.910   -0.170  1.00 31.63 ? 9   PRO B CG  1 
ATOM   559  C CD  . PRO B 1 9  ? -19.177 1.005   -1.351  1.00 33.75 ? 9   PRO B CD  1 
ATOM   560  N N   . PHE B 1 10 ? -18.969 -1.330  1.647   1.00 20.22 ? 10  PHE B N   1 
ATOM   561  C CA  . PHE B 1 10 ? -19.252 -2.068  2.887   1.00 25.52 ? 10  PHE B CA  1 
ATOM   562  C C   . PHE B 1 10 ? -19.251 -3.600  2.756   1.00 26.65 ? 10  PHE B C   1 
ATOM   563  O O   . PHE B 1 10 ? -19.598 -4.309  3.696   1.00 27.68 ? 10  PHE B O   1 
ATOM   564  C CB  . PHE B 1 10 ? -20.573 -1.597  3.494   1.00 23.22 ? 10  PHE B CB  1 
ATOM   565  C CG  . PHE B 1 10 ? -20.644 -0.105  3.730   1.00 29.25 ? 10  PHE B CG  1 
ATOM   566  C CD1 . PHE B 1 10 ? -19.846 0.504   4.691   1.00 32.98 ? 10  PHE B CD1 1 
ATOM   567  C CD2 . PHE B 1 10 ? -21.415 0.706   2.909   1.00 27.24 ? 10  PHE B CD2 1 
ATOM   568  C CE1 . PHE B 1 10 ? -19.796 1.906   4.811   1.00 31.16 ? 10  PHE B CE1 1 
ATOM   569  C CE2 . PHE B 1 10 ? -21.369 2.100   3.022   1.00 29.21 ? 10  PHE B CE2 1 
ATOM   570  C CZ  . PHE B 1 10 ? -20.551 2.698   3.970   1.00 24.64 ? 10  PHE B CZ  1 
ATOM   571  N N   . ILE B 1 11 ? -18.926 -4.104  1.571   1.00 31.62 ? 11  ILE B N   1 
ATOM   572  C CA  . ILE B 1 11 ? -18.717 -5.541  1.376   1.00 27.47 ? 11  ILE B CA  1 
ATOM   573  C C   . ILE B 1 11 ? -17.233 -5.857  1.644   1.00 27.70 ? 11  ILE B C   1 
ATOM   574  O O   . ILE B 1 11 ? -16.320 -5.233  1.071   1.00 23.55 ? 11  ILE B O   1 
ATOM   575  C CB  . ILE B 1 11 ? -19.131 -6.007  -0.083  1.00 25.28 ? 11  ILE B CB  1 
ATOM   576  C CG1 . ILE B 1 11 ? -20.600 -5.664  -0.374  1.00 28.50 ? 11  ILE B CG1 1 
ATOM   577  C CG2 . ILE B 1 11 ? -19.001 -7.514  -0.228  1.00 28.73 ? 11  ILE B CG2 1 
ATOM   578  C CD1 . ILE B 1 11 ? -20.822 -4.375  -1.166  1.00 16.09 ? 11  ILE B CD1 1 
ATOM   579  N N   . TYR B 1 12 ? -17.018 -6.671  2.669   1.00 24.00 ? 12  TYR B N   1 
ATOM   580  C CA  . TYR B 1 12 ? -15.692 -7.122  3.023   1.00 28.57 ? 12  TYR B CA  1 
ATOM   581  C C   . TYR B 1 12 ? -15.721 -8.591  3.400   1.00 27.67 ? 12  TYR B C   1 
ATOM   582  O O   . TYR B 1 12 ? -16.718 -9.093  3.922   1.00 27.56 ? 12  TYR B O   1 
ATOM   583  C CB  . TYR B 1 12 ? -15.140 -6.297  4.186   1.00 33.59 ? 12  TYR B CB  1 
ATOM   584  C CG  . TYR B 1 12 ? -15.932 -6.418  5.458   1.00 40.28 ? 12  TYR B CG  1 
ATOM   585  C CD1 . TYR B 1 12 ? -15.717 -7.488  6.336   1.00 45.91 ? 12  TYR B CD1 1 
ATOM   586  C CD2 . TYR B 1 12 ? -16.914 -5.471  5.783   1.00 44.71 ? 12  TYR B CD2 1 
ATOM   587  C CE1 . TYR B 1 12 ? -16.471 -7.626  7.519   1.00 48.64 ? 12  TYR B CE1 1 
ATOM   588  C CE2 . TYR B 1 12 ? -17.676 -5.590  6.966   1.00 48.52 ? 12  TYR B CE2 1 
ATOM   589  C CZ  . TYR B 1 12 ? -17.448 -6.674  7.832   1.00 46.72 ? 12  TYR B CZ  1 
ATOM   590  O OH  . TYR B 1 12 ? -18.185 -6.805  9.001   1.00 47.45 ? 12  TYR B OH  1 
ATOM   591  N N   . LYS B 1 13 ? -14.622 -9.276  3.109   1.00 30.86 ? 13  LYS B N   1 
ATOM   592  C CA  . LYS B 1 13 ? -14.452 -10.666 3.476   1.00 29.67 ? 13  LYS B CA  1 
ATOM   593  C C   . LYS B 1 13 ? -13.288 -10.771 4.434   1.00 32.87 ? 13  LYS B C   1 
ATOM   594  O O   . LYS B 1 13 ? -12.322 -9.991  4.361   1.00 32.41 ? 13  LYS B O   1 
ATOM   595  C CB  . LYS B 1 13 ? -14.177 -11.524 2.243   1.00 29.62 ? 13  LYS B CB  1 
ATOM   596  C CG  . LYS B 1 13 ? -12.736 -11.532 1.768   1.00 30.15 ? 13  LYS B CG  1 
ATOM   597  C CD  . LYS B 1 13 ? -12.495 -12.713 0.844   1.00 34.90 ? 13  LYS B CD  1 
ATOM   598  C CE  . LYS B 1 13 ? -11.013 -12.983 0.658   1.00 37.22 ? 13  LYS B CE  1 
ATOM   599  N NZ  . LYS B 1 13 ? -10.718 -14.391 0.221   1.00 38.31 ? 13  LYS B NZ  1 
ATOM   600  N N   . THR B 1 14 ? -13.411 -11.717 5.356   1.00 30.21 ? 14  THR B N   1 
ATOM   601  C CA  . THR B 1 14 ? -12.380 -12.006 6.337   1.00 26.05 ? 14  THR B CA  1 
ATOM   602  C C   . THR B 1 14 ? -11.282 -12.818 5.674   1.00 26.12 ? 14  THR B C   1 
ATOM   603  O O   . THR B 1 14 ? -11.552 -13.731 4.880   1.00 26.19 ? 14  THR B O   1 
ATOM   604  C CB  . THR B 1 14 ? -12.978 -12.788 7.469   1.00 26.20 ? 14  THR B CB  1 
ATOM   605  O OG1 . THR B 1 14 ? -14.363 -12.435 7.569   1.00 34.14 ? 14  THR B OG1 1 
ATOM   606  C CG2 . THR B 1 14 ? -12.279 -12.466 8.781   1.00 30.85 ? 14  THR B CG2 1 
ATOM   607  N N   . CYS B 1 15 ? -10.054 -12.351 5.846   1.00 26.53 ? 15  CYS B N   1 
ATOM   608  C CA  . CYS B 1 15 ? -8.940  -12.912 5.112   1.00 29.46 ? 15  CYS B CA  1 
ATOM   609  C C   . CYS B 1 15 ? -8.491  -14.271 5.679   1.00 30.98 ? 15  CYS B C   1 
ATOM   610  O O   . CYS B 1 15 ? -8.369  -14.440 6.903   1.00 26.88 ? 15  CYS B O   1 
ATOM   611  C CB  . CYS B 1 15 ? -7.779  -11.911 5.083   1.00 30.50 ? 15  CYS B CB  1 
ATOM   612  S SG  . CYS B 1 15 ? -8.072  -10.443 4.048   1.00 26.93 ? 15  CYS B SG  1 
ATOM   613  N N   . PRO B 1 16 ? -8.256  -15.256 4.785   1.00 28.46 ? 16  PRO B N   1 
ATOM   614  C CA  . PRO B 1 16 ? -7.693  -16.584 5.064   1.00 29.96 ? 16  PRO B CA  1 
ATOM   615  C C   . PRO B 1 16 ? -6.437  -16.479 5.918   1.00 32.40 ? 16  PRO B C   1 
ATOM   616  O O   . PRO B 1 16 ? -5.728  -15.474 5.844   1.00 32.95 ? 16  PRO B O   1 
ATOM   617  C CB  . PRO B 1 16 ? -7.342  -17.120 3.675   1.00 27.05 ? 16  PRO B CB  1 
ATOM   618  C CG  . PRO B 1 16 ? -8.220  -16.361 2.729   1.00 29.75 ? 16  PRO B CG  1 
ATOM   619  C CD  . PRO B 1 16 ? -8.375  -15.006 3.333   1.00 27.92 ? 16  PRO B CD  1 
ATOM   620  N N   . GLU B 1 17 ? -6.031  -17.597 6.522   1.00 35.97 ? 17  GLU B N   1 
ATOM   621  C CA  . GLU B 1 17 ? -4.941  -17.567 7.502   1.00 37.42 ? 17  GLU B CA  1 
ATOM   622  C C   . GLU B 1 17 ? -3.605  -17.123 6.941   1.00 34.72 ? 17  GLU B C   1 
ATOM   623  O O   . GLU B 1 17 ? -2.871  -16.377 7.594   1.00 35.63 ? 17  GLU B O   1 
ATOM   624  C CB  . GLU B 1 17 ? -4.783  -18.917 8.198   1.00 39.58 ? 17  GLU B CB  1 
ATOM   625  C CG  . GLU B 1 17 ? -4.950  -18.832 9.719   1.00 38.63 ? 17  GLU B CG  1 
ATOM   626  C CD  . GLU B 1 17 ? -6.401  -18.642 10.140  1.00 40.81 ? 17  GLU B CD  1 
ATOM   627  O OE1 . GLU B 1 17 ? -7.216  -19.536 9.824   1.00 41.41 ? 17  GLU B OE1 1 
ATOM   628  O OE2 . GLU B 1 17 ? -6.731  -17.608 10.783  1.00 39.74 ? 17  GLU B OE2 1 
ATOM   629  N N   . GLY B 1 18 ? -3.292  -17.565 5.730   1.00 33.65 ? 18  GLY B N   1 
ATOM   630  C CA  . GLY B 1 18 ? -2.081  -17.099 5.087   1.00 31.73 ? 18  GLY B CA  1 
ATOM   631  C C   . GLY B 1 18 ? -2.102  -15.592 4.898   1.00 33.56 ? 18  GLY B C   1 
ATOM   632  O O   . GLY B 1 18 ? -1.160  -14.898 5.268   1.00 38.82 ? 18  GLY B O   1 
ATOM   633  N N   . LYS B 1 19 ? -3.238  -15.072 4.451   1.00 33.77 ? 19  LYS B N   1 
ATOM   634  C CA  . LYS B 1 19 ? -3.302  -13.722 3.920   1.00 27.17 ? 19  LYS B CA  1 
ATOM   635  C C   . LYS B 1 19 ? -3.276  -12.711 5.045   1.00 25.58 ? 19  LYS B C   1 
ATOM   636  O O   . LYS B 1 19 ? -4.004  -12.850 6.023   1.00 28.69 ? 19  LYS B O   1 
ATOM   637  C CB  . LYS B 1 19 ? -4.580  -13.560 3.109   1.00 30.47 ? 19  LYS B CB  1 
ATOM   638  C CG  . LYS B 1 19 ? -4.936  -14.780 2.265   1.00 31.21 ? 19  LYS B CG  1 
ATOM   639  C CD  . LYS B 1 19 ? -3.834  -15.124 1.279   1.00 28.20 ? 19  LYS B CD  1 
ATOM   640  C CE  . LYS B 1 19 ? -4.404  -15.790 0.050   1.00 30.45 ? 19  LYS B CE  1 
ATOM   641  N NZ  . LYS B 1 19 ? -3.398  -15.823 -1.040  1.00 36.68 ? 19  LYS B NZ  1 
ATOM   642  N N   . ASN B 1 20 ? -2.439  -11.690 4.914   1.00 29.70 ? 20  ASN B N   1 
ATOM   643  C CA  . ASN B 1 20 ? -2.315  -10.690 5.975   1.00 33.78 ? 20  ASN B CA  1 
ATOM   644  C C   . ASN B 1 20 ? -2.233  -9.274  5.459   1.00 27.32 ? 20  ASN B C   1 
ATOM   645  O O   . ASN B 1 20 ? -1.997  -8.336  6.224   1.00 28.95 ? 20  ASN B O   1 
ATOM   646  C CB  . ASN B 1 20 ? -1.096  -10.979 6.844   1.00 35.23 ? 20  ASN B CB  1 
ATOM   647  C CG  . ASN B 1 20 ? -1.416  -11.916 7.961   1.00 33.41 ? 20  ASN B CG  1 
ATOM   648  O OD1 . ASN B 1 20 ? -1.671  -11.488 9.086   1.00 37.43 ? 20  ASN B OD1 1 
ATOM   649  N ND2 . ASN B 1 20 ? -1.588  -13.182 7.621   1.00 35.41 ? 20  ASN B ND2 1 
ATOM   650  N N   . LEU B 1 21 ? -2.620  -9.121  4.204   1.00 24.19 ? 21  LEU B N   1 
ATOM   651  C CA  . LEU B 1 21 ? -2.401  -7.898  3.462   1.00 21.54 ? 21  LEU B CA  1 
ATOM   652  C C   . LEU B 1 21 ? -3.647  -7.708  2.593   1.00 24.51 ? 21  LEU B C   1 
ATOM   653  O O   . LEU B 1 21 ? -4.140  -8.667  2.005   1.00 24.48 ? 21  LEU B O   1 
ATOM   654  C CB  . LEU B 1 21 ? -1.159  -8.067  2.579   1.00 19.99 ? 21  LEU B CB  1 
ATOM   655  C CG  . LEU B 1 21 ? 0.090   -7.172  2.660   1.00 22.83 ? 21  LEU B CG  1 
ATOM   656  C CD1 . LEU B 1 21 ? 0.184   -6.390  3.980   1.00 20.26 ? 21  LEU B CD1 1 
ATOM   657  C CD2 . LEU B 1 21 ? 1.311   -8.058  2.438   1.00 18.29 ? 21  LEU B CD2 1 
ATOM   658  N N   . CYS B 1 22 ? -4.301  -6.565  2.750   1.00 23.85 ? 22  CYS B N   1 
ATOM   659  C CA  . CYS B 1 22 ? -5.349  -6.158  1.829   1.00 20.54 ? 22  CYS B CA  1 
ATOM   660  C C   . CYS B 1 22 ? -4.625  -5.442  0.719   1.00 19.72 ? 22  CYS B C   1 
ATOM   661  O O   . CYS B 1 22 ? -3.720  -4.662  0.973   1.00 20.31 ? 22  CYS B O   1 
ATOM   662  C CB  . CYS B 1 22 ? -6.298  -5.163  2.488   1.00 21.46 ? 22  CYS B CB  1 
ATOM   663  S SG  . CYS B 1 22 ? -7.034  -5.634  4.079   1.00 21.29 ? 22  CYS B SG  1 
ATOM   664  N N   . PHE B 1 23 ? -5.058  -5.632  -0.510  1.00 22.19 ? 23  PHE B N   1 
ATOM   665  C CA  . PHE B 1 23 ? -4.492  -4.863  -1.600  1.00 18.48 ? 23  PHE B CA  1 
ATOM   666  C C   . PHE B 1 23 ? -5.613  -4.112  -2.307  1.00 18.58 ? 23  PHE B C   1 
ATOM   667  O O   . PHE B 1 23 ? -6.788  -4.332  -2.031  1.00 19.88 ? 23  PHE B O   1 
ATOM   668  C CB  . PHE B 1 23 ? -3.729  -5.802  -2.559  1.00 19.68 ? 23  PHE B CB  1 
ATOM   669  C CG  . PHE B 1 23 ? -4.614  -6.642  -3.431  1.00 17.98 ? 23  PHE B CG  1 
ATOM   670  C CD1 . PHE B 1 23 ? -5.122  -7.850  -2.972  1.00 16.45 ? 23  PHE B CD1 1 
ATOM   671  C CD2 . PHE B 1 23 ? -5.012  -6.185  -4.688  1.00 17.75 ? 23  PHE B CD2 1 
ATOM   672  C CE1 . PHE B 1 23 ? -6.025  -8.580  -3.750  1.00 17.32 ? 23  PHE B CE1 1 
ATOM   673  C CE2 . PHE B 1 23 ? -5.919  -6.924  -5.473  1.00 17.15 ? 23  PHE B CE2 1 
ATOM   674  C CZ  . PHE B 1 23 ? -6.426  -8.117  -4.998  1.00 15.33 ? 23  PHE B CZ  1 
ATOM   675  N N   . LYS B 1 24 ? -5.251  -3.115  -3.093  1.00 18.37 ? 24  LYS B N   1 
ATOM   676  C CA  . LYS B 1 24 ? -6.217  -2.371  -3.878  1.00 20.15 ? 24  LYS B CA  1 
ATOM   677  C C   . LYS B 1 24 ? -5.531  -2.108  -5.202  1.00 23.50 ? 24  LYS B C   1 
ATOM   678  O O   . LYS B 1 24 ? -4.433  -1.554  -5.216  1.00 24.38 ? 24  LYS B O   1 
ATOM   679  C CB  . LYS B 1 24 ? -6.530  -1.052  -3.174  1.00 24.39 ? 24  LYS B CB  1 
ATOM   680  C CG  . LYS B 1 24 ? -7.229  -0.015  -4.036  1.00 26.97 ? 24  LYS B CG  1 
ATOM   681  C CD  . LYS B 1 24 ? -7.486  1.277   -3.267  1.00 30.78 ? 24  LYS B CD  1 
ATOM   682  C CE  . LYS B 1 24 ? -6.341  2.272   -3.430  1.00 34.43 ? 24  LYS B CE  1 
ATOM   683  N NZ  . LYS B 1 24 ? -6.782  3.697   -3.281  1.00 31.70 ? 24  LYS B NZ  1 
ATOM   684  N N   . ALA B 1 25 ? -6.108  -2.597  -6.296  1.00 23.90 ? 25  ALA B N   1 
ATOM   685  C CA  . ALA B 1 25 ? -5.534  -2.379  -7.619  1.00 20.20 ? 25  ALA B CA  1 
ATOM   686  C C   . ALA B 1 25 ? -6.254  -1.258  -8.354  1.00 19.81 ? 25  ALA B C   1 
ATOM   687  O O   . ALA B 1 25 ? -7.476  -1.292  -8.526  1.00 20.23 ? 25  ALA B O   1 
ATOM   688  C CB  . ALA B 1 25 ? -5.575  -3.650  -8.434  1.00 16.03 ? 25  ALA B CB  1 
ATOM   689  N N   . THR B 1 26 ? -5.448  -0.447  -9.014  1.00 19.88 ? 26  THR B N   1 
ATOM   690  C CA  . THR B 1 26 ? -5.831  0.868   -9.466  1.00 24.30 ? 26  THR B CA  1 
ATOM   691  C C   . THR B 1 26 ? -5.274  1.013   -10.880 1.00 27.47 ? 26  THR B C   1 
ATOM   692  O O   . THR B 1 26 ? -4.126  0.634   -11.151 1.00 27.89 ? 26  THR B O   1 
ATOM   693  C CB  . THR B 1 26 ? -5.222  1.955   -8.516  1.00 23.40 ? 26  THR B CB  1 
ATOM   694  O OG1 . THR B 1 26 ? -6.083  2.138   -7.379  1.00 25.19 ? 26  THR B OG1 1 
ATOM   695  C CG2 . THR B 1 26 ? -5.048  3.269   -9.211  1.00 21.93 ? 26  THR B CG2 1 
ATOM   696  N N   . LEU B 1 27 ? -6.118  1.470   -11.798 1.00 24.54 ? 27  LEU B N   1 
ATOM   697  C CA  . LEU B 1 27 ? -5.706  1.620   -13.176 1.00 22.05 ? 27  LEU B CA  1 
ATOM   698  C C   . LEU B 1 27 ? -4.609  2.664   -13.250 1.00 24.49 ? 27  LEU B C   1 
ATOM   699  O O   . LEU B 1 27 ? -4.800  3.806   -12.823 1.00 27.49 ? 27  LEU B O   1 
ATOM   700  C CB  . LEU B 1 27 ? -6.903  2.020   -14.044 1.00 20.98 ? 27  LEU B CB  1 
ATOM   701  C CG  . LEU B 1 27 ? -6.819  1.705   -15.547 1.00 24.27 ? 27  LEU B CG  1 
ATOM   702  C CD1 . LEU B 1 27 ? -6.186  2.884   -16.261 1.00 22.02 ? 27  LEU B CD1 1 
ATOM   703  C CD2 . LEU B 1 27 ? -6.008  0.424   -15.808 1.00 22.20 ? 27  LEU B CD2 1 
ATOM   704  N N   . LYS B 1 28 ? -3.420  2.206   -13.624 1.00 26.02 ? 28  LYS B N   1 
ATOM   705  C CA  . LYS B 1 28 ? -2.271  3.067   -13.889 1.00 30.20 ? 28  LYS B CA  1 
ATOM   706  C C   . LYS B 1 28 ? -2.600  4.274   -14.793 1.00 35.65 ? 28  LYS B C   1 
ATOM   707  O O   . LYS B 1 28 ? -2.792  5.394   -14.328 1.00 35.45 ? 28  LYS B O   1 
ATOM   708  C CB  . LYS B 1 28 ? -1.156  2.240   -14.543 1.00 31.86 ? 28  LYS B CB  1 
ATOM   709  C CG  . LYS B 1 28 ? -0.116  1.638   -13.600 1.00 31.36 ? 28  LYS B CG  1 
ATOM   710  C CD  . LYS B 1 28 ? 1.301   1.975   -14.079 1.00 30.78 ? 28  LYS B CD  1 
ATOM   711  C CE  . LYS B 1 28 ? 2.005   0.803   -14.745 1.00 28.68 ? 28  LYS B CE  1 
ATOM   712  N NZ  . LYS B 1 28 ? 2.828   0.053   -13.759 1.00 26.38 ? 28  LYS B NZ  1 
ATOM   713  N N   . LYS B 1 29 ? -2.707  4.037   -16.093 1.00 40.18 ? 29  LYS B N   1 
ATOM   714  C CA  . LYS B 1 29 ? -2.543  5.116   -17.065 1.00 41.47 ? 29  LYS B CA  1 
ATOM   715  C C   . LYS B 1 29 ? -3.778  5.974   -17.317 1.00 38.19 ? 29  LYS B C   1 
ATOM   716  O O   . LYS B 1 29 ? -3.802  6.756   -18.275 1.00 39.54 ? 29  LYS B O   1 
ATOM   717  C CB  . LYS B 1 29 ? -2.026  4.544   -18.394 1.00 42.79 ? 29  LYS B CB  1 
ATOM   718  C CG  . LYS B 1 29 ? -2.856  3.395   -18.954 1.00 41.27 ? 29  LYS B CG  1 
ATOM   719  C CD  . LYS B 1 29 ? -1.969  2.280   -19.456 1.00 40.00 ? 29  LYS B CD  1 
ATOM   720  C CE  . LYS B 1 29 ? -1.822  1.185   -18.415 1.00 38.95 ? 29  LYS B CE  1 
ATOM   721  N NZ  . LYS B 1 29 ? -0.767  0.219   -18.829 1.00 34.43 ? 29  LYS B NZ  1 
ATOM   722  N N   . PHE B 1 30 ? -4.795  5.809   -16.473 1.00 37.99 ? 30  PHE B N   1 
ATOM   723  C CA  . PHE B 1 30 ? -6.058  6.508   -16.646 1.00 36.58 ? 30  PHE B CA  1 
ATOM   724  C C   . PHE B 1 30 ? -6.896  6.490   -15.377 1.00 33.15 ? 30  PHE B C   1 
ATOM   725  O O   . PHE B 1 30 ? -7.406  5.447   -14.990 1.00 35.66 ? 30  PHE B O   1 
ATOM   726  C CB  . PHE B 1 30 ? -6.869  5.908   -17.803 1.00 32.24 ? 30  PHE B CB  1 
ATOM   727  C CG  . PHE B 1 30 ? -7.910  6.846   -18.337 1.00 31.58 ? 30  PHE B CG  1 
ATOM   728  C CD1 . PHE B 1 30 ? -9.034  7.160   -17.579 1.00 33.56 ? 30  PHE B CD1 1 
ATOM   729  C CD2 . PHE B 1 30 ? -7.677  7.565   -19.505 1.00 31.35 ? 30  PHE B CD2 1 
ATOM   730  C CE1 . PHE B 1 30 ? -9.902  8.188   -17.962 1.00 35.18 ? 30  PHE B CE1 1 
ATOM   731  C CE2 . PHE B 1 30 ? -8.538  8.592   -19.898 1.00 35.97 ? 30  PHE B CE2 1 
ATOM   732  C CZ  . PHE B 1 30 ? -9.652  8.907   -19.120 1.00 35.93 ? 30  PHE B CZ  1 
ATOM   733  N N   . PRO B 1 31 ? -7.149  7.672   -14.786 1.00 33.61 ? 31  PRO B N   1 
ATOM   734  C CA  . PRO B 1 31 ? -7.749  7.831   -13.452 1.00 34.66 ? 31  PRO B CA  1 
ATOM   735  C C   . PRO B 1 31 ? -9.212  7.392   -13.324 1.00 36.47 ? 31  PRO B C   1 
ATOM   736  O O   . PRO B 1 31 ? -10.053 7.813   -14.111 1.00 40.50 ? 31  PRO B O   1 
ATOM   737  C CB  . PRO B 1 31 ? -7.581  9.323   -13.157 1.00 36.18 ? 31  PRO B CB  1 
ATOM   738  C CG  . PRO B 1 31 ? -7.342  9.974   -14.485 1.00 33.16 ? 31  PRO B CG  1 
ATOM   739  C CD  . PRO B 1 31 ? -6.625  8.951   -15.301 1.00 35.46 ? 31  PRO B CD  1 
ATOM   740  N N   . LEU B 1 32 ? -9.531  6.683   -12.241 1.00 32.25 ? 32  LEU B N   1 
ATOM   741  C CA  . LEU B 1 32 ? -10.831 6.020   -12.087 1.00 28.10 ? 32  LEU B CA  1 
ATOM   742  C C   . LEU B 1 32 ? -11.381 6.267   -10.688 1.00 30.03 ? 32  LEU B C   1 
ATOM   743  O O   . LEU B 1 32 ? -10.626 6.263   -9.718  1.00 28.77 ? 32  LEU B O   1 
ATOM   744  C CB  . LEU B 1 32 ? -10.666 4.514   -12.301 1.00 24.10 ? 32  LEU B CB  1 
ATOM   745  C CG  . LEU B 1 32 ? -11.201 3.833   -13.558 1.00 26.76 ? 32  LEU B CG  1 
ATOM   746  C CD1 . LEU B 1 32 ? -10.981 4.697   -14.786 1.00 27.59 ? 32  LEU B CD1 1 
ATOM   747  C CD2 . LEU B 1 32 ? -10.498 2.504   -13.716 1.00 27.60 ? 32  LEU B CD2 1 
ATOM   748  N N   . LYS B 1 33 ? -12.697 6.367   -10.566 1.00 27.99 ? 33  LYS B N   1 
ATOM   749  C CA  . LYS B 1 33 ? -13.331 6.637   -9.276  1.00 25.58 ? 33  LYS B CA  1 
ATOM   750  C C   . LYS B 1 33 ? -13.406 5.430   -8.333  1.00 24.06 ? 33  LYS B C   1 
ATOM   751  O O   . LYS B 1 33 ? -13.614 5.592   -7.139  1.00 27.23 ? 33  LYS B O   1 
ATOM   752  C CB  . LYS B 1 33 ? -14.740 7.177   -9.498  1.00 28.66 ? 33  LYS B CB  1 
ATOM   753  C CG  . LYS B 1 33 ? -15.121 8.339   -8.608  1.00 33.70 ? 33  LYS B CG  1 
ATOM   754  C CD  . LYS B 1 33 ? -15.355 9.634   -9.399  1.00 36.94 ? 33  LYS B CD  1 
ATOM   755  C CE  . LYS B 1 33 ? -16.839 9.931   -9.541  1.00 35.78 ? 33  LYS B CE  1 
ATOM   756  N NZ  . LYS B 1 33 ? -17.156 11.375  -9.355  1.00 35.01 ? 33  LYS B NZ  1 
ATOM   757  N N   . PHE B 1 34 ? -13.380 4.224   -8.885  1.00 22.33 ? 34  PHE B N   1 
ATOM   758  C CA  . PHE B 1 34 ? -13.502 3.009   -8.081  1.00 21.46 ? 34  PHE B CA  1 
ATOM   759  C C   . PHE B 1 34 ? -12.348 2.089   -8.448  1.00 21.81 ? 34  PHE B C   1 
ATOM   760  O O   . PHE B 1 34 ? -11.894 2.106   -9.582  1.00 23.01 ? 34  PHE B O   1 
ATOM   761  C CB  . PHE B 1 34 ? -14.814 2.276   -8.388  1.00 26.38 ? 34  PHE B CB  1 
ATOM   762  C CG  . PHE B 1 34 ? -16.057 3.032   -7.994  1.00 27.01 ? 34  PHE B CG  1 
ATOM   763  C CD1 . PHE B 1 34 ? -16.599 4.015   -8.844  1.00 27.74 ? 34  PHE B CD1 1 
ATOM   764  C CD2 . PHE B 1 34 ? -16.746 2.688   -6.836  1.00 19.69 ? 34  PHE B CD2 1 
ATOM   765  C CE1 . PHE B 1 34 ? -17.800 4.636   -8.549  1.00 22.36 ? 34  PHE B CE1 1 
ATOM   766  C CE2 . PHE B 1 34 ? -17.945 3.302   -6.529  1.00 22.00 ? 34  PHE B CE2 1 
ATOM   767  C CZ  . PHE B 1 34 ? -18.476 4.276   -7.384  1.00 23.28 ? 34  PHE B CZ  1 
ATOM   768  N N   . PRO B 1 35 ? -11.863 1.267   -7.504  1.00 22.63 ? 35  PRO B N   1 
ATOM   769  C CA  . PRO B 1 35 ? -10.696 0.422   -7.770  1.00 24.56 ? 35  PRO B CA  1 
ATOM   770  C C   . PRO B 1 35 ? -11.020 -0.671  -8.786  1.00 26.37 ? 35  PRO B C   1 
ATOM   771  O O   . PRO B 1 35 ? -12.187 -0.962  -9.040  1.00 20.97 ? 35  PRO B O   1 
ATOM   772  C CB  . PRO B 1 35 ? -10.374 -0.169  -6.402  1.00 25.11 ? 35  PRO B CB  1 
ATOM   773  C CG  . PRO B 1 35 ? -11.702 -0.242  -5.740  1.00 25.56 ? 35  PRO B CG  1 
ATOM   774  C CD  . PRO B 1 35 ? -12.395 1.025   -6.152  1.00 24.96 ? 35  PRO B CD  1 
ATOM   775  N N   . VAL B 1 36 ? -9.978  -1.242  -9.386  1.00 23.93 ? 36  VAL B N   1 
ATOM   776  C CA  . VAL B 1 36 ? -10.154 -2.299  -10.361 1.00 20.91 ? 36  VAL B CA  1 
ATOM   777  C C   . VAL B 1 36 ? -10.263 -3.643  -9.662  1.00 22.60 ? 36  VAL B C   1 
ATOM   778  O O   . VAL B 1 36 ? -11.072 -4.470  -10.049 1.00 26.68 ? 36  VAL B O   1 
ATOM   779  C CB  . VAL B 1 36 ? -8.991  -2.298  -11.381 1.00 17.88 ? 36  VAL B CB  1 
ATOM   780  C CG1 . VAL B 1 36 ? -9.109  -3.461  -12.333 1.00 15.23 ? 36  VAL B CG1 1 
ATOM   781  C CG2 . VAL B 1 36 ? -9.004  -0.996  -12.168 1.00 17.83 ? 36  VAL B CG2 1 
ATOM   782  N N   . LYS B 1 37 ? -9.548  -3.791  -8.550  1.00 28.36 ? 37  LYS B N   1 
ATOM   783  C CA  . LYS B 1 37 ? -9.481  -5.041  -7.774  1.00 25.05 ? 37  LYS B CA  1 
ATOM   784  C C   . LYS B 1 37 ? -9.348  -4.662  -6.299  1.00 25.16 ? 37  LYS B C   1 
ATOM   785  O O   . LYS B 1 37 ? -8.693  -3.679  -5.988  1.00 25.96 ? 37  LYS B O   1 
ATOM   786  C CB  . LYS B 1 37 ? -8.222  -5.833  -8.136  1.00 31.25 ? 37  LYS B CB  1 
ATOM   787  C CG  . LYS B 1 37 ? -8.086  -6.294  -9.563  1.00 35.39 ? 37  LYS B CG  1 
ATOM   788  C CD  . LYS B 1 37 ? -7.589  -7.739  -9.582  1.00 36.92 ? 37  LYS B CD  1 
ATOM   789  C CE  . LYS B 1 37 ? -8.552  -8.650  -8.808  1.00 38.87 ? 37  LYS B CE  1 
ATOM   790  N NZ  . LYS B 1 37 ? -7.979  -9.988  -8.469  1.00 43.21 ? 37  LYS B NZ  1 
ATOM   791  N N   . ARG B 1 38 ? -9.729  -5.565  -5.402  1.00 26.89 ? 38  ARG B N   1 
ATOM   792  C CA  . ARG B 1 38 ? -9.553  -5.366  -3.954  1.00 21.33 ? 38  ARG B CA  1 
ATOM   793  C C   . ARG B 1 38 ? -9.668  -6.737  -3.295  1.00 24.27 ? 38  ARG B C   1 
ATOM   794  O O   . ARG B 1 38 ? -10.573 -7.493  -3.618  1.00 23.71 ? 38  ARG B O   1 
ATOM   795  C CB  . ARG B 1 38 ? -10.661 -4.465  -3.403  1.00 24.13 ? 38  ARG B CB  1 
ATOM   796  C CG  . ARG B 1 38 ? -10.295 -3.033  -3.106  1.00 21.85 ? 38  ARG B CG  1 
ATOM   797  C CD  . ARG B 1 38 ? -11.553 -2.193  -3.193  1.00 25.45 ? 38  ARG B CD  1 
ATOM   798  N NE  . ARG B 1 38 ? -11.782 -1.304  -2.057  1.00 23.21 ? 38  ARG B NE  1 
ATOM   799  C CZ  . ARG B 1 38 ? -12.978 -0.836  -1.697  1.00 24.93 ? 38  ARG B CZ  1 
ATOM   800  N NH1 . ARG B 1 38 ? -14.086 -1.330  -2.229  1.00 22.71 ? 38  ARG B NH1 1 
ATOM   801  N NH2 . ARG B 1 38 ? -13.076 0.098   -0.767  1.00 25.02 ? 38  ARG B NH2 1 
ATOM   802  N N   . GLY B 1 39 ? -8.719  -7.099  -2.447  1.00 21.27 ? 39  GLY B N   1 
ATOM   803  C CA  . GLY B 1 39 ? -8.777  -8.397  -1.808  1.00 17.68 ? 39  GLY B CA  1 
ATOM   804  C C   . GLY B 1 39 ? -7.718  -8.588  -0.740  1.00 23.89 ? 39  GLY B C   1 
ATOM   805  O O   . GLY B 1 39 ? -7.097  -7.613  -0.295  1.00 23.90 ? 39  GLY B O   1 
ATOM   806  N N   . CYS B 1 40 ? -7.547  -9.838  -0.303  1.00 22.33 ? 40  CYS B N   1 
ATOM   807  C CA  . CYS B 1 40 ? -6.441  -10.235 0.565   1.00 24.95 ? 40  CYS B CA  1 
ATOM   808  C C   . CYS B 1 40 ? -5.253  -10.683 -0.254  1.00 20.12 ? 40  CYS B C   1 
ATOM   809  O O   . CYS B 1 40 ? -5.415  -11.232 -1.351  1.00 23.02 ? 40  CYS B O   1 
ATOM   810  C CB  . CYS B 1 40 ? -6.837  -11.396 1.477   1.00 24.69 ? 40  CYS B CB  1 
ATOM   811  S SG  . CYS B 1 40 ? -8.466  -11.211 2.224   1.00 28.22 ? 40  CYS B SG  1 
ATOM   812  N N   . ALA B 1 41 ? -4.096  -10.655 0.392   1.00 17.55 ? 41  ALA B N   1 
ATOM   813  C CA  . ALA B 1 41 ? -2.845  -11.070 -0.214  1.00 24.84 ? 41  ALA B CA  1 
ATOM   814  C C   . ALA B 1 41 ? -1.940  -11.662 0.875   1.00 27.45 ? 41  ALA B C   1 
ATOM   815  O O   . ALA B 1 41 ? -2.120  -11.383 2.077   1.00 27.15 ? 41  ALA B O   1 
ATOM   816  C CB  . ALA B 1 41 ? -2.162  -9.875  -0.888  1.00 21.56 ? 41  ALA B CB  1 
ATOM   817  N N   . ASP B 1 42 ? -1.122  -12.630 0.474   1.00 30.67 ? 42  ASP B N   1 
ATOM   818  C CA  . ASP B 1 42 ? -0.002  -13.102 1.288   1.00 32.84 ? 42  ASP B CA  1 
ATOM   819  C C   . ASP B 1 42 ? 1.192   -12.153 1.171   1.00 34.59 ? 42  ASP B C   1 
ATOM   820  O O   . ASP B 1 42 ? 1.642   -11.579 2.166   1.00 33.65 ? 42  ASP B O   1 
ATOM   821  C CB  . ASP B 1 42 ? 0.412   -14.516 0.864   1.00 30.14 ? 42  ASP B CB  1 
ATOM   822  C CG  . ASP B 1 42 ? 0.258   -14.767 -0.645  1.00 31.35 ? 42  ASP B CG  1 
ATOM   823  O OD1 . ASP B 1 42 ? 0.128   -13.819 -1.446  1.00 36.96 ? 42  ASP B OD1 1 
ATOM   824  O OD2 . ASP B 1 42 ? 0.258   -15.945 -1.041  1.00 36.60 ? 42  ASP B OD2 1 
ATOM   825  N N   . ASN B 1 43 ? 1.680   -11.990 -0.058  1.00 38.81 ? 43  ASN B N   1 
ATOM   826  C CA  . ASN B 1 43 ? 2.714   -11.012 -0.405  1.00 35.67 ? 43  ASN B CA  1 
ATOM   827  C C   . ASN B 1 43 ? 2.067   -9.904  -1.236  1.00 31.50 ? 43  ASN B C   1 
ATOM   828  O O   . ASN B 1 43 ? 1.250   -10.175 -2.121  1.00 29.64 ? 43  ASN B O   1 
ATOM   829  C CB  . ASN B 1 43 ? 3.821   -11.667 -1.245  1.00 41.56 ? 43  ASN B CB  1 
ATOM   830  C CG  . ASN B 1 43 ? 4.636   -12.699 -0.467  1.00 41.26 ? 43  ASN B CG  1 
ATOM   831  O OD1 . ASN B 1 43 ? 5.320   -12.364 0.508   1.00 40.92 ? 43  ASN B OD1 1 
ATOM   832  N ND2 . ASN B 1 43 ? 4.640   -13.945 -0.955  1.00 41.36 ? 43  ASN B ND2 1 
ATOM   833  N N   . CYS B 1 44 ? 2.435   -8.661  -0.957  1.00 27.82 ? 44  CYS B N   1 
ATOM   834  C CA  . CYS B 1 44 ? 1.911   -7.541  -1.718  1.00 27.10 ? 44  CYS B CA  1 
ATOM   835  C C   . CYS B 1 44 ? 2.348   -7.661  -3.167  1.00 26.10 ? 44  CYS B C   1 
ATOM   836  O O   . CYS B 1 44 ? 3.529   -7.818  -3.441  1.00 26.18 ? 44  CYS B O   1 
ATOM   837  C CB  . CYS B 1 44 ? 2.417   -6.217  -1.145  1.00 28.43 ? 44  CYS B CB  1 
ATOM   838  S SG  . CYS B 1 44 ? 1.583   -4.773  -1.866  1.00 29.02 ? 44  CYS B SG  1 
ATOM   839  N N   . PRO B 1 45 ? 1.396   -7.625  -4.109  1.00 23.58 ? 45  PRO B N   1 
ATOM   840  C CA  . PRO B 1 45 ? 1.656   -7.950  -5.509  1.00 21.14 ? 45  PRO B CA  1 
ATOM   841  C C   . PRO B 1 45 ? 2.384   -6.836  -6.211  1.00 24.28 ? 45  PRO B C   1 
ATOM   842  O O   . PRO B 1 45 ? 2.013   -5.684  -6.068  1.00 31.92 ? 45  PRO B O   1 
ATOM   843  C CB  . PRO B 1 45 ? 0.258   -8.131  -6.095  1.00 19.97 ? 45  PRO B CB  1 
ATOM   844  C CG  . PRO B 1 45 ? -0.645  -8.285  -4.909  1.00 19.33 ? 45  PRO B CG  1 
ATOM   845  C CD  . PRO B 1 45 ? -0.040  -7.410  -3.883  1.00 22.95 ? 45  PRO B CD  1 
ATOM   846  N N   . LYS B 1 46 ? 3.291   -7.185  -7.112  1.00 22.68 ? 46  LYS B N   1 
ATOM   847  C CA  . LYS B 1 46 ? 4.011   -6.174  -7.857  1.00 21.84 ? 46  LYS B CA  1 
ATOM   848  C C   . LYS B 1 46 ? 3.126   -5.523  -8.896  1.00 22.88 ? 46  LYS B C   1 
ATOM   849  O O   . LYS B 1 46 ? 2.096   -6.085  -9.271  1.00 24.35 ? 46  LYS B O   1 
ATOM   850  C CB  . LYS B 1 46 ? 5.260   -6.782  -8.497  1.00 23.56 ? 46  LYS B CB  1 
ATOM   851  C CG  . LYS B 1 46 ? 6.293   -7.139  -7.448  1.00 28.22 ? 46  LYS B CG  1 
ATOM   852  C CD  . LYS B 1 46 ? 7.335   -7.884  -8.228  1.00 28.82 ? 46  LYS B CD  1 
ATOM   853  C CE  . LYS B 1 46 ? 8.265   -8.746  -7.346  1.00 32.85 ? 46  LYS B CE  1 
ATOM   854  N NZ  . LYS B 1 46 ? 8.017   -9.991  -6.529  1.00 34.31 ? 46  LYS B NZ  1 
ATOM   855  N N   . ASN B 1 47 ? 3.409   -4.250  -9.173  1.00 23.58 ? 47  ASN B N   1 
ATOM   856  C CA  . ASN B 1 47 ? 2.755   -3.521  -10.257 1.00 26.80 ? 47  ASN B CA  1 
ATOM   857  C C   . ASN B 1 47 ? 2.946   -4.281  -11.564 1.00 31.13 ? 47  ASN B C   1 
ATOM   858  O O   . ASN B 1 47 ? 4.034   -4.829  -11.804 1.00 33.08 ? 47  ASN B O   1 
ATOM   859  C CB  . ASN B 1 47 ? 3.381   -2.143  -10.456 1.00 25.31 ? 47  ASN B CB  1 
ATOM   860  C CG  . ASN B 1 47 ? 3.086   -1.168  -9.336  1.00 24.28 ? 47  ASN B CG  1 
ATOM   861  O OD1 . ASN B 1 47 ? 3.659   -0.089  -9.335  1.00 27.94 ? 47  ASN B OD1 1 
ATOM   862  N ND2 . ASN B 1 47 ? 2.260   -1.544  -8.362  1.00 20.51 ? 47  ASN B ND2 1 
ATOM   863  N N   . SER B 1 48 ? 1.966   -4.179  -12.465 1.00 34.65 ? 48  SER B N   1 
ATOM   864  C CA  . SER B 1 48 ? 2.132   -4.668  -13.827 1.00 31.88 ? 48  SER B CA  1 
ATOM   865  C C   . SER B 1 48 ? 2.023   -3.520  -14.823 1.00 30.62 ? 48  SER B C   1 
ATOM   866  O O   . SER B 1 48 ? 2.249   -2.360  -14.469 1.00 28.37 ? 48  SER B O   1 
ATOM   867  C CB  . SER B 1 48 ? 1.106   -5.770  -14.142 1.00 35.32 ? 48  SER B CB  1 
ATOM   868  O OG  . SER B 1 48 ? -0.208  -5.430  -13.732 1.00 38.12 ? 48  SER B OG  1 
ATOM   869  N N   . ALA B 1 49 ? 1.778   -3.849  -16.089 1.00 32.05 ? 49  ALA B N   1 
ATOM   870  C CA  . ALA B 1 49 ? 1.617   -2.836  -17.126 1.00 32.89 ? 49  ALA B CA  1 
ATOM   871  C C   . ALA B 1 49 ? 0.389   -1.948  -16.896 1.00 32.50 ? 49  ALA B C   1 
ATOM   872  O O   . ALA B 1 49 ? 0.485   -0.724  -16.918 1.00 29.06 ? 49  ALA B O   1 
ATOM   873  C CB  . ALA B 1 49 ? 1.522   -3.501  -18.471 1.00 34.18 ? 49  ALA B CB  1 
ATOM   874  N N   . LEU B 1 50 ? -0.759  -2.589  -16.688 1.00 33.25 ? 50  LEU B N   1 
ATOM   875  C CA  . LEU B 1 50 ? -2.053  -1.911  -16.571 1.00 35.49 ? 50  LEU B CA  1 
ATOM   876  C C   . LEU B 1 50 ? -2.318  -1.372  -15.157 1.00 31.94 ? 50  LEU B C   1 
ATOM   877  O O   . LEU B 1 50 ? -2.816  -0.254  -14.992 1.00 33.89 ? 50  LEU B O   1 
ATOM   878  C CB  . LEU B 1 50 ? -3.188  -2.882  -16.948 1.00 37.69 ? 50  LEU B CB  1 
ATOM   879  C CG  . LEU B 1 50 ? -3.291  -3.539  -18.334 1.00 38.88 ? 50  LEU B CG  1 
ATOM   880  C CD1 . LEU B 1 50 ? -2.019  -4.247  -18.734 1.00 35.75 ? 50  LEU B CD1 1 
ATOM   881  C CD2 . LEU B 1 50 ? -4.427  -4.533  -18.302 1.00 37.64 ? 50  LEU B CD2 1 
ATOM   882  N N   . LEU B 1 51 ? -2.017  -2.197  -14.154 1.00 30.68 ? 51  LEU B N   1 
ATOM   883  C CA  . LEU B 1 51 ? -2.485  -2.007  -12.782 1.00 25.36 ? 51  LEU B CA  1 
ATOM   884  C C   . LEU B 1 51 ? -1.391  -1.666  -11.762 1.00 26.40 ? 51  LEU B C   1 
ATOM   885  O O   . LEU B 1 51 ? -0.349  -2.328  -11.675 1.00 22.19 ? 51  LEU B O   1 
ATOM   886  C CB  . LEU B 1 51 ? -3.233  -3.258  -12.306 1.00 31.15 ? 51  LEU B CB  1 
ATOM   887  C CG  . LEU B 1 51 ? -4.366  -3.816  -13.178 1.00 27.42 ? 51  LEU B CG  1 
ATOM   888  C CD1 . LEU B 1 51 ? -4.843  -5.144  -12.599 1.00 30.07 ? 51  LEU B CD1 1 
ATOM   889  C CD2 . LEU B 1 51 ? -5.515  -2.821  -13.273 1.00 27.07 ? 51  LEU B CD2 1 
ATOM   890  N N   . LYS B 1 52 ? -1.765  -0.769  -10.858 1.00 25.36 ? 52  LYS B N   1 
ATOM   891  C CA  . LYS B 1 52 ? -0.915  -0.245  -9.804  1.00 20.70 ? 52  LYS B CA  1 
ATOM   892  C C   . LYS B 1 52 ? -1.431  -0.798  -8.459  1.00 19.76 ? 52  LYS B C   1 
ATOM   893  O O   . LYS B 1 52 ? -2.585  -0.560  -8.100  1.00 16.82 ? 52  LYS B O   1 
ATOM   894  C CB  . LYS B 1 52 ? -0.989  1.293   -9.852  1.00 19.32 ? 52  LYS B CB  1 
ATOM   895  C CG  . LYS B 1 52 ? -0.544  2.005   -8.592  1.00 22.29 ? 52  LYS B CG  1 
ATOM   896  C CD  . LYS B 1 52 ? -0.078  3.432   -8.847  1.00 23.13 ? 52  LYS B CD  1 
ATOM   897  C CE  . LYS B 1 52 ? 0.958   3.859   -7.780  1.00 31.61 ? 52  LYS B CE  1 
ATOM   898  N NZ  . LYS B 1 52 ? 2.415   3.472   -8.019  1.00 33.97 ? 52  LYS B NZ  1 
ATOM   899  N N   . TYR B 1 53 ? -0.620  -1.612  -7.779  1.00 17.32 ? 53  TYR B N   1 
ATOM   900  C CA  . TYR B 1 53 ? -1.002  -2.211  -6.493  1.00 20.93 ? 53  TYR B CA  1 
ATOM   901  C C   . TYR B 1 53 ? -0.472  -1.461  -5.293  1.00 20.10 ? 53  TYR B C   1 
ATOM   902  O O   . TYR B 1 53 ? 0.700   -1.099  -5.267  1.00 27.44 ? 53  TYR B O   1 
ATOM   903  C CB  . TYR B 1 53 ? -0.497  -3.637  -6.372  1.00 22.21 ? 53  TYR B CB  1 
ATOM   904  C CG  . TYR B 1 53 ? -1.114  -4.570  -7.344  1.00 24.11 ? 53  TYR B CG  1 
ATOM   905  C CD1 . TYR B 1 53 ? -2.445  -4.930  -7.225  1.00 29.13 ? 53  TYR B CD1 1 
ATOM   906  C CD2 . TYR B 1 53 ? -0.381  -5.071  -8.407  1.00 25.21 ? 53  TYR B CD2 1 
ATOM   907  C CE1 . TYR B 1 53 ? -3.042  -5.760  -8.153  1.00 33.03 ? 53  TYR B CE1 1 
ATOM   908  C CE2 . TYR B 1 53 ? -0.962  -5.905  -9.343  1.00 30.70 ? 53  TYR B CE2 1 
ATOM   909  C CZ  . TYR B 1 53 ? -2.302  -6.239  -9.219  1.00 32.82 ? 53  TYR B CZ  1 
ATOM   910  O OH  . TYR B 1 53 ? -2.934  -6.975  -10.196 1.00 35.63 ? 53  TYR B OH  1 
ATOM   911  N N   . VAL B 1 54 ? -1.235  -1.529  -4.210  1.00 21.94 ? 54  VAL B N   1 
ATOM   912  C CA  . VAL B 1 54 ? -0.953  -0.809  -2.980  1.00 19.56 ? 54  VAL B CA  1 
ATOM   913  C C   . VAL B 1 54 ? -1.606  -1.625  -1.865  1.00 18.66 ? 54  VAL B C   1 
ATOM   914  O O   . VAL B 1 54 ? -2.714  -2.111  -2.026  1.00 23.07 ? 54  VAL B O   1 
ATOM   915  C CB  . VAL B 1 54 ? -1.549  0.618   -3.046  1.00 21.19 ? 54  VAL B CB  1 
ATOM   916  C CG1 . VAL B 1 54 ? -1.940  1.114   -1.665  1.00 22.58 ? 54  VAL B CG1 1 
ATOM   917  C CG2 . VAL B 1 54 ? -0.545  1.562   -3.674  1.00 20.54 ? 54  VAL B CG2 1 
ATOM   918  N N   . CYS B 1 55 ? -0.873  -1.881  -0.799  1.00 15.94 ? 55  CYS B N   1 
ATOM   919  C CA  . CYS B 1 55 ? -1.322  -2.818  0.224   1.00 21.32 ? 55  CYS B CA  1 
ATOM   920  C C   . CYS B 1 55 ? -1.298  -2.170  1.594   1.00 18.53 ? 55  CYS B C   1 
ATOM   921  O O   . CYS B 1 55 ? -0.531  -1.256  1.826   1.00 21.26 ? 55  CYS B O   1 
ATOM   922  C CB  . CYS B 1 55 ? -0.420  -4.060  0.265   1.00 21.27 ? 55  CYS B CB  1 
ATOM   923  S SG  . CYS B 1 55 ? -0.337  -5.002  -1.281  1.00 25.56 ? 55  CYS B SG  1 
ATOM   924  N N   . CYS B 1 56 ? -2.003  -2.764  2.538   1.00 18.33 ? 56  CYS B N   1 
ATOM   925  C CA  . CYS B 1 56 ? -1.930  -2.320  3.904   1.00 19.78 ? 56  CYS B CA  1 
ATOM   926  C C   . CYS B 1 56 ? -2.213  -3.515  4.811   1.00 20.58 ? 56  CYS B C   1 
ATOM   927  O O   . CYS B 1 56 ? -2.416  -4.622  4.329   1.00 20.57 ? 56  CYS B O   1 
ATOM   928  C CB  . CYS B 1 56 ? -2.936  -1.191  4.107   1.00 25.70 ? 56  CYS B CB  1 
ATOM   929  S SG  . CYS B 1 56 ? -4.606  -1.528  3.449   1.00 28.74 ? 56  CYS B SG  1 
ATOM   930  N N   . SER B 1 57 ? -2.143  -3.321  6.118   1.00 21.16 ? 57  SER B N   1 
ATOM   931  C CA  . SER B 1 57 ? -2.082  -4.453  7.036   1.00 24.15 ? 57  SER B CA  1 
ATOM   932  C C   . SER B 1 57 ? -3.081  -4.324  8.167   1.00 26.45 ? 57  SER B C   1 
ATOM   933  O O   . SER B 1 57 ? -2.825  -4.706  9.299   1.00 27.39 ? 57  SER B O   1 
ATOM   934  C CB  . SER B 1 57 ? -0.683  -4.547  7.618   1.00 21.21 ? 57  SER B CB  1 
ATOM   935  O OG  . SER B 1 57 ? -0.352  -3.334  8.253   1.00 22.38 ? 57  SER B OG  1 
ATOM   936  N N   . THR B 1 58 ? -4.241  -3.796  7.850   1.00 29.71 ? 58  THR B N   1 
ATOM   937  C CA  . THR B 1 58 ? -5.107  -3.262  8.871   1.00 31.11 ? 58  THR B CA  1 
ATOM   938  C C   . THR B 1 58 ? -6.515  -3.461  8.345   1.00 31.96 ? 58  THR B C   1 
ATOM   939  O O   . THR B 1 58 ? -6.735  -3.469  7.126   1.00 33.78 ? 58  THR B O   1 
ATOM   940  C CB  . THR B 1 58 ? -4.786  -1.749  9.103   1.00 34.78 ? 58  THR B CB  1 
ATOM   941  O OG1 . THR B 1 58 ? -3.447  -1.631  9.603   1.00 38.66 ? 58  THR B OG1 1 
ATOM   942  C CG2 . THR B 1 58 ? -5.743  -1.107  10.112  1.00 34.17 ? 58  THR B CG2 1 
ATOM   943  N N   . ASP B 1 59 ? -7.403  -3.862  9.249   1.00 30.10 ? 59  ASP B N   1 
ATOM   944  C CA  . ASP B 1 59 ? -8.776  -4.163  8.894   1.00 29.97 ? 59  ASP B CA  1 
ATOM   945  C C   . ASP B 1 59 ? -9.367  -3.042  8.042   1.00 31.35 ? 59  ASP B C   1 
ATOM   946  O O   . ASP B 1 59 ? -9.154  -1.858  8.326   1.00 30.80 ? 59  ASP B O   1 
ATOM   947  C CB  . ASP B 1 59 ? -9.604  -4.370  10.167  1.00 31.76 ? 59  ASP B CB  1 
ATOM   948  C CG  . ASP B 1 59 ? -9.448  -5.770  10.754  1.00 32.77 ? 59  ASP B CG  1 
ATOM   949  O OD1 . ASP B 1 59 ? -8.590  -6.556  10.292  1.00 32.99 ? 59  ASP B OD1 1 
ATOM   950  O OD2 . ASP B 1 59 ? -10.205 -6.100  11.681  1.00 33.89 ? 59  ASP B OD2 1 
ATOM   951  N N   . LYS B 1 60 ? -9.917  -3.417  6.891   1.00 26.93 ? 60  LYS B N   1 
ATOM   952  C CA  . LYS B 1 60 ? -10.754 -2.504  6.136   1.00 27.57 ? 60  LYS B CA  1 
ATOM   953  C C   . LYS B 1 60 ? -9.984  -1.290  5.657   1.00 25.81 ? 60  LYS B C   1 
ATOM   954  O O   . LYS B 1 60 ? -10.564 -0.222  5.484   1.00 27.81 ? 60  LYS B O   1 
ATOM   955  C CB  . LYS B 1 60 ? -11.944 -2.045  6.995   1.00 27.27 ? 60  LYS B CB  1 
ATOM   956  C CG  . LYS B 1 60 ? -13.053 -3.069  7.075   1.00 31.88 ? 60  LYS B CG  1 
ATOM   957  C CD  . LYS B 1 60 ? -13.572 -3.226  8.478   1.00 36.81 ? 60  LYS B CD  1 
ATOM   958  C CE  . LYS B 1 60 ? -15.012 -2.721  8.574   1.00 48.43 ? 60  LYS B CE  1 
ATOM   959  N NZ  . LYS B 1 60 ? -15.618 -2.864  9.944   1.00 43.53 ? 60  LYS B NZ  1 
ATOM   960  N N   . CYS B 1 61 ? -8.734  -1.489  5.282   1.00 25.57 ? 61  CYS B N   1 
ATOM   961  C CA  . CYS B 1 61 ? -7.884  -0.361  4.939   1.00 26.37 ? 61  CYS B CA  1 
ATOM   962  C C   . CYS B 1 61 ? -7.712  -0.163  3.451   1.00 27.37 ? 61  CYS B C   1 
ATOM   963  O O   . CYS B 1 61 ? -7.132  0.848   3.021   1.00 28.60 ? 61  CYS B O   1 
ATOM   964  C CB  . CYS B 1 61 ? -6.510  -0.511  5.579   1.00 28.19 ? 61  CYS B CB  1 
ATOM   965  S SG  . CYS B 1 61 ? -5.656  -2.044  5.118   1.00 25.20 ? 61  CYS B SG  1 
ATOM   966  N N   . ASN B 1 62 ? -8.215  -1.111  2.666   1.00 24.47 ? 62  ASN B N   1 
ATOM   967  C CA  . ASN B 1 62 ? -8.057  -1.038  1.216   1.00 24.69 ? 62  ASN B CA  1 
ATOM   968  C C   . ASN B 1 62 ? -9.203  -0.350  0.475   1.00 21.45 ? 62  ASN B C   1 
ATOM   969  O O   . ASN B 1 62 ? -10.065 0.257   1.136   1.00 20.07 ? 62  ASN B O   1 
ATOM   970  C CB  . ASN B 1 62 ? -7.851  -2.430  0.639   1.00 22.89 ? 62  ASN B CB  1 
ATOM   971  C CG  . ASN B 1 62 ? -8.929  -3.380  1.040   1.00 23.23 ? 62  ASN B CG  1 
ATOM   972  O OD1 . ASN B 1 62 ? -9.621  -3.179  2.042   1.00 24.80 ? 62  ASN B OD1 1 
ATOM   973  N ND2 . ASN B 1 62 ? -9.082  -4.433  0.266   1.00 22.14 ? 62  ASN B ND2 1 
ATOM   974  O OXT . ASN B 1 62 ? -9.197  -0.400  -0.771  1.00 20.59 ? 62  ASN B OXT 1 
HETATM 975  O O   . HOH C 2 .  ? -0.467  6.616   3.113   1.00 28.20 ? 63  HOH A O   1 
HETATM 976  O O   . HOH C 2 .  ? 0.608   13.103  -6.546  1.00 33.73 ? 64  HOH A O   1 
HETATM 977  O O   . HOH C 2 .  ? -2.883  20.268  0.705   1.00 36.41 ? 66  HOH A O   1 
HETATM 978  O O   . HOH C 2 .  ? 16.123  -2.568  -6.920  1.00 27.14 ? 68  HOH A O   1 
HETATM 979  O O   . HOH C 2 .  ? 13.628  5.489   6.411   1.00 28.18 ? 69  HOH A O   1 
HETATM 980  O O   . HOH C 2 .  ? 14.858  0.688   -10.315 1.00 44.37 ? 70  HOH A O   1 
HETATM 981  O O   . HOH C 2 .  ? -1.071  -0.845  6.947   1.00 24.45 ? 71  HOH A O   1 
HETATM 982  O O   . HOH C 2 .  ? 18.287  0.132   7.508   1.00 26.66 ? 73  HOH A O   1 
HETATM 983  O O   . HOH C 2 .  ? 3.367   -2.612  -5.438  1.00 26.38 ? 74  HOH A O   1 
HETATM 984  O O   . HOH C 2 .  ? 7.728   -2.175  9.878   1.00 39.91 ? 75  HOH A O   1 
HETATM 985  O O   . HOH C 2 .  ? 0.063   8.707   -5.592  1.00 28.85 ? 76  HOH A O   1 
HETATM 986  O O   . HOH C 2 .  ? -0.042  13.644  4.616   1.00 33.25 ? 77  HOH A O   1 
HETATM 987  O O   . HOH C 2 .  ? 10.197  12.844  6.902   1.00 38.44 ? 78  HOH A O   1 
HETATM 988  O O   . HOH C 2 .  ? 15.688  0.588   6.861   1.00 34.68 ? 79  HOH A O   1 
HETATM 989  O O   . HOH C 2 .  ? 9.344   -9.308  10.790  1.00 38.49 ? 81  HOH A O   1 
HETATM 990  O O   . HOH C 2 .  ? -1.829  5.776   -2.166  1.00 29.80 ? 82  HOH A O   1 
HETATM 991  O O   . HOH C 2 .  ? -8.392  7.683   6.858   1.00 35.89 ? 85  HOH A O   1 
HETATM 992  O O   . HOH C 2 .  ? 12.738  1.917   7.610   1.00 44.15 ? 91  HOH A O   1 
HETATM 993  O O   . HOH C 2 .  ? 21.660  5.940   -7.593  1.00 32.13 ? 92  HOH A O   1 
HETATM 994  O O   . HOH C 2 .  ? 15.279  -5.896  -0.018  1.00 27.86 ? 94  HOH A O   1 
HETATM 995  O O   . HOH C 2 .  ? 1.809   -6.658  8.573   1.00 27.25 ? 95  HOH A O   1 
HETATM 996  O O   . HOH C 2 .  ? 15.777  4.853   8.988   1.00 40.80 ? 96  HOH A O   1 
HETATM 997  O O   . HOH C 2 .  ? 10.059  -1.344  8.904   1.00 37.54 ? 98  HOH A O   1 
HETATM 998  O O   . HOH C 2 .  ? 2.654   1.172   13.530  1.00 26.72 ? 99  HOH A O   1 
HETATM 999  O O   . HOH C 2 .  ? 19.062  8.752   4.313   1.00 39.40 ? 100 HOH A O   1 
HETATM 1000 O O   . HOH C 2 .  ? 13.941  2.994   5.499   1.00 20.63 ? 103 HOH A O   1 
HETATM 1001 O O   . HOH C 2 .  ? 6.222   -10.836 6.303   1.00 47.57 ? 104 HOH A O   1 
HETATM 1002 O O   . HOH C 2 .  ? -6.152  2.842   12.276  1.00 28.20 ? 106 HOH A O   1 
HETATM 1003 O O   . HOH C 2 .  ? -8.712  10.289  5.687   1.00 47.47 ? 108 HOH A O   1 
HETATM 1004 O O   . HOH C 2 .  ? 20.404  9.398   -7.248  1.00 34.02 ? 109 HOH A O   1 
HETATM 1005 O O   . HOH C 2 .  ? -3.664  -8.561  11.748  1.00 47.23 ? 110 HOH A O   1 
HETATM 1006 O O   . HOH C 2 .  ? 22.893  4.067   -4.976  1.00 48.99 ? 111 HOH A O   1 
HETATM 1007 O O   . HOH C 2 .  ? 13.676  -2.498  -12.286 1.00 41.89 ? 113 HOH A O   1 
HETATM 1008 O O   . HOH C 2 .  ? 10.680  9.320   5.726   1.00 25.73 ? 121 HOH A O   1 
HETATM 1009 O O   . HOH C 2 .  ? -4.087  3.790   16.383  1.00 45.77 ? 122 HOH A O   1 
HETATM 1010 O O   . HOH C 2 .  ? 6.174   11.385  -4.714  1.00 35.40 ? 124 HOH A O   1 
HETATM 1011 O O   . HOH C 2 .  ? 1.155   10.402  -1.684  1.00 33.09 ? 125 HOH A O   1 
HETATM 1012 O O   . HOH C 2 .  ? 20.843  13.437  -8.899  1.00 43.40 ? 127 HOH A O   1 
HETATM 1013 O O   . HOH C 2 .  ? 7.519   3.600   10.745  1.00 41.70 ? 130 HOH A O   1 
HETATM 1014 O O   . HOH C 2 .  ? 20.689  12.098  -5.784  1.00 38.33 ? 131 HOH A O   1 
HETATM 1015 O O   . HOH C 2 .  ? 9.206   -9.303  4.106   1.00 45.07 ? 132 HOH A O   1 
HETATM 1016 O O   . HOH C 2 .  ? 7.965   -11.303 9.227   1.00 36.51 ? 133 HOH A O   1 
HETATM 1017 O O   . HOH C 2 .  ? 3.516   12.410  -5.209  1.00 36.45 ? 134 HOH A O   1 
HETATM 1018 O O   . HOH D 2 .  ? -13.510 1.906   -3.140  1.00 43.58 ? 65  HOH B O   1 
HETATM 1019 O O   . HOH D 2 .  ? -8.021  -15.226 -0.954  1.00 37.43 ? 67  HOH B O   1 
HETATM 1020 O O   . HOH D 2 .  ? 2.350   0.657   -5.985  1.00 28.27 ? 72  HOH B O   1 
HETATM 1021 O O   . HOH D 2 .  ? 5.066   -7.988  1.291   1.00 32.63 ? 80  HOH B O   1 
HETATM 1022 O O   . HOH D 2 .  ? 5.268   -11.936 -6.141  1.00 32.98 ? 83  HOH B O   1 
HETATM 1023 O O   . HOH D 2 .  ? -20.369 11.707  -10.486 1.00 29.99 ? 84  HOH B O   1 
HETATM 1024 O O   . HOH D 2 .  ? -0.663  -8.500  9.347   1.00 42.77 ? 86  HOH B O   1 
HETATM 1025 O O   . HOH D 2 .  ? 5.361   0.725   -11.728 1.00 36.88 ? 87  HOH B O   1 
HETATM 1026 O O   . HOH D 2 .  ? -9.047  5.348   -7.661  1.00 31.71 ? 88  HOH B O   1 
HETATM 1027 O O   . HOH D 2 .  ? -0.017  -18.179 -2.580  1.00 37.00 ? 89  HOH B O   1 
HETATM 1028 O O   . HOH D 2 .  ? -11.836 5.678   -1.698  1.00 43.17 ? 90  HOH B O   1 
HETATM 1029 O O   . HOH D 2 .  ? 0.130   -18.776 0.781   1.00 42.30 ? 93  HOH B O   1 
HETATM 1030 O O   . HOH D 2 .  ? -7.969  -12.284 12.479  1.00 36.83 ? 97  HOH B O   1 
HETATM 1031 O O   . HOH D 2 .  ? -8.032  -20.819 7.011   1.00 24.82 ? 101 HOH B O   1 
HETATM 1032 O O   . HOH D 2 .  ? -4.327  -13.757 -2.923  1.00 48.91 ? 102 HOH B O   1 
HETATM 1033 O O   . HOH D 2 .  ? -11.909 4.337   -4.228  1.00 38.11 ? 105 HOH B O   1 
HETATM 1034 O O   . HOH D 2 .  ? -10.332 8.080   -6.148  1.00 40.06 ? 107 HOH B O   1 
HETATM 1035 O O   . HOH D 2 .  ? -15.576 14.095  -10.296 1.00 34.98 ? 112 HOH B O   1 
HETATM 1036 O O   . HOH D 2 .  ? -11.017 2.308   4.425   1.00 28.50 ? 114 HOH B O   1 
HETATM 1037 O O   . HOH D 2 .  ? -9.113  5.254   -3.858  1.00 42.19 ? 115 HOH B O   1 
HETATM 1038 O O   . HOH D 2 .  ? -17.956 -4.566  -8.103  1.00 33.34 ? 116 HOH B O   1 
HETATM 1039 O O   . HOH D 2 .  ? -9.105  2.221   -10.600 1.00 25.29 ? 117 HOH B O   1 
HETATM 1040 O O   . HOH D 2 .  ? -3.925  1.675   -6.059  1.00 20.20 ? 118 HOH B O   1 
HETATM 1041 O O   . HOH D 2 .  ? -12.333 12.754  -4.180  1.00 42.63 ? 119 HOH B O   1 
HETATM 1042 O O   . HOH D 2 .  ? -11.514 11.271  -1.710  1.00 44.60 ? 120 HOH B O   1 
HETATM 1043 O O   . HOH D 2 .  ? 7.146   -6.235  -12.021 1.00 33.15 ? 123 HOH B O   1 
HETATM 1044 O O   . HOH D 2 .  ? -11.439 2.752   0.381   1.00 39.28 ? 126 HOH B O   1 
HETATM 1045 O O   . HOH D 2 .  ? 6.922   -1.225  -13.077 1.00 34.51 ? 128 HOH B O   1 
HETATM 1046 O O   . HOH D 2 .  ? -5.764  2.982   4.794   1.00 24.14 ? 129 HOH B O   1 
HETATM 1047 O O   . HOH D 2 .  ? -9.787  11.037  -4.451  1.00 44.49 ? 135 HOH B O   1 
# 
